data_5FL0
#
_entry.id   5FL0
#
_cell.length_a   51.529
_cell.length_b   162.129
_cell.length_c   223.643
_cell.angle_alpha   90.00
_cell.angle_beta   90.00
_cell.angle_gamma   90.00
#
_symmetry.space_group_name_H-M   'P 2 21 21'
#
loop_
_entity.id
_entity.type
_entity.pdbx_description
1 polymer 'O-GLCNACASE BT_4395'
2 non-polymer 1,2-ETHANEDIOL
3 non-polymer '(3~{a}~{R},5~{R},6~{S},7~{R},7~{a}~{R})-2-(butylamino)-5-(hydroxymethyl)-5,6,7,7~{a}-tetrahydro-3~{a}~{H}-pyrano[3,2-d] [1,3]thiazole-6,7-diol'
4 non-polymer 'CALCIUM ION'
5 water water
#
_entity_poly.entity_id   1
_entity_poly.type   'polypeptide(L)'
_entity_poly.pdbx_seq_one_letter_code
;QNVSLQPPPQQLIVQNKTIDLPAVYQLNGGEEANPHAVKVLKELLSGKQSSKKGMLISIGEKGDKSVRKYSRQIPDHKEG
YYLSVNEKEIVLAGNDERGTYYALQTFAQLLKDGKLPEVEIKDYPSVRYRGVVEGFYGTPWSHQARLSQLKFYGKNKMNT
YIYGPKDDPYHSAPNWRLPYPDKEAAQLQELVAVANENEVDFVWAIHPGQDIKWNKEDRDLLLAKFEKMYQLGVRSFAVF
FDDISGEGTNPQKQAELLNYIDEKFAQVKPDINQLVMCPTEYNKSWSNPNGNYLTTLGDKLNPSIQIMWTGDRVISDITR
DGISWINERIKRPAYIWWNFPVSDYVRDHLLLGPVYGNDTTIAKEMSGFVTNPMEHAESSKIAIYSVASYAWNPAKYDTW
QTWKDAIRTILPSAAEELECFAMHNSDLGPNGHGYRREESMDIQPAAERFLKAFKEGKNYDKADFETLQYTFERMKESAD
ILLMNTENKPLIVEITPWVHQFKLTAEMGEEVLKMVEGRNESYFLRKYNHVKALQQQMFYIDQTSNQNPYQPGVKTATRV
IKPLIDRTFATVVKFFNQKFNAHLDATTDYMPHKMISNVEQIKNLPLQVKANRVLISPANEVVKWAAGNSVEIELDAIYP
GENIQINFGKDAPCTWGRLEISTDGKEWKTVDLKQKESRLSAGLQKAPVKFVRFTNVSDEEQQVYLRQFVLTIEKK
;
_entity_poly.pdbx_strand_id   A,B
#
loop_
_chem_comp.id
_chem_comp.type
_chem_comp.name
_chem_comp.formula
71I non-polymer '(3~{a}~{R},5~{R},6~{S},7~{R},7~{a}~{R})-2-(butylamino)-5-(hydroxymethyl)-5,6,7,7~{a}-tetrahydro-3~{a}~{H}-pyrano[3,2-d] [1,3]thiazole-6,7-diol' 'C11 H20 N2 O4 S'
CA non-polymer 'CALCIUM ION' 'Ca 2'
EDO non-polymer 1,2-ETHANEDIOL 'C2 H6 O2'
#
# COMPACT_ATOMS: atom_id res chain seq x y z
N SER A 4 -6.61 31.83 20.64
CA SER A 4 -5.30 32.33 20.27
C SER A 4 -5.33 33.06 18.93
N LEU A 5 -5.48 34.37 18.98
CA LEU A 5 -5.47 35.18 17.76
C LEU A 5 -4.14 35.07 17.05
N GLN A 6 -4.20 34.78 15.75
CA GLN A 6 -3.00 34.64 14.94
C GLN A 6 -3.19 35.37 13.62
N PRO A 7 -2.27 36.29 13.28
CA PRO A 7 -1.16 36.77 14.10
C PRO A 7 -1.67 37.53 15.34
N PRO A 8 -0.86 37.57 16.40
CA PRO A 8 -1.26 38.32 17.60
C PRO A 8 -1.30 39.81 17.31
N PRO A 9 -2.39 40.50 17.64
CA PRO A 9 -2.46 41.94 17.36
C PRO A 9 -1.47 42.74 18.20
N GLN A 10 -1.10 43.91 17.67
CA GLN A 10 -0.13 44.78 18.34
C GLN A 10 -0.62 45.19 19.72
N GLN A 11 -1.90 45.57 19.83
CA GLN A 11 -2.49 46.08 21.06
C GLN A 11 -3.84 45.43 21.27
N LEU A 12 -4.07 44.91 22.47
CA LEU A 12 -5.27 44.14 22.77
C LEU A 12 -5.66 44.41 24.22
N ILE A 13 -6.96 44.67 24.44
CA ILE A 13 -7.53 44.85 25.79
C ILE A 13 -8.84 44.06 25.81
N VAL A 14 -8.88 43.00 26.64
CA VAL A 14 -10.05 42.13 26.75
C VAL A 14 -10.70 42.34 28.11
N GLN A 15 -12.03 42.34 28.11
CA GLN A 15 -12.83 42.40 29.33
C GLN A 15 -13.55 41.08 29.53
N ASN A 16 -13.87 40.77 30.78
CA ASN A 16 -14.49 39.49 31.14
C ASN A 16 -16.01 39.54 30.92
N LYS A 17 -16.39 39.90 29.70
CA LYS A 17 -17.79 39.97 29.30
C LYS A 17 -17.93 39.45 27.88
N THR A 18 -19.03 38.74 27.61
CA THR A 18 -19.26 38.12 26.31
C THR A 18 -20.54 38.67 25.70
N ILE A 19 -20.51 38.91 24.39
CA ILE A 19 -21.62 39.46 23.62
C ILE A 19 -22.11 38.39 22.67
N ASP A 20 -23.42 38.27 22.53
CA ASP A 20 -24.00 37.37 21.55
C ASP A 20 -24.01 38.04 20.17
N LEU A 21 -23.64 37.27 19.15
CA LEU A 21 -23.71 37.77 17.79
C LEU A 21 -25.15 38.16 17.49
N PRO A 22 -25.43 39.46 17.34
CA PRO A 22 -26.83 39.92 17.37
C PRO A 22 -27.71 39.23 16.33
N ALA A 23 -28.86 38.73 16.79
CA ALA A 23 -29.86 38.19 15.88
C ALA A 23 -30.43 39.28 14.98
N VAL A 24 -30.49 40.51 15.49
CA VAL A 24 -30.94 41.68 14.73
C VAL A 24 -29.86 42.74 14.83
N TYR A 25 -29.37 43.20 13.66
CA TYR A 25 -28.29 44.17 13.61
C TYR A 25 -28.56 45.19 12.52
N GLN A 26 -27.87 46.32 12.60
CA GLN A 26 -27.95 47.39 11.61
C GLN A 26 -26.55 47.65 11.08
N LEU A 27 -26.33 47.38 9.80
CA LEU A 27 -25.02 47.51 9.19
C LEU A 27 -24.81 48.94 8.73
N ASN A 28 -23.71 49.53 9.15
CA ASN A 28 -23.36 50.91 8.81
C ASN A 28 -22.10 50.89 7.96
N GLY A 29 -22.22 51.35 6.71
CA GLY A 29 -21.09 51.47 5.82
C GLY A 29 -20.83 50.28 4.93
N GLY A 30 -21.83 49.41 4.74
CA GLY A 30 -21.63 48.24 3.91
C GLY A 30 -21.43 48.58 2.45
N GLU A 31 -21.97 49.71 2.00
CA GLU A 31 -21.90 50.10 0.60
C GLU A 31 -20.55 50.70 0.21
N GLU A 32 -19.81 51.24 1.18
CA GLU A 32 -18.58 51.97 0.90
C GLU A 32 -17.32 51.25 1.38
N ALA A 33 -17.46 50.21 2.19
CA ALA A 33 -16.30 49.50 2.72
C ALA A 33 -15.79 48.49 1.70
N ASN A 34 -14.56 48.02 1.93
CA ASN A 34 -13.91 47.02 1.09
C ASN A 34 -14.88 45.88 0.81
N PRO A 35 -15.29 45.68 -0.44
CA PRO A 35 -16.23 44.57 -0.74
C PRO A 35 -15.76 43.21 -0.25
N HIS A 36 -14.48 42.88 -0.37
CA HIS A 36 -13.99 41.60 0.14
C HIS A 36 -14.21 41.51 1.65
N ALA A 37 -14.06 42.64 2.35
CA ALA A 37 -14.35 42.65 3.78
C ALA A 37 -15.85 42.47 4.03
N VAL A 38 -16.67 43.28 3.36
CA VAL A 38 -18.12 43.18 3.52
C VAL A 38 -18.60 41.75 3.25
N LYS A 39 -18.05 41.11 2.21
CA LYS A 39 -18.48 39.76 1.88
C LYS A 39 -18.21 38.79 3.02
N VAL A 40 -17.04 38.90 3.66
CA VAL A 40 -16.74 38.06 4.82
C VAL A 40 -17.72 38.34 5.95
N LEU A 41 -18.08 39.62 6.16
CA LEU A 41 -18.95 39.96 7.28
C LEU A 41 -20.35 39.41 7.06
N LYS A 42 -20.88 39.52 5.83
CA LYS A 42 -22.21 39.00 5.57
C LYS A 42 -22.27 37.48 5.69
N GLU A 43 -21.17 36.79 5.37
CA GLU A 43 -21.11 35.35 5.58
C GLU A 43 -21.21 35.00 7.06
N LEU A 44 -20.58 35.80 7.93
CA LEU A 44 -20.63 35.53 9.36
C LEU A 44 -22.00 35.84 9.95
N LEU A 45 -22.81 36.68 9.30
CA LEU A 45 -24.13 37.05 9.78
C LEU A 45 -25.25 36.37 9.00
N SER A 46 -24.95 35.19 8.42
CA SER A 46 -25.85 34.57 7.45
C SER A 46 -27.19 34.19 8.06
N GLY A 47 -27.19 33.66 9.28
CA GLY A 47 -28.42 33.24 9.92
C GLY A 47 -29.19 34.32 10.64
N LYS A 48 -28.66 35.54 10.69
CA LYS A 48 -29.26 36.64 11.43
C LYS A 48 -29.87 37.65 10.46
N GLN A 49 -30.83 38.42 10.98
CA GLN A 49 -31.60 39.35 10.16
C GLN A 49 -31.13 40.79 10.38
N SER A 50 -31.15 41.55 9.30
CA SER A 50 -30.67 42.94 9.30
C SER A 50 -31.87 43.88 9.20
N SER A 51 -32.27 44.45 10.31
CA SER A 51 -33.31 45.46 10.36
C SER A 51 -32.69 46.83 10.67
N LYS A 52 -33.54 47.85 10.67
CA LYS A 52 -33.08 49.19 11.00
C LYS A 52 -32.76 49.33 12.48
N LYS A 53 -33.38 48.51 13.32
CA LYS A 53 -33.07 48.47 14.75
C LYS A 53 -31.93 47.47 14.97
N GLY A 54 -31.72 47.05 16.22
CA GLY A 54 -30.72 46.07 16.52
C GLY A 54 -29.33 46.66 16.58
N MET A 55 -28.39 45.79 16.95
CA MET A 55 -27.04 46.22 17.28
C MET A 55 -26.36 46.88 16.07
N LEU A 56 -25.69 48.00 16.33
CA LEU A 56 -24.97 48.71 15.28
C LEU A 56 -23.65 48.01 14.95
N ILE A 57 -23.35 47.94 13.65
CA ILE A 57 -22.11 47.35 13.15
C ILE A 57 -21.56 48.30 12.11
N SER A 58 -20.47 48.99 12.46
CA SER A 58 -19.87 50.02 11.60
C SER A 58 -18.62 49.47 10.93
N ILE A 59 -18.65 49.35 9.60
CA ILE A 59 -17.51 48.89 8.82
C ILE A 59 -17.17 49.92 7.75
N GLY A 60 -15.89 50.15 7.54
CA GLY A 60 -15.44 51.13 6.57
C GLY A 60 -13.99 51.50 6.78
N GLU A 61 -13.48 52.24 5.82
CA GLU A 61 -12.09 52.70 5.84
C GLU A 61 -12.03 54.13 6.38
N LYS A 62 -10.87 54.48 6.93
CA LYS A 62 -10.66 55.82 7.46
C LYS A 62 -10.97 56.85 6.39
N GLY A 63 -11.85 57.80 6.73
CA GLY A 63 -12.37 58.78 5.81
C GLY A 63 -13.82 58.53 5.42
N ASP A 64 -14.25 57.27 5.47
CA ASP A 64 -15.64 56.94 5.22
C ASP A 64 -16.53 57.51 6.32
N LYS A 65 -17.78 57.83 5.96
CA LYS A 65 -18.74 58.32 6.93
C LYS A 65 -18.95 57.33 8.06
N SER A 66 -18.86 56.03 7.76
CA SER A 66 -19.29 55.02 8.72
C SER A 66 -18.39 54.96 9.95
N VAL A 67 -17.13 55.40 9.84
CA VAL A 67 -16.16 55.22 10.90
C VAL A 67 -15.51 56.55 11.28
N ARG A 68 -16.19 57.67 10.96
CA ARG A 68 -15.64 58.98 11.27
C ARG A 68 -15.50 59.20 12.78
N LYS A 69 -16.34 58.56 13.59
CA LYS A 69 -16.23 58.67 15.04
C LYS A 69 -14.87 58.21 15.54
N TYR A 70 -14.42 57.05 15.06
CA TYR A 70 -13.28 56.35 15.62
C TYR A 70 -11.99 56.68 14.89
N SER A 71 -11.94 57.82 14.21
CA SER A 71 -10.80 58.11 13.34
C SER A 71 -9.50 58.19 14.12
N ARG A 72 -9.54 58.67 15.36
CA ARG A 72 -8.33 58.77 16.15
C ARG A 72 -7.94 57.46 16.83
N GLN A 73 -8.80 56.44 16.82
CA GLN A 73 -8.42 55.12 17.28
C GLN A 73 -7.75 54.27 16.18
N ILE A 74 -7.99 54.58 14.91
CA ILE A 74 -7.47 53.80 13.79
C ILE A 74 -5.96 54.04 13.66
N PRO A 75 -5.13 53.01 13.76
CA PRO A 75 -3.68 53.24 13.63
C PRO A 75 -3.33 53.83 12.28
N ASP A 76 -2.37 54.76 12.27
CA ASP A 76 -1.91 55.40 11.03
C ASP A 76 -0.72 54.63 10.47
N HIS A 77 -1.00 53.39 10.10
CA HIS A 77 -0.06 52.51 9.41
C HIS A 77 -0.81 51.84 8.27
N LYS A 78 -0.11 51.58 7.18
CA LYS A 78 -0.69 50.79 6.11
C LYS A 78 -1.13 49.42 6.64
N GLU A 79 -2.31 48.98 6.19
CA GLU A 79 -2.94 47.73 6.59
C GLU A 79 -3.34 47.73 8.06
N GLY A 80 -3.28 48.86 8.74
CA GLY A 80 -3.74 48.93 10.12
C GLY A 80 -5.25 48.91 10.23
N TYR A 81 -5.73 48.64 11.45
CA TYR A 81 -7.16 48.66 11.70
C TYR A 81 -7.45 48.79 13.19
N TYR A 82 -8.67 49.26 13.47
CA TYR A 82 -9.23 49.35 14.79
C TYR A 82 -10.45 48.47 14.85
N LEU A 83 -10.53 47.62 15.87
CA LEU A 83 -11.65 46.72 16.08
C LEU A 83 -12.13 46.91 17.51
N SER A 84 -13.45 47.02 17.69
CA SER A 84 -14.04 47.13 19.01
C SER A 84 -15.35 46.35 19.05
N VAL A 85 -15.57 45.65 20.16
CA VAL A 85 -16.84 44.98 20.46
C VAL A 85 -17.24 45.34 21.88
N ASN A 86 -18.45 45.88 22.04
CA ASN A 86 -19.06 46.03 23.36
C ASN A 86 -20.55 45.74 23.22
N GLU A 87 -21.29 45.88 24.31
CA GLU A 87 -22.70 45.50 24.32
C GLU A 87 -23.56 46.38 23.42
N LYS A 88 -23.03 47.51 22.94
CA LYS A 88 -23.82 48.47 22.19
C LYS A 88 -23.54 48.48 20.69
N GLU A 89 -22.32 48.16 20.27
CA GLU A 89 -21.94 48.34 18.88
C GLU A 89 -20.67 47.57 18.58
N ILE A 90 -20.50 47.26 17.29
CA ILE A 90 -19.29 46.65 16.75
C ILE A 90 -18.68 47.61 15.74
N VAL A 91 -17.37 47.81 15.83
CA VAL A 91 -16.63 48.68 14.91
C VAL A 91 -15.56 47.84 14.23
N LEU A 92 -15.49 47.94 12.90
CA LEU A 92 -14.49 47.27 12.07
C LEU A 92 -13.97 48.35 11.11
N ALA A 93 -12.87 49.01 11.48
CA ALA A 93 -12.42 50.21 10.79
C ALA A 93 -10.95 50.04 10.39
N GLY A 94 -10.70 49.99 9.09
CA GLY A 94 -9.35 49.91 8.59
C GLY A 94 -8.76 51.28 8.29
N ASN A 95 -7.44 51.36 8.37
CA ASN A 95 -6.77 52.55 7.86
C ASN A 95 -6.86 52.60 6.34
N ASP A 96 -7.07 51.45 5.70
CA ASP A 96 -7.25 51.34 4.26
C ASP A 96 -8.09 50.09 4.00
N GLU A 97 -8.29 49.76 2.72
CA GLU A 97 -9.21 48.68 2.39
C GLU A 97 -8.66 47.34 2.86
N ARG A 98 -7.34 47.17 2.80
CA ARG A 98 -6.78 45.92 3.27
C ARG A 98 -6.81 45.83 4.79
N GLY A 99 -6.75 46.98 5.47
CA GLY A 99 -6.90 46.99 6.91
C GLY A 99 -8.27 46.54 7.34
N THR A 100 -9.31 46.97 6.63
CA THR A 100 -10.67 46.56 6.97
C THR A 100 -10.83 45.06 6.80
N TYR A 101 -10.24 44.51 5.74
CA TYR A 101 -10.26 43.08 5.50
C TYR A 101 -9.54 42.34 6.63
N TYR A 102 -8.41 42.89 7.09
CA TYR A 102 -7.68 42.27 8.18
C TYR A 102 -8.42 42.39 9.51
N ALA A 103 -9.22 43.45 9.69
CA ALA A 103 -10.06 43.52 10.87
C ALA A 103 -11.08 42.40 10.88
N LEU A 104 -11.59 42.04 9.71
CA LEU A 104 -12.57 40.96 9.66
C LEU A 104 -11.94 39.59 9.78
N GLN A 105 -10.66 39.46 9.43
CA GLN A 105 -9.98 38.19 9.65
C GLN A 105 -9.74 37.97 11.14
N THR A 106 -9.45 39.03 11.88
CA THR A 106 -9.41 38.95 13.34
C THR A 106 -10.80 38.73 13.92
N PHE A 107 -11.78 39.48 13.42
CA PHE A 107 -13.16 39.34 13.90
C PHE A 107 -13.63 37.89 13.79
N ALA A 108 -13.27 37.21 12.70
CA ALA A 108 -13.71 35.83 12.48
C ALA A 108 -13.14 34.88 13.54
N GLN A 109 -11.92 35.16 14.02
CA GLN A 109 -11.33 34.32 15.07
C GLN A 109 -11.97 34.56 16.42
N LEU A 110 -12.44 35.78 16.67
CA LEU A 110 -13.09 36.14 17.93
C LEU A 110 -14.48 35.51 18.06
N LEU A 111 -15.09 35.08 16.97
CA LEU A 111 -16.44 34.54 16.98
C LEU A 111 -16.36 33.06 17.38
N LYS A 112 -16.69 32.78 18.63
CA LYS A 112 -16.66 31.42 19.19
C LYS A 112 -18.04 31.06 19.70
N ASP A 113 -18.70 30.11 19.02
CA ASP A 113 -19.98 29.56 19.45
C ASP A 113 -21.09 30.59 19.38
N GLY A 114 -20.98 31.55 18.45
CA GLY A 114 -21.93 32.63 18.35
C GLY A 114 -21.75 33.74 19.36
N LYS A 115 -20.74 33.65 20.23
CA LYS A 115 -20.43 34.68 21.22
C LYS A 115 -19.15 35.41 20.81
N LEU A 116 -19.00 36.62 21.35
CA LEU A 116 -17.85 37.47 21.08
C LEU A 116 -17.31 38.06 22.38
N PRO A 117 -15.99 38.12 22.55
CA PRO A 117 -15.44 38.80 23.72
C PRO A 117 -15.55 40.32 23.59
N GLU A 118 -15.85 40.97 24.70
CA GLU A 118 -15.79 42.43 24.76
C GLU A 118 -14.33 42.86 24.68
N VAL A 119 -13.92 43.42 23.54
CA VAL A 119 -12.51 43.60 23.24
C VAL A 119 -12.30 44.90 22.47
N GLU A 120 -11.12 45.50 22.65
CA GLU A 120 -10.65 46.62 21.85
C GLU A 120 -9.28 46.27 21.31
N ILE A 121 -9.07 46.49 20.01
CA ILE A 121 -7.86 46.04 19.31
C ILE A 121 -7.39 47.16 18.40
N LYS A 122 -6.10 47.53 18.53
CA LYS A 122 -5.40 48.39 17.59
C LYS A 122 -4.22 47.61 17.05
N ASP A 123 -4.17 47.45 15.71
CA ASP A 123 -3.31 46.45 15.10
C ASP A 123 -2.77 46.97 13.76
N TYR A 124 -1.68 46.38 13.34
CA TYR A 124 -0.98 46.72 12.09
C TYR A 124 0.23 45.83 12.00
N PRO A 125 0.81 45.64 10.80
CA PRO A 125 1.98 44.78 10.66
C PRO A 125 3.28 45.51 10.93
N SER A 126 4.24 44.80 11.51
CA SER A 126 5.57 45.37 11.71
C SER A 126 6.43 45.30 10.45
N VAL A 127 6.12 44.38 9.54
CA VAL A 127 6.84 44.21 8.28
C VAL A 127 5.86 44.47 7.13
N ARG A 128 6.29 45.28 6.16
CA ARG A 128 5.38 45.77 5.13
C ARG A 128 4.92 44.65 4.19
N TYR A 129 5.83 43.81 3.72
CA TYR A 129 5.48 42.71 2.83
C TYR A 129 5.77 41.36 3.49
N ARG A 130 4.75 40.51 3.51
CA ARG A 130 4.78 39.24 4.25
C ARG A 130 4.14 38.18 3.40
N GLY A 131 4.84 37.08 3.17
CA GLY A 131 4.20 36.01 2.44
C GLY A 131 5.10 34.87 2.01
N VAL A 132 4.86 34.38 0.81
CA VAL A 132 5.44 33.14 0.31
C VAL A 132 5.99 33.37 -1.09
N VAL A 133 7.16 32.79 -1.36
CA VAL A 133 7.70 32.73 -2.71
C VAL A 133 7.75 31.27 -3.11
N GLU A 134 6.97 30.90 -4.11
CA GLU A 134 7.06 29.58 -4.74
C GLU A 134 8.30 29.62 -5.62
N GLY A 135 9.46 29.41 -4.98
CA GLY A 135 10.74 29.63 -5.62
C GLY A 135 11.67 28.42 -5.63
N PHE A 136 11.12 27.22 -5.41
CA PHE A 136 11.89 26.01 -5.25
C PHE A 136 12.09 25.25 -6.56
N TYR A 137 13.10 24.36 -6.57
CA TYR A 137 13.23 23.33 -7.57
C TYR A 137 12.34 22.15 -7.23
N GLY A 138 11.71 21.55 -8.26
CA GLY A 138 10.85 20.40 -8.11
C GLY A 138 9.53 20.64 -8.81
N THR A 139 8.60 19.73 -8.59
CA THR A 139 7.28 19.83 -9.20
C THR A 139 6.56 21.07 -8.68
N PRO A 140 6.24 22.04 -9.56
CA PRO A 140 5.50 23.23 -9.09
C PRO A 140 4.18 22.84 -8.45
N TRP A 141 3.73 23.67 -7.51
CA TRP A 141 2.42 23.50 -6.90
C TRP A 141 1.36 23.38 -7.98
N SER A 142 0.42 22.46 -7.77
CA SER A 142 -0.72 22.35 -8.63
C SER A 142 -1.60 23.59 -8.51
N HIS A 143 -2.47 23.75 -9.52
CA HIS A 143 -3.38 24.89 -9.53
C HIS A 143 -4.30 24.87 -8.32
N GLN A 144 -4.86 23.69 -8.00
CA GLN A 144 -5.73 23.58 -6.83
C GLN A 144 -4.97 23.87 -5.55
N ALA A 145 -3.70 23.45 -5.48
CA ALA A 145 -2.89 23.78 -4.31
C ALA A 145 -2.75 25.30 -4.17
N ARG A 146 -2.47 25.99 -5.28
CA ARG A 146 -2.23 27.43 -5.23
C ARG A 146 -3.48 28.20 -4.81
N LEU A 147 -4.63 27.79 -5.33
CA LEU A 147 -5.90 28.36 -4.89
C LEU A 147 -6.08 28.22 -3.39
N SER A 148 -5.81 27.02 -2.86
CA SER A 148 -5.92 26.82 -1.42
C SER A 148 -4.93 27.71 -0.67
N GLN A 149 -3.72 27.85 -1.21
CA GLN A 149 -2.71 28.69 -0.58
C GLN A 149 -3.20 30.14 -0.45
N LEU A 150 -3.79 30.69 -1.51
CA LEU A 150 -4.14 32.11 -1.51
C LEU A 150 -5.22 32.41 -0.47
N LYS A 151 -6.17 31.51 -0.28
CA LYS A 151 -7.17 31.71 0.76
C LYS A 151 -6.53 31.64 2.14
N PHE A 152 -5.55 30.73 2.31
CA PHE A 152 -4.80 30.63 3.56
C PHE A 152 -4.03 31.92 3.86
N TYR A 153 -3.48 32.58 2.83
CA TYR A 153 -2.73 33.80 3.05
C TYR A 153 -3.64 34.92 3.52
N GLY A 154 -4.79 35.08 2.87
CA GLY A 154 -5.74 36.11 3.29
C GLY A 154 -6.16 35.92 4.73
N LYS A 155 -6.36 34.66 5.14
CA LYS A 155 -6.79 34.41 6.51
C LYS A 155 -5.70 34.79 7.52
N ASN A 156 -4.44 34.72 7.11
CA ASN A 156 -3.32 34.96 8.02
C ASN A 156 -2.61 36.27 7.74
N LYS A 157 -3.23 37.15 6.95
CA LYS A 157 -2.74 38.51 6.75
C LYS A 157 -1.40 38.53 6.03
N MET A 158 -1.12 37.50 5.22
CA MET A 158 0.00 37.54 4.30
C MET A 158 -0.47 38.20 3.02
N ASN A 159 0.21 39.27 2.61
CA ASN A 159 -0.19 40.08 1.47
C ASN A 159 0.69 39.87 0.23
N THR A 160 1.58 38.87 0.23
CA THR A 160 2.49 38.70 -0.91
C THR A 160 2.62 37.23 -1.31
N TYR A 161 2.46 36.97 -2.61
CA TYR A 161 2.72 35.65 -3.18
C TYR A 161 3.58 35.86 -4.42
N ILE A 162 4.84 35.45 -4.35
CA ILE A 162 5.79 35.60 -5.45
C ILE A 162 5.86 34.26 -6.19
N TYR A 163 5.34 34.26 -7.40
CA TYR A 163 5.31 33.10 -8.27
C TYR A 163 6.64 32.98 -9.00
N GLY A 164 7.41 31.93 -8.71
CA GLY A 164 8.68 31.73 -9.39
C GLY A 164 9.23 30.31 -9.33
N PRO A 165 8.40 29.31 -9.66
CA PRO A 165 8.90 27.91 -9.63
C PRO A 165 10.03 27.72 -10.62
N LYS A 166 11.18 27.26 -10.11
CA LYS A 166 12.37 27.10 -10.95
C LYS A 166 12.11 26.22 -12.16
N ASP A 167 11.20 25.27 -12.07
CA ASP A 167 10.99 24.31 -13.15
C ASP A 167 9.76 24.63 -14.02
N ASP A 168 9.15 25.81 -13.86
CA ASP A 168 8.16 26.28 -14.83
C ASP A 168 8.91 26.79 -16.05
N PRO A 169 8.73 26.20 -17.24
CA PRO A 169 9.56 26.58 -18.39
C PRO A 169 9.26 27.97 -18.94
N TYR A 170 8.09 28.54 -18.67
CA TYR A 170 7.78 29.90 -19.08
C TYR A 170 8.21 30.94 -18.05
N HIS A 171 8.80 30.48 -16.95
CA HIS A 171 9.42 31.34 -15.96
C HIS A 171 10.91 31.48 -16.17
N SER A 172 11.59 30.40 -16.57
CA SER A 172 13.04 30.37 -16.62
C SER A 172 13.50 30.14 -18.07
N ALA A 173 14.78 29.87 -18.24
CA ALA A 173 15.38 29.77 -19.56
C ALA A 173 15.05 28.44 -20.21
N PRO A 174 14.87 28.41 -21.56
CA PRO A 174 14.88 29.56 -22.48
C PRO A 174 13.50 30.17 -22.77
N ASN A 175 12.43 29.53 -22.29
CA ASN A 175 11.09 29.91 -22.72
C ASN A 175 10.47 30.99 -21.85
N TRP A 176 11.25 31.64 -20.98
CA TRP A 176 10.79 32.89 -20.39
C TRP A 176 10.42 33.90 -21.46
N ARG A 177 10.95 33.73 -22.69
CA ARG A 177 10.65 34.61 -23.80
C ARG A 177 9.26 34.38 -24.39
N LEU A 178 8.62 33.24 -24.07
CA LEU A 178 7.36 32.85 -24.70
C LEU A 178 6.20 33.15 -23.80
N PRO A 179 5.07 33.61 -24.32
CA PRO A 179 3.90 33.77 -23.46
C PRO A 179 3.37 32.40 -23.07
N TYR A 180 2.68 32.37 -21.93
CA TYR A 180 2.07 31.14 -21.48
C TYR A 180 1.05 30.68 -22.50
N PRO A 181 0.93 29.37 -22.74
CA PRO A 181 -0.19 28.89 -23.56
C PRO A 181 -1.51 29.21 -22.91
N ASP A 182 -2.58 29.05 -23.69
CA ASP A 182 -3.89 29.56 -23.27
C ASP A 182 -4.37 28.91 -21.99
N LYS A 183 -4.17 27.59 -21.84
CA LYS A 183 -4.62 26.89 -20.63
C LYS A 183 -3.94 27.45 -19.40
N GLU A 184 -2.61 27.48 -19.41
CA GLU A 184 -1.86 28.01 -18.28
C GLU A 184 -2.22 29.48 -18.04
N ALA A 185 -2.39 30.25 -19.10
CA ALA A 185 -2.69 31.67 -18.97
C ALA A 185 -4.03 31.89 -18.27
N ALA A 186 -5.05 31.11 -18.65
CA ALA A 186 -6.34 31.20 -17.98
C ALA A 186 -6.23 30.83 -16.50
N GLN A 187 -5.40 29.84 -16.17
CA GLN A 187 -5.19 29.48 -14.77
C GLN A 187 -4.55 30.62 -14.01
N LEU A 188 -3.51 31.24 -14.57
CA LEU A 188 -2.86 32.36 -13.91
C LEU A 188 -3.84 33.52 -13.73
N GLN A 189 -4.67 33.76 -14.75
CA GLN A 189 -5.72 34.77 -14.64
C GLN A 189 -6.64 34.49 -13.46
N GLU A 190 -7.05 33.23 -13.29
CA GLU A 190 -7.86 32.88 -12.13
C GLU A 190 -7.08 33.09 -10.84
N LEU A 191 -5.81 32.70 -10.82
CA LEU A 191 -5.00 32.88 -9.61
C LEU A 191 -4.93 34.35 -9.21
N VAL A 192 -4.72 35.23 -10.18
CA VAL A 192 -4.64 36.66 -9.88
C VAL A 192 -5.96 37.15 -9.29
N ALA A 193 -7.10 36.71 -9.84
CA ALA A 193 -8.38 37.15 -9.31
C ALA A 193 -8.60 36.66 -7.89
N VAL A 194 -8.30 35.39 -7.64
CA VAL A 194 -8.46 34.85 -6.29
C VAL A 194 -7.51 35.55 -5.32
N ALA A 195 -6.30 35.89 -5.79
CA ALA A 195 -5.39 36.68 -4.96
C ALA A 195 -6.00 38.02 -4.60
N ASN A 196 -6.58 38.72 -5.59
CA ASN A 196 -7.22 40.00 -5.32
C ASN A 196 -8.32 39.87 -4.27
N GLU A 197 -9.15 38.83 -4.38
CA GLU A 197 -10.25 38.64 -3.43
C GLU A 197 -9.77 38.33 -2.01
N ASN A 198 -8.53 37.87 -1.85
CA ASN A 198 -7.95 37.54 -0.56
C ASN A 198 -6.91 38.56 -0.12
N GLU A 199 -6.80 39.67 -0.84
CA GLU A 199 -5.95 40.80 -0.48
C GLU A 199 -4.47 40.43 -0.54
N VAL A 200 -4.09 39.67 -1.56
CA VAL A 200 -2.72 39.22 -1.78
C VAL A 200 -2.19 39.82 -3.08
N ASP A 201 -1.01 40.46 -3.00
CA ASP A 201 -0.26 40.84 -4.20
C ASP A 201 0.31 39.60 -4.87
N PHE A 202 -0.18 39.29 -6.08
CA PHE A 202 0.42 38.26 -6.92
C PHE A 202 1.60 38.87 -7.65
N VAL A 203 2.81 38.48 -7.28
CA VAL A 203 4.05 38.93 -7.92
C VAL A 203 4.49 37.84 -8.91
N TRP A 204 4.46 38.14 -10.22
CA TRP A 204 4.96 37.19 -11.21
C TRP A 204 6.43 37.48 -11.47
N ALA A 205 7.28 36.49 -11.24
CA ALA A 205 8.72 36.63 -11.42
C ALA A 205 9.16 35.98 -12.73
N ILE A 206 10.27 36.48 -13.26
CA ILE A 206 10.92 35.95 -14.45
C ILE A 206 12.37 35.71 -14.10
N HIS A 207 12.96 34.67 -14.71
CA HIS A 207 14.28 34.15 -14.37
C HIS A 207 15.09 34.02 -15.66
N PRO A 208 15.49 35.14 -16.26
CA PRO A 208 16.08 35.14 -17.61
C PRO A 208 17.59 35.06 -17.63
N GLY A 209 18.24 34.93 -16.47
CA GLY A 209 19.65 35.25 -16.41
C GLY A 209 20.56 34.28 -17.13
N GLN A 210 20.17 33.00 -17.22
CA GLN A 210 21.15 32.02 -17.68
C GLN A 210 21.51 32.21 -19.14
N ASP A 211 20.57 32.70 -19.97
CA ASP A 211 20.84 32.93 -21.39
C ASP A 211 20.46 34.33 -21.87
N ILE A 212 20.26 35.30 -20.98
CA ILE A 212 19.90 36.64 -21.45
C ILE A 212 21.05 37.20 -22.25
N LYS A 213 20.74 37.88 -23.35
CA LYS A 213 21.71 38.70 -24.06
C LYS A 213 21.45 40.16 -23.70
N TRP A 214 22.50 40.91 -23.40
CA TRP A 214 22.35 42.32 -23.06
C TRP A 214 22.22 43.13 -24.35
N ASN A 215 21.08 42.91 -25.03
CA ASN A 215 20.76 43.63 -26.25
C ASN A 215 19.28 44.04 -26.23
N LYS A 216 18.91 44.82 -27.25
CA LYS A 216 17.53 45.29 -27.40
C LYS A 216 16.56 44.14 -27.54
N GLU A 217 16.96 43.10 -28.26
CA GLU A 217 16.02 42.03 -28.60
C GLU A 217 15.51 41.34 -27.33
N ASP A 218 16.42 40.95 -26.44
CA ASP A 218 16.00 40.26 -25.23
C ASP A 218 15.36 41.21 -24.22
N ARG A 219 15.79 42.47 -24.19
CA ARG A 219 15.12 43.47 -23.35
C ARG A 219 13.65 43.59 -23.77
N ASP A 220 13.42 43.75 -25.08
CA ASP A 220 12.06 43.89 -25.60
C ASP A 220 11.23 42.65 -25.34
N LEU A 221 11.84 41.45 -25.42
CA LEU A 221 11.06 40.24 -25.16
C LEU A 221 10.65 40.15 -23.71
N LEU A 222 11.54 40.53 -22.79
CA LEU A 222 11.17 40.51 -21.38
C LEU A 222 10.02 41.47 -21.11
N LEU A 223 10.07 42.65 -21.71
CA LEU A 223 9.01 43.63 -21.50
C LEU A 223 7.71 43.17 -22.13
N ALA A 224 7.79 42.54 -23.30
CA ALA A 224 6.59 41.99 -23.92
C ALA A 224 5.99 40.89 -23.07
N LYS A 225 6.83 40.06 -22.45
CA LYS A 225 6.31 39.06 -21.52
C LYS A 225 5.62 39.72 -20.32
N PHE A 226 6.26 40.73 -19.73
CA PHE A 226 5.63 41.47 -18.64
C PHE A 226 4.30 42.07 -19.07
N GLU A 227 4.23 42.62 -20.28
CA GLU A 227 2.98 43.16 -20.79
C GLU A 227 1.88 42.10 -20.89
N LYS A 228 2.20 40.89 -21.38
CA LYS A 228 1.19 39.83 -21.40
C LYS A 228 0.71 39.50 -20.00
N MET A 229 1.64 39.34 -19.05
CA MET A 229 1.22 39.04 -17.68
C MET A 229 0.32 40.14 -17.13
N TYR A 230 0.61 41.40 -17.47
CA TYR A 230 -0.24 42.51 -17.05
C TYR A 230 -1.65 42.37 -17.63
N GLN A 231 -1.75 41.99 -18.92
CA GLN A 231 -3.07 41.76 -19.52
C GLN A 231 -3.82 40.64 -18.83
N LEU A 232 -3.12 39.71 -18.17
CA LEU A 232 -3.73 38.67 -17.36
C LEU A 232 -4.11 39.14 -15.96
N GLY A 233 -3.79 40.37 -15.59
CA GLY A 233 -4.16 40.93 -14.30
C GLY A 233 -3.01 41.15 -13.35
N VAL A 234 -1.79 40.70 -13.70
CA VAL A 234 -0.66 40.85 -12.78
C VAL A 234 -0.31 42.32 -12.62
N ARG A 235 -0.06 42.73 -11.36
CA ARG A 235 0.28 44.10 -11.02
C ARG A 235 1.56 44.23 -10.20
N SER A 236 2.26 43.12 -9.91
CA SER A 236 3.57 43.16 -9.28
C SER A 236 4.49 42.20 -10.02
N PHE A 237 5.77 42.56 -10.10
CA PHE A 237 6.72 41.87 -10.97
C PHE A 237 8.07 41.70 -10.29
N ALA A 238 8.79 40.65 -10.68
CA ALA A 238 10.11 40.37 -10.14
C ALA A 238 11.02 39.86 -11.24
N VAL A 239 12.31 40.18 -11.14
CA VAL A 239 13.34 39.63 -12.02
C VAL A 239 14.38 38.94 -11.14
N PHE A 240 14.53 37.64 -11.32
CA PHE A 240 15.46 36.83 -10.54
C PHE A 240 16.76 36.61 -11.32
N PHE A 241 17.90 36.84 -10.66
CA PHE A 241 19.21 36.51 -11.23
C PHE A 241 19.97 35.50 -10.34
N ASP A 242 19.24 34.58 -9.73
CA ASP A 242 19.82 33.64 -8.78
C ASP A 242 20.20 32.33 -9.47
N ASP A 243 21.32 31.75 -9.03
CA ASP A 243 21.75 30.42 -9.48
C ASP A 243 22.02 30.38 -10.98
N ILE A 244 22.80 31.36 -11.46
CA ILE A 244 23.18 31.45 -12.86
C ILE A 244 24.67 31.70 -12.96
N SER A 245 25.21 31.44 -14.15
CA SER A 245 26.57 31.80 -14.50
C SER A 245 26.57 32.56 -15.82
N GLY A 246 27.64 33.30 -16.07
CA GLY A 246 27.85 33.95 -17.34
C GLY A 246 27.52 35.43 -17.31
N GLU A 247 27.31 35.97 -18.52
CA GLU A 247 27.10 37.42 -18.68
C GLU A 247 25.91 37.91 -17.88
N GLY A 248 24.91 37.05 -17.68
CA GLY A 248 23.73 37.41 -16.93
C GLY A 248 23.99 37.84 -15.50
N THR A 249 25.23 37.67 -15.01
CA THR A 249 25.57 38.00 -13.62
C THR A 249 26.10 39.41 -13.48
N ASN A 250 26.06 40.20 -14.54
CA ASN A 250 26.68 41.52 -14.53
C ASN A 250 25.81 42.50 -13.75
N PRO A 251 26.30 43.09 -12.65
CA PRO A 251 25.41 43.88 -11.80
C PRO A 251 24.99 45.19 -12.44
N GLN A 252 25.88 45.85 -13.16
CA GLN A 252 25.50 47.08 -13.85
C GLN A 252 24.41 46.81 -14.89
N LYS A 253 24.54 45.72 -15.67
CA LYS A 253 23.52 45.40 -16.66
C LYS A 253 22.20 45.02 -16.00
N GLN A 254 22.27 44.28 -14.90
CA GLN A 254 21.08 43.94 -14.14
C GLN A 254 20.37 45.20 -13.66
N ALA A 255 21.13 46.14 -13.09
CA ALA A 255 20.51 47.35 -12.57
C ALA A 255 19.93 48.19 -13.71
N GLU A 256 20.65 48.32 -14.81
CA GLU A 256 20.13 49.09 -15.94
C GLU A 256 18.83 48.50 -16.46
N LEU A 257 18.74 47.16 -16.54
CA LEU A 257 17.51 46.51 -16.98
C LEU A 257 16.35 46.78 -16.02
N LEU A 258 16.59 46.61 -14.71
CA LEU A 258 15.52 46.85 -13.74
C LEU A 258 15.06 48.30 -13.76
N ASN A 259 16.01 49.24 -13.88
CA ASN A 259 15.63 50.66 -13.95
C ASN A 259 14.83 50.96 -15.21
N TYR A 260 15.17 50.28 -16.31
CA TYR A 260 14.42 50.46 -17.55
C TYR A 260 12.99 49.94 -17.40
N ILE A 261 12.84 48.73 -16.85
CA ILE A 261 11.52 48.20 -16.52
C ILE A 261 10.77 49.17 -15.61
N ASP A 262 11.47 49.71 -14.61
CA ASP A 262 10.85 50.63 -13.68
C ASP A 262 10.35 51.88 -14.40
N GLU A 263 11.19 52.47 -15.22
CA GLU A 263 10.86 53.78 -15.81
C GLU A 263 9.94 53.66 -17.01
N LYS A 264 10.05 52.60 -17.81
CA LYS A 264 9.25 52.45 -19.02
C LYS A 264 8.01 51.58 -18.87
N PHE A 265 7.83 50.90 -17.73
CA PHE A 265 6.73 49.97 -17.54
C PHE A 265 6.11 50.17 -16.16
N ALA A 266 6.89 49.98 -15.09
CA ALA A 266 6.32 50.04 -13.74
C ALA A 266 5.72 51.41 -13.47
N GLN A 267 6.44 52.47 -13.80
CA GLN A 267 5.95 53.83 -13.53
C GLN A 267 5.04 54.37 -14.62
N VAL A 268 4.95 53.68 -15.77
CA VAL A 268 4.07 54.13 -16.85
C VAL A 268 2.66 53.58 -16.67
N LYS A 269 2.51 52.32 -16.23
CA LYS A 269 1.20 51.83 -15.88
C LYS A 269 0.65 52.64 -14.71
N PRO A 270 -0.67 52.67 -14.54
CA PRO A 270 -1.25 53.42 -13.42
C PRO A 270 -1.22 52.70 -12.07
N ASP A 271 -1.01 51.37 -12.04
CA ASP A 271 -1.46 50.57 -10.89
C ASP A 271 -0.51 49.41 -10.57
N ILE A 272 0.78 49.56 -10.83
CA ILE A 272 1.77 48.55 -10.49
C ILE A 272 2.28 48.81 -9.07
N ASN A 273 2.36 47.73 -8.27
CA ASN A 273 2.73 47.83 -6.85
C ASN A 273 4.20 47.49 -6.63
N GLN A 274 4.51 46.20 -6.45
CA GLN A 274 5.86 45.78 -6.09
C GLN A 274 6.70 45.52 -7.35
N LEU A 275 7.94 46.00 -7.33
CA LEU A 275 8.96 45.60 -8.31
C LEU A 275 10.18 45.12 -7.54
N VAL A 276 10.55 43.85 -7.76
CA VAL A 276 11.49 43.12 -6.94
C VAL A 276 12.55 42.47 -7.81
N MET A 277 13.78 42.40 -7.33
CA MET A 277 14.81 41.62 -8.00
C MET A 277 15.57 40.83 -6.96
N CYS A 278 16.15 39.71 -7.43
N CYS A 278 16.16 39.72 -7.40
CA CYS A 278 17.05 38.87 -6.65
CA CYS A 278 17.05 38.98 -6.51
C CYS A 278 18.44 38.97 -7.21
C CYS A 278 18.42 38.88 -7.16
N PRO A 279 19.47 39.25 -6.42
CA PRO A 279 20.81 39.32 -6.99
C PRO A 279 21.39 37.93 -7.25
N THR A 280 22.53 37.94 -7.97
CA THR A 280 23.31 36.72 -8.15
C THR A 280 24.06 36.35 -6.89
N GLU A 281 24.68 37.34 -6.22
CA GLU A 281 25.29 37.13 -4.90
C GLU A 281 24.24 37.45 -3.85
N TYR A 282 23.49 36.43 -3.44
CA TYR A 282 22.27 36.63 -2.66
C TYR A 282 22.39 36.21 -1.19
N ASN A 283 23.60 35.90 -0.72
CA ASN A 283 23.84 35.67 0.68
C ASN A 283 25.30 36.02 0.94
N LYS A 284 25.62 36.25 2.22
CA LYS A 284 26.93 36.82 2.53
C LYS A 284 28.06 35.90 2.08
N SER A 285 27.90 34.60 2.23
CA SER A 285 28.97 33.68 1.86
C SER A 285 29.23 33.66 0.35
N TRP A 286 28.21 33.92 -0.47
CA TRP A 286 28.41 33.97 -1.91
C TRP A 286 28.84 35.34 -2.40
N SER A 287 28.94 36.32 -1.50
CA SER A 287 29.42 37.64 -1.89
C SER A 287 30.94 37.60 -1.96
N ASN A 288 31.51 38.18 -3.02
CA ASN A 288 32.95 38.13 -3.23
C ASN A 288 33.55 39.46 -2.79
N PRO A 289 34.32 39.51 -1.69
CA PRO A 289 34.92 40.78 -1.27
C PRO A 289 35.96 41.31 -2.23
N ASN A 290 36.52 40.45 -3.11
CA ASN A 290 37.43 40.89 -4.14
C ASN A 290 36.74 41.71 -5.24
N GLY A 291 35.41 41.68 -5.30
CA GLY A 291 34.65 42.44 -6.27
C GLY A 291 33.74 43.47 -5.61
N ASN A 292 32.78 44.00 -6.36
CA ASN A 292 31.95 45.13 -5.91
C ASN A 292 30.50 44.94 -6.32
N TYR A 293 30.00 43.70 -6.26
CA TYR A 293 28.72 43.38 -6.89
C TYR A 293 27.55 44.04 -6.14
N LEU A 294 27.50 43.88 -4.81
CA LEU A 294 26.35 44.33 -4.05
C LEU A 294 26.28 45.86 -4.00
N THR A 295 27.41 46.52 -3.77
CA THR A 295 27.39 47.99 -3.73
C THR A 295 27.05 48.58 -5.10
N THR A 296 27.32 47.86 -6.20
CA THR A 296 26.95 48.35 -7.52
C THR A 296 25.42 48.34 -7.68
N LEU A 297 24.78 47.24 -7.29
CA LEU A 297 23.32 47.19 -7.30
C LEU A 297 22.73 48.21 -6.35
N GLY A 298 23.30 48.31 -5.15
CA GLY A 298 22.80 49.25 -4.16
C GLY A 298 22.78 50.67 -4.68
N ASP A 299 23.87 51.09 -5.33
CA ASP A 299 23.98 52.46 -5.81
C ASP A 299 23.18 52.70 -7.08
N LYS A 300 23.18 51.74 -8.02
CA LYS A 300 22.59 51.98 -9.33
C LYS A 300 21.09 51.70 -9.37
N LEU A 301 20.61 50.71 -8.63
CA LEU A 301 19.21 50.33 -8.71
C LEU A 301 18.32 51.40 -8.08
N ASN A 302 17.28 51.81 -8.81
CA ASN A 302 16.35 52.81 -8.29
C ASN A 302 15.90 52.39 -6.89
N PRO A 303 15.72 53.33 -5.95
CA PRO A 303 15.50 52.95 -4.55
C PRO A 303 14.17 52.27 -4.28
N SER A 304 13.11 52.51 -5.06
CA SER A 304 11.85 51.83 -4.83
C SER A 304 11.91 50.34 -5.16
N ILE A 305 12.95 49.89 -5.84
CA ILE A 305 13.03 48.50 -6.24
C ILE A 305 13.57 47.70 -5.05
N GLN A 306 12.93 46.57 -4.76
CA GLN A 306 13.34 45.69 -3.68
C GLN A 306 14.48 44.78 -4.12
N ILE A 307 15.38 44.47 -3.17
CA ILE A 307 16.50 43.54 -3.39
C ILE A 307 16.38 42.43 -2.37
N MET A 308 16.30 41.19 -2.84
CA MET A 308 16.09 40.08 -1.93
C MET A 308 17.41 39.52 -1.41
N TRP A 309 17.31 38.72 -0.34
CA TRP A 309 18.46 38.28 0.44
C TRP A 309 18.06 37.07 1.27
N THR A 310 18.94 36.05 1.32
CA THR A 310 18.66 34.84 2.09
C THR A 310 19.42 34.77 3.41
N GLY A 311 20.23 35.75 3.72
CA GLY A 311 20.98 35.79 4.96
C GLY A 311 22.47 35.59 4.75
N ASP A 312 23.13 35.08 5.81
CA ASP A 312 24.57 34.86 5.75
C ASP A 312 24.95 33.67 4.87
N ARG A 313 24.01 32.77 4.59
CA ARG A 313 24.27 31.62 3.75
C ARG A 313 23.05 31.36 2.89
N VAL A 314 23.20 30.44 1.94
CA VAL A 314 22.08 30.07 1.07
C VAL A 314 20.88 29.68 1.92
N ILE A 315 21.11 28.83 2.93
CA ILE A 315 20.10 28.45 3.92
C ILE A 315 20.55 29.03 5.25
N SER A 316 19.82 30.01 5.76
CA SER A 316 20.21 30.61 7.04
C SER A 316 19.03 31.36 7.64
N ASP A 317 19.17 31.65 8.92
CA ASP A 317 18.22 32.44 9.66
C ASP A 317 18.74 33.87 9.74
N ILE A 318 17.83 34.83 9.90
CA ILE A 318 18.16 36.25 9.81
C ILE A 318 18.51 36.79 11.19
N THR A 319 19.71 37.36 11.31
CA THR A 319 20.21 37.98 12.53
C THR A 319 20.31 39.50 12.35
N ARG A 320 20.45 40.20 13.49
CA ARG A 320 20.61 41.63 13.45
C ARG A 320 21.91 42.01 12.76
N ASP A 321 23.01 41.31 13.07
CA ASP A 321 24.26 41.65 12.42
C ASP A 321 24.24 41.29 10.95
N GLY A 322 23.51 40.23 10.59
CA GLY A 322 23.43 39.82 9.20
C GLY A 322 22.68 40.81 8.35
N ILE A 323 21.49 41.22 8.80
CA ILE A 323 20.69 42.17 8.02
C ILE A 323 21.35 43.54 8.01
N SER A 324 21.98 43.93 9.10
CA SER A 324 22.77 45.16 9.11
C SER A 324 23.86 45.12 8.05
N TRP A 325 24.48 43.96 7.87
CA TRP A 325 25.55 43.81 6.90
C TRP A 325 25.06 44.05 5.48
N ILE A 326 23.93 43.46 5.10
CA ILE A 326 23.46 43.61 3.73
C ILE A 326 22.89 45.00 3.50
N ASN A 327 22.10 45.50 4.46
CA ASN A 327 21.47 46.82 4.33
C ASN A 327 22.48 47.91 4.04
N GLU A 328 23.65 47.85 4.71
CA GLU A 328 24.68 48.85 4.48
C GLU A 328 25.17 48.85 3.04
N ARG A 329 25.06 47.71 2.36
CA ARG A 329 25.61 47.59 1.01
C ARG A 329 24.58 47.83 -0.09
N ILE A 330 23.32 47.42 0.10
CA ILE A 330 22.28 47.65 -0.90
C ILE A 330 21.54 48.97 -0.68
N LYS A 331 21.86 49.71 0.39
CA LYS A 331 21.36 51.08 0.63
C LYS A 331 19.84 51.11 0.79
N ARG A 332 19.28 50.06 1.37
CA ARG A 332 17.84 49.96 1.56
C ARG A 332 17.57 48.73 2.43
N PRO A 333 16.39 48.59 3.02
CA PRO A 333 16.13 47.41 3.87
C PRO A 333 15.92 46.17 3.00
N ALA A 334 16.65 45.11 3.32
CA ALA A 334 16.57 43.90 2.53
C ALA A 334 15.18 43.28 2.59
N TYR A 335 14.80 42.65 1.50
CA TYR A 335 13.55 41.92 1.37
C TYR A 335 13.89 40.43 1.55
N ILE A 336 13.58 39.86 2.71
CA ILE A 336 14.11 38.53 3.05
C ILE A 336 13.42 37.44 2.24
N TRP A 337 14.24 36.55 1.67
CA TRP A 337 13.82 35.27 1.11
C TRP A 337 14.36 34.21 2.06
N TRP A 338 13.48 33.59 2.86
CA TRP A 338 13.91 32.71 3.92
C TRP A 338 13.74 31.26 3.44
N ASN A 339 14.86 30.54 3.34
CA ASN A 339 14.85 29.19 2.75
C ASN A 339 14.47 28.13 3.78
N PHE A 340 13.24 28.27 4.27
CA PHE A 340 12.62 27.28 5.13
C PHE A 340 11.11 27.39 4.97
N PRO A 341 10.40 26.27 4.82
CA PRO A 341 10.78 24.86 4.92
C PRO A 341 11.23 24.18 3.61
N VAL A 342 11.69 24.94 2.61
CA VAL A 342 12.05 24.33 1.33
C VAL A 342 12.93 23.12 1.56
N SER A 343 12.62 22.02 0.84
CA SER A 343 13.28 20.73 1.05
C SER A 343 13.87 20.18 -0.25
N ASP A 344 14.04 21.02 -1.27
CA ASP A 344 14.39 20.55 -2.60
C ASP A 344 15.83 20.04 -2.69
N TYR A 345 16.62 20.17 -1.62
CA TYR A 345 17.95 19.57 -1.54
C TYR A 345 18.02 18.47 -0.50
N VAL A 346 16.90 18.14 0.15
CA VAL A 346 16.78 17.00 1.05
C VAL A 346 15.40 16.39 0.80
N ARG A 347 15.14 16.03 -0.44
CA ARG A 347 13.79 15.69 -0.89
C ARG A 347 13.25 14.44 -0.25
N ASP A 348 14.08 13.67 0.44
CA ASP A 348 13.62 12.48 1.15
C ASP A 348 13.14 12.79 2.57
N HIS A 349 13.16 14.07 2.97
CA HIS A 349 12.72 14.53 4.29
C HIS A 349 11.52 15.46 4.16
N LEU A 350 10.57 15.35 5.09
CA LEU A 350 9.59 16.41 5.32
C LEU A 350 10.08 17.30 6.45
N LEU A 351 9.89 18.61 6.30
CA LEU A 351 10.34 19.60 7.29
C LEU A 351 9.11 20.25 7.92
N LEU A 352 8.60 19.62 8.97
CA LEU A 352 7.33 20.00 9.58
C LEU A 352 7.49 20.64 10.96
N GLY A 353 8.73 21.00 11.36
CA GLY A 353 8.96 21.54 12.68
C GLY A 353 8.63 23.03 12.75
N PRO A 354 8.81 23.59 13.94
CA PRO A 354 8.50 25.01 14.13
C PRO A 354 9.44 25.93 13.36
N VAL A 355 8.97 27.16 13.25
CA VAL A 355 9.73 28.24 12.62
C VAL A 355 10.47 28.99 13.71
N TYR A 356 11.80 29.02 13.61
CA TYR A 356 12.58 29.70 14.64
C TYR A 356 13.94 30.08 14.08
N GLY A 357 14.67 30.86 14.86
CA GLY A 357 16.01 31.30 14.55
C GLY A 357 16.13 32.74 14.08
N ASN A 358 15.04 33.36 13.65
CA ASN A 358 15.09 34.70 13.09
C ASN A 358 14.89 35.74 14.18
N ASP A 359 15.74 36.75 14.19
CA ASP A 359 15.69 37.79 15.21
C ASP A 359 14.33 38.48 15.16
N THR A 360 13.75 38.68 16.32
CA THR A 360 12.40 39.23 16.46
C THR A 360 12.37 40.75 16.68
N THR A 361 13.51 41.43 16.65
CA THR A 361 13.58 42.86 16.95
C THR A 361 13.94 43.72 15.73
N ILE A 362 14.06 43.11 14.55
CA ILE A 362 14.66 43.76 13.38
C ILE A 362 13.61 44.08 12.30
N ALA A 363 12.34 44.20 12.67
CA ALA A 363 11.29 44.45 11.69
C ALA A 363 11.56 45.72 10.88
N LYS A 364 12.10 46.76 11.51
CA LYS A 364 12.36 47.98 10.77
C LYS A 364 13.51 47.83 9.79
N GLU A 365 14.30 46.77 9.89
CA GLU A 365 15.47 46.58 9.06
C GLU A 365 15.18 45.76 7.81
N MET A 366 13.94 45.33 7.59
CA MET A 366 13.58 44.54 6.42
C MET A 366 12.38 45.15 5.72
N SER A 367 12.41 45.11 4.38
CA SER A 367 11.30 45.60 3.57
C SER A 367 10.21 44.56 3.46
N GLY A 368 10.59 43.28 3.54
CA GLY A 368 9.65 42.21 3.36
C GLY A 368 10.24 40.93 3.90
N PHE A 369 9.38 39.94 4.07
CA PHE A 369 9.81 38.63 4.57
C PHE A 369 8.92 37.59 3.95
N VAL A 370 9.50 36.69 3.13
CA VAL A 370 8.76 35.61 2.51
C VAL A 370 9.50 34.30 2.75
N THR A 371 8.71 33.23 2.83
CA THR A 371 9.21 31.88 3.01
C THR A 371 9.20 31.14 1.67
N ASN A 372 10.31 30.44 1.39
CA ASN A 372 10.41 29.51 0.28
C ASN A 372 10.00 28.14 0.79
N PRO A 373 8.86 27.59 0.37
CA PRO A 373 8.32 26.41 1.03
C PRO A 373 8.71 25.09 0.36
N MET A 374 8.15 23.97 0.83
CA MET A 374 8.32 22.66 0.21
C MET A 374 7.43 22.56 -1.03
N GLU A 375 7.83 21.70 -1.96
CA GLU A 375 6.91 21.41 -3.05
C GLU A 375 5.63 20.76 -2.55
N HIS A 376 5.61 20.27 -1.30
CA HIS A 376 4.40 19.79 -0.64
C HIS A 376 3.66 21.00 -0.08
N ALA A 377 2.62 21.45 -0.79
CA ALA A 377 1.99 22.73 -0.49
C ALA A 377 1.25 22.71 0.85
N GLU A 378 0.35 21.75 1.05
CA GLU A 378 -0.42 21.71 2.29
C GLU A 378 0.50 21.55 3.50
N SER A 379 1.47 20.62 3.40
CA SER A 379 2.44 20.38 4.48
C SER A 379 3.19 21.66 4.85
N SER A 380 3.40 22.56 3.88
CA SER A 380 4.13 23.80 4.13
C SER A 380 3.31 24.80 4.94
N LYS A 381 2.02 24.53 5.16
CA LYS A 381 1.19 25.51 5.83
C LYS A 381 1.57 25.67 7.30
N ILE A 382 2.19 24.65 7.92
CA ILE A 382 2.67 24.78 9.29
C ILE A 382 3.66 25.94 9.38
N ALA A 383 4.69 25.91 8.53
CA ALA A 383 5.68 26.98 8.53
C ALA A 383 5.09 28.29 7.99
N ILE A 384 4.25 28.21 6.94
CA ILE A 384 3.69 29.42 6.36
C ILE A 384 2.86 30.20 7.40
N TYR A 385 1.98 29.50 8.09
CA TYR A 385 1.20 30.09 9.19
C TYR A 385 2.11 30.73 10.23
N SER A 386 3.22 30.06 10.58
CA SER A 386 4.11 30.59 11.61
C SER A 386 4.85 31.84 11.12
N VAL A 387 5.28 31.84 9.85
CA VAL A 387 5.95 33.00 9.28
C VAL A 387 5.01 34.18 9.24
N ALA A 388 3.73 33.92 8.91
CA ALA A 388 2.73 34.98 8.90
C ALA A 388 2.62 35.64 10.27
N SER A 389 2.70 34.82 11.33
CA SER A 389 2.63 35.34 12.69
C SER A 389 3.89 36.12 13.03
N TYR A 390 5.05 35.55 12.72
CA TYR A 390 6.32 36.22 12.98
C TYR A 390 6.39 37.56 12.25
N ALA A 391 5.93 37.60 11.00
CA ALA A 391 6.13 38.78 10.17
C ALA A 391 5.20 39.90 10.59
N TRP A 392 3.99 39.56 11.01
CA TRP A 392 3.02 40.55 11.44
C TRP A 392 3.38 41.16 12.79
N ASN A 393 3.74 40.32 13.76
CA ASN A 393 4.04 40.78 15.13
C ASN A 393 5.26 40.05 15.62
N PRO A 394 6.45 40.40 15.13
CA PRO A 394 7.64 39.67 15.57
C PRO A 394 7.94 39.84 17.05
N ALA A 395 7.63 41.00 17.64
CA ALA A 395 7.92 41.22 19.06
C ALA A 395 7.24 40.17 19.93
N LYS A 396 6.08 39.66 19.51
CA LYS A 396 5.31 38.70 20.30
C LYS A 396 5.34 37.30 19.71
N TYR A 397 6.32 36.99 18.87
CA TYR A 397 6.32 35.72 18.17
C TYR A 397 6.64 34.60 19.15
N ASP A 398 5.72 33.64 19.25
CA ASP A 398 5.82 32.51 20.17
C ASP A 398 5.97 31.26 19.29
N THR A 399 7.20 30.75 19.22
CA THR A 399 7.54 29.67 18.29
C THR A 399 6.60 28.49 18.45
N TRP A 400 6.55 27.93 19.65
CA TRP A 400 5.88 26.65 19.86
C TRP A 400 4.38 26.81 19.83
N GLN A 401 3.86 27.85 20.50
CA GLN A 401 2.42 28.06 20.50
C GLN A 401 1.90 28.29 19.08
N THR A 402 2.68 28.99 18.26
CA THR A 402 2.29 29.23 16.88
C THR A 402 2.31 27.94 16.08
N TRP A 403 3.31 27.08 16.32
CA TRP A 403 3.38 25.78 15.63
C TRP A 403 2.19 24.91 15.99
N LYS A 404 1.86 24.84 17.29
CA LYS A 404 0.66 24.13 17.72
C LYS A 404 -0.60 24.73 17.13
N ASP A 405 -0.69 26.07 17.09
CA ASP A 405 -1.88 26.71 16.52
C ASP A 405 -2.02 26.42 15.03
N ALA A 406 -0.91 26.49 14.28
CA ALA A 406 -0.92 26.10 12.87
C ALA A 406 -1.49 24.69 12.68
N ILE A 407 -0.93 23.72 13.42
CA ILE A 407 -1.35 22.33 13.28
C ILE A 407 -2.84 22.18 13.57
N ARG A 408 -3.32 22.86 14.61
CA ARG A 408 -4.72 22.74 15.00
C ARG A 408 -5.65 23.42 13.99
N THR A 409 -5.15 24.43 13.26
CA THR A 409 -5.91 25.07 12.21
C THR A 409 -5.98 24.18 10.96
N ILE A 410 -4.86 23.55 10.62
CA ILE A 410 -4.75 22.76 9.40
C ILE A 410 -5.53 21.46 9.51
N LEU A 411 -5.52 20.84 10.69
CA LEU A 411 -6.08 19.50 10.87
C LEU A 411 -6.72 19.40 12.24
N PRO A 412 -7.80 20.14 12.47
CA PRO A 412 -8.38 20.15 13.82
C PRO A 412 -8.90 18.80 14.25
N SER A 413 -9.33 17.96 13.30
CA SER A 413 -9.88 16.65 13.64
C SER A 413 -8.83 15.69 14.19
N ALA A 414 -7.54 15.94 13.92
CA ALA A 414 -6.47 15.04 14.34
C ALA A 414 -5.21 15.83 14.68
N ALA A 415 -5.37 16.94 15.40
CA ALA A 415 -4.26 17.85 15.67
C ALA A 415 -3.18 17.19 16.52
N GLU A 416 -3.55 16.46 17.56
CA GLU A 416 -2.53 15.78 18.37
C GLU A 416 -1.75 14.74 17.55
N GLU A 417 -2.41 14.07 16.60
CA GLU A 417 -1.72 13.09 15.77
C GLU A 417 -0.76 13.77 14.80
N LEU A 418 -1.14 14.92 14.26
CA LEU A 418 -0.24 15.65 13.37
C LEU A 418 0.94 16.22 14.14
N GLU A 419 0.72 16.62 15.39
CA GLU A 419 1.82 17.12 16.23
C GLU A 419 2.83 16.03 16.50
N CYS A 420 2.35 14.85 16.85
CA CYS A 420 3.24 13.71 17.04
C CYS A 420 4.08 13.46 15.79
N PHE A 421 3.43 13.41 14.63
CA PHE A 421 4.15 13.19 13.38
C PHE A 421 5.14 14.31 13.10
N ALA A 422 4.69 15.58 13.23
CA ALA A 422 5.56 16.70 12.88
C ALA A 422 6.74 16.83 13.84
N MET A 423 6.51 16.51 15.12
CA MET A 423 7.57 16.58 16.13
C MET A 423 8.78 15.73 15.75
N HIS A 424 8.54 14.62 15.04
CA HIS A 424 9.58 13.67 14.68
C HIS A 424 9.90 13.69 13.20
N ASN A 425 9.52 14.76 12.50
CA ASN A 425 9.75 14.95 11.07
C ASN A 425 10.10 16.42 10.86
N SER A 426 11.23 16.85 11.42
CA SER A 426 11.60 18.26 11.30
C SER A 426 13.07 18.49 10.99
N ASP A 427 13.96 17.55 11.26
CA ASP A 427 15.36 17.72 10.88
C ASP A 427 15.54 17.39 9.39
N LEU A 428 16.57 17.99 8.79
CA LEU A 428 16.91 17.79 7.40
C LEU A 428 17.86 16.62 7.17
N GLY A 429 18.58 16.19 8.20
CA GLY A 429 19.66 15.25 8.06
C GLY A 429 20.87 15.93 7.45
N PRO A 430 21.99 15.22 7.40
CA PRO A 430 23.20 15.79 6.78
C PRO A 430 22.93 16.30 5.37
N ASN A 431 23.56 17.42 5.02
CA ASN A 431 23.35 18.06 3.73
C ASN A 431 24.46 19.08 3.48
N GLY A 432 24.64 19.42 2.20
CA GLY A 432 25.73 20.28 1.80
C GLY A 432 25.62 21.72 2.30
N HIS A 433 24.43 22.18 2.64
CA HIS A 433 24.25 23.53 3.17
C HIS A 433 24.53 23.62 4.65
N GLY A 434 24.70 22.49 5.34
CA GLY A 434 24.96 22.48 6.77
C GLY A 434 23.79 22.87 7.65
N TYR A 435 22.60 22.99 7.10
CA TYR A 435 21.45 23.49 7.84
C TYR A 435 20.72 22.34 8.50
N ARG A 436 20.49 22.46 9.79
CA ARG A 436 19.81 21.44 10.57
C ARG A 436 18.73 22.09 11.42
N ARG A 437 17.78 21.28 11.86
CA ARG A 437 16.75 21.70 12.81
C ARG A 437 16.67 20.67 13.93
N GLU A 438 16.19 21.12 15.09
CA GLU A 438 15.92 20.22 16.19
C GLU A 438 14.81 19.25 15.81
N GLU A 439 14.78 18.10 16.48
CA GLU A 439 13.79 17.07 16.23
C GLU A 439 13.72 16.17 17.45
N SER A 440 12.51 15.75 17.80
CA SER A 440 12.31 14.77 18.87
C SER A 440 12.93 15.20 20.20
N MET A 441 12.98 16.53 20.43
N MET A 441 12.99 16.51 20.47
CA MET A 441 13.59 17.06 21.65
CA MET A 441 13.67 16.95 21.68
C MET A 441 12.95 16.48 22.91
C MET A 441 12.96 16.48 22.95
N ASP A 442 11.65 16.20 22.86
CA ASP A 442 10.91 15.76 24.04
C ASP A 442 11.48 14.47 24.61
N ILE A 443 11.90 13.55 23.76
CA ILE A 443 12.33 12.24 24.22
C ILE A 443 13.84 12.04 24.08
N GLN A 444 14.58 13.03 23.55
CA GLN A 444 16.00 12.78 23.27
C GLN A 444 16.79 12.56 24.56
N PRO A 445 16.46 13.21 25.69
CA PRO A 445 17.22 12.91 26.92
C PRO A 445 17.00 11.49 27.41
N ALA A 446 15.78 10.97 27.32
CA ALA A 446 15.53 9.60 27.77
C ALA A 446 16.16 8.58 26.82
N ALA A 447 16.18 8.87 25.52
CA ALA A 447 16.83 8.01 24.56
C ALA A 447 18.34 7.95 24.79
N GLU A 448 18.96 9.10 25.07
CA GLU A 448 20.40 9.13 25.29
C GLU A 448 20.78 8.42 26.59
N ARG A 449 20.00 8.60 27.65
CA ARG A 449 20.31 7.93 28.90
C ARG A 449 20.16 6.42 28.74
N PHE A 450 19.06 5.99 28.12
CA PHE A 450 18.80 4.56 27.99
C PHE A 450 19.91 3.88 27.19
N LEU A 451 20.31 4.48 26.07
CA LEU A 451 21.27 3.81 25.19
C LEU A 451 22.66 3.75 25.83
N LYS A 452 23.07 4.81 26.51
CA LYS A 452 24.35 4.83 27.19
C LYS A 452 24.41 3.74 28.27
N ALA A 453 23.37 3.65 29.09
CA ALA A 453 23.31 2.61 30.11
C ALA A 453 23.33 1.22 29.50
N PHE A 454 22.46 0.98 28.52
CA PHE A 454 22.35 -0.35 27.93
C PHE A 454 23.68 -0.78 27.33
N LYS A 455 24.35 0.11 26.60
CA LYS A 455 25.64 -0.22 25.98
C LYS A 455 26.69 -0.54 27.03
N GLU A 456 26.68 0.18 28.15
CA GLU A 456 27.70 0.00 29.18
C GLU A 456 27.42 -1.18 30.11
N GLY A 457 26.27 -1.84 29.98
CA GLY A 457 25.90 -2.89 30.91
C GLY A 457 25.41 -2.38 32.25
N LYS A 458 24.97 -1.13 32.32
CA LYS A 458 24.37 -0.58 33.53
C LYS A 458 22.87 -0.61 33.38
N ASN A 459 22.18 -0.65 34.51
CA ASN A 459 20.73 -0.64 34.52
C ASN A 459 20.22 0.69 33.97
N TYR A 460 19.36 0.62 32.95
CA TYR A 460 18.68 1.82 32.48
C TYR A 460 17.52 2.14 33.42
N ASP A 461 17.13 3.42 33.45
N ASP A 461 17.15 3.41 33.45
CA ASP A 461 16.02 3.82 34.30
CA ASP A 461 16.02 3.85 34.28
C ASP A 461 14.71 3.37 33.69
C ASP A 461 14.71 3.36 33.68
N LYS A 462 13.86 2.77 34.53
CA LYS A 462 12.56 2.28 34.07
C LYS A 462 11.76 3.39 33.39
N ALA A 463 11.81 4.61 33.94
CA ALA A 463 11.05 5.72 33.38
C ALA A 463 11.47 6.00 31.94
N ASP A 464 12.77 5.92 31.65
CA ASP A 464 13.24 6.14 30.29
C ASP A 464 12.74 5.05 29.35
N PHE A 465 12.78 3.79 29.79
CA PHE A 465 12.25 2.70 28.97
C PHE A 465 10.76 2.91 28.68
N GLU A 466 10.00 3.34 29.68
CA GLU A 466 8.56 3.56 29.49
C GLU A 466 8.28 4.75 28.59
N THR A 467 9.13 5.78 28.64
CA THR A 467 8.95 6.92 27.72
C THR A 467 9.12 6.47 26.26
N LEU A 468 10.12 5.63 26.01
CA LEU A 468 10.33 5.11 24.67
C LEU A 468 9.15 4.25 24.23
N GLN A 469 8.69 3.36 25.12
CA GLN A 469 7.51 2.55 24.83
C GLN A 469 6.32 3.42 24.47
N TYR A 470 6.05 4.45 25.28
CA TYR A 470 4.93 5.36 25.03
C TYR A 470 5.06 6.05 23.68
N THR A 471 6.28 6.50 23.36
CA THR A 471 6.52 7.19 22.11
C THR A 471 6.14 6.33 20.91
N PHE A 472 6.60 5.07 20.91
CA PHE A 472 6.31 4.20 19.77
C PHE A 472 4.82 3.91 19.66
N GLU A 473 4.17 3.64 20.80
CA GLU A 473 2.72 3.41 20.76
C GLU A 473 1.99 4.63 20.18
N ARG A 474 2.38 5.84 20.58
CA ARG A 474 1.70 7.04 20.10
C ARG A 474 1.97 7.26 18.62
N MET A 475 3.21 7.01 18.17
CA MET A 475 3.51 7.12 16.75
C MET A 475 2.61 6.20 15.91
N LYS A 476 2.38 4.96 16.36
CA LYS A 476 1.51 4.04 15.62
C LYS A 476 0.09 4.56 15.57
N GLU A 477 -0.43 5.00 16.72
CA GLU A 477 -1.75 5.61 16.76
C GLU A 477 -1.84 6.77 15.78
N SER A 478 -0.84 7.65 15.80
CA SER A 478 -0.86 8.86 14.98
C SER A 478 -0.80 8.50 13.49
N ALA A 479 0.08 7.57 13.13
CA ALA A 479 0.20 7.14 11.73
C ALA A 479 -1.12 6.62 11.20
N ASP A 480 -1.75 5.72 11.93
CA ASP A 480 -2.96 5.07 11.44
C ASP A 480 -4.13 6.06 11.36
N ILE A 481 -4.22 6.98 12.30
CA ILE A 481 -5.29 7.98 12.28
C ILE A 481 -5.08 8.97 11.13
N LEU A 482 -3.84 9.39 10.93
CA LEU A 482 -3.57 10.32 9.84
C LEU A 482 -3.90 9.71 8.48
N LEU A 483 -3.55 8.43 8.28
CA LEU A 483 -3.77 7.79 6.99
C LEU A 483 -5.23 7.88 6.55
N MET A 484 -6.15 7.78 7.50
CA MET A 484 -7.57 7.71 7.23
C MET A 484 -8.29 9.05 7.38
N ASN A 485 -7.57 10.11 7.68
CA ASN A 485 -8.20 11.41 7.90
C ASN A 485 -8.73 11.96 6.59
N THR A 486 -9.98 12.44 6.59
CA THR A 486 -10.61 12.95 5.37
C THR A 486 -10.91 14.45 5.45
N GLU A 487 -10.38 15.14 6.45
CA GLU A 487 -10.62 16.57 6.59
C GLU A 487 -9.75 17.39 5.65
N ASN A 488 -8.49 16.97 5.46
CA ASN A 488 -7.57 17.63 4.54
C ASN A 488 -6.93 16.51 3.72
N LYS A 489 -7.72 15.98 2.77
CA LYS A 489 -7.21 14.92 1.91
C LYS A 489 -5.95 15.32 1.16
N PRO A 490 -5.81 16.53 0.64
CA PRO A 490 -4.56 16.85 -0.07
C PRO A 490 -3.34 16.79 0.83
N LEU A 491 -3.48 17.20 2.10
CA LEU A 491 -2.37 17.06 3.04
C LEU A 491 -1.97 15.60 3.18
N ILE A 492 -2.96 14.72 3.35
CA ILE A 492 -2.68 13.30 3.62
C ILE A 492 -2.05 12.64 2.39
N VAL A 493 -2.47 13.03 1.18
CA VAL A 493 -1.82 12.54 -0.04
C VAL A 493 -0.34 12.86 0.00
N GLU A 494 0.00 14.09 0.41
CA GLU A 494 1.39 14.54 0.42
C GLU A 494 2.24 13.73 1.40
N ILE A 495 1.73 13.49 2.61
CA ILE A 495 2.57 12.92 3.67
C ILE A 495 2.48 11.40 3.76
N THR A 496 1.52 10.77 3.07
CA THR A 496 1.24 9.34 3.23
C THR A 496 2.47 8.45 3.15
N PRO A 497 3.38 8.60 2.18
CA PRO A 497 4.57 7.72 2.16
C PRO A 497 5.40 7.81 3.43
N TRP A 498 5.56 9.02 3.96
CA TRP A 498 6.27 9.21 5.22
C TRP A 498 5.45 8.68 6.39
N VAL A 499 4.13 8.74 6.32
CA VAL A 499 3.32 8.19 7.39
C VAL A 499 3.49 6.68 7.47
N HIS A 500 3.58 6.01 6.31
CA HIS A 500 3.82 4.57 6.29
C HIS A 500 5.17 4.23 6.90
N GLN A 501 6.20 4.99 6.51
CA GLN A 501 7.55 4.76 7.04
C GLN A 501 7.62 5.06 8.52
N PHE A 502 6.85 6.05 8.95
CA PHE A 502 6.76 6.44 10.35
C PHE A 502 6.17 5.31 11.19
N LYS A 503 5.09 4.70 10.69
CA LYS A 503 4.50 3.58 11.41
C LYS A 503 5.47 2.42 11.50
N LEU A 504 6.14 2.10 10.39
CA LEU A 504 7.11 1.00 10.40
C LEU A 504 8.23 1.26 11.40
N THR A 505 8.72 2.50 11.45
CA THR A 505 9.71 2.89 12.45
C THR A 505 9.20 2.59 13.86
N ALA A 506 7.95 2.95 14.15
CA ALA A 506 7.41 2.74 15.49
C ALA A 506 7.27 1.25 15.79
N GLU A 507 6.79 0.47 14.82
CA GLU A 507 6.69 -0.98 15.01
C GLU A 507 8.07 -1.59 15.27
N MET A 508 9.06 -1.21 14.47
CA MET A 508 10.43 -1.68 14.70
C MET A 508 10.90 -1.32 16.11
N GLY A 509 10.74 -0.06 16.51
CA GLY A 509 11.15 0.34 17.86
C GLY A 509 10.49 -0.49 18.95
N GLU A 510 9.20 -0.79 18.80
CA GLU A 510 8.52 -1.64 19.78
C GLU A 510 9.16 -3.03 19.85
N GLU A 511 9.42 -3.62 18.69
CA GLU A 511 9.95 -4.98 18.66
C GLU A 511 11.38 -5.03 19.19
N VAL A 512 12.15 -3.96 18.97
CA VAL A 512 13.51 -3.91 19.52
C VAL A 512 13.47 -3.79 21.05
N LEU A 513 12.52 -3.03 21.59
CA LEU A 513 12.40 -2.93 23.05
C LEU A 513 12.01 -4.28 23.66
N LYS A 514 11.20 -5.08 22.95
CA LYS A 514 10.86 -6.39 23.47
C LYS A 514 12.06 -7.33 23.43
N MET A 515 12.96 -7.15 22.45
CA MET A 515 14.23 -7.88 22.48
C MET A 515 15.07 -7.46 23.68
N VAL A 516 14.99 -6.20 24.10
CA VAL A 516 15.70 -5.77 25.30
C VAL A 516 15.09 -6.42 26.52
N GLU A 517 13.75 -6.38 26.63
CA GLU A 517 13.03 -7.08 27.68
C GLU A 517 13.25 -8.57 27.62
N GLY A 518 13.77 -9.05 26.47
CA GLY A 518 14.15 -10.42 26.19
C GLY A 518 14.16 -11.36 27.36
N ARG A 519 13.25 -12.34 27.33
CA ARG A 519 12.96 -13.26 28.44
C ARG A 519 13.42 -14.68 28.15
N ASN A 520 13.25 -15.15 26.92
CA ASN A 520 13.72 -16.48 26.54
C ASN A 520 14.18 -16.43 25.09
N GLU A 521 14.89 -17.48 24.69
CA GLU A 521 15.58 -17.50 23.42
C GLU A 521 14.62 -17.49 22.24
N SER A 522 13.57 -18.33 22.29
CA SER A 522 12.67 -18.41 21.14
C SER A 522 11.87 -17.13 20.97
N TYR A 523 11.48 -16.50 22.06
CA TYR A 523 10.78 -15.22 21.96
C TYR A 523 11.69 -14.17 21.33
N PHE A 524 12.94 -14.11 21.78
CA PHE A 524 13.91 -13.17 21.20
C PHE A 524 14.02 -13.38 19.69
N LEU A 525 14.12 -14.65 19.25
CA LEU A 525 14.30 -14.94 17.83
C LEU A 525 13.10 -14.52 17.00
N ARG A 526 11.89 -14.78 17.50
CA ARG A 526 10.70 -14.25 16.82
C ARG A 526 10.78 -12.74 16.64
N LYS A 527 11.19 -12.02 17.68
CA LYS A 527 11.28 -10.56 17.57
C LYS A 527 12.37 -10.15 16.58
N TYR A 528 13.50 -10.84 16.62
CA TYR A 528 14.58 -10.61 15.67
C TYR A 528 14.11 -10.82 14.23
N ASN A 529 13.46 -11.94 13.95
CA ASN A 529 12.93 -12.16 12.60
C ASN A 529 11.94 -11.08 12.21
N HIS A 530 11.09 -10.67 13.15
CA HIS A 530 10.12 -9.63 12.84
C HIS A 530 10.82 -8.33 12.48
N VAL A 531 11.82 -7.93 13.28
CA VAL A 531 12.54 -6.70 12.99
C VAL A 531 13.14 -6.76 11.59
N LYS A 532 13.76 -7.88 11.22
CA LYS A 532 14.36 -8.01 9.90
C LYS A 532 13.34 -7.82 8.79
N ALA A 533 12.13 -8.35 8.97
CA ALA A 533 11.10 -8.19 7.95
C ALA A 533 10.65 -6.75 7.86
N LEU A 534 10.57 -6.06 9.00
CA LEU A 534 10.23 -4.64 9.02
C LEU A 534 11.29 -3.80 8.32
N GLN A 535 12.58 -4.12 8.53
CA GLN A 535 13.64 -3.48 7.75
C GLN A 535 13.39 -3.65 6.25
N GLN A 536 12.98 -4.85 5.83
CA GLN A 536 12.74 -5.09 4.41
C GLN A 536 11.57 -4.25 3.90
N GLN A 537 10.52 -4.12 4.71
CA GLN A 537 9.38 -3.29 4.33
C GLN A 537 9.78 -1.82 4.21
N MET A 538 10.64 -1.33 5.11
CA MET A 538 11.10 0.07 5.00
C MET A 538 11.95 0.28 3.75
N PHE A 539 12.72 -0.72 3.36
CA PHE A 539 13.46 -0.66 2.11
C PHE A 539 12.50 -0.55 0.94
N TYR A 540 11.43 -1.36 0.96
CA TYR A 540 10.46 -1.34 -0.13
C TYR A 540 9.84 0.06 -0.30
N ILE A 541 9.42 0.68 0.81
CA ILE A 541 8.86 2.04 0.72
C ILE A 541 9.90 3.01 0.21
N ASP A 542 11.12 2.94 0.76
CA ASP A 542 12.22 3.79 0.31
C ASP A 542 12.54 3.64 -1.18
N GLN A 543 12.20 2.49 -1.81
CA GLN A 543 12.52 2.26 -3.22
C GLN A 543 11.33 2.48 -4.16
N THR A 544 10.10 2.56 -3.65
CA THR A 544 8.94 2.72 -4.50
C THR A 544 8.15 4.03 -4.29
N SER A 545 8.43 4.80 -3.25
CA SER A 545 7.78 6.08 -3.00
C SER A 545 8.76 7.22 -3.19
N ASN A 546 8.24 8.37 -3.64
CA ASN A 546 9.02 9.59 -3.76
C ASN A 546 10.33 9.37 -4.53
N GLN A 547 10.22 8.70 -5.68
CA GLN A 547 11.40 8.38 -6.49
C GLN A 547 11.74 9.55 -7.42
N ASN A 548 12.13 10.66 -6.80
CA ASN A 548 12.65 11.80 -7.53
C ASN A 548 14.12 11.55 -7.89
N PRO A 549 14.66 12.32 -8.84
CA PRO A 549 16.03 12.03 -9.32
C PRO A 549 17.15 12.40 -8.38
N TYR A 550 16.90 13.09 -7.25
CA TYR A 550 17.97 13.71 -6.49
C TYR A 550 18.16 13.11 -5.10
N GLN A 551 17.11 13.03 -4.29
CA GLN A 551 17.14 12.36 -3.00
C GLN A 551 15.90 11.48 -2.95
N PRO A 552 15.90 10.38 -3.70
CA PRO A 552 14.73 9.50 -3.71
C PRO A 552 14.48 8.89 -2.34
N GLY A 553 13.26 8.45 -2.15
CA GLY A 553 12.91 7.70 -0.97
C GLY A 553 12.25 8.53 0.10
N VAL A 554 12.13 7.88 1.25
CA VAL A 554 11.31 8.38 2.35
C VAL A 554 12.11 8.13 3.63
N LYS A 555 12.59 9.20 4.25
CA LYS A 555 13.26 9.12 5.53
C LYS A 555 12.44 9.86 6.58
N THR A 556 12.42 9.32 7.80
CA THR A 556 11.59 9.88 8.86
C THR A 556 12.22 9.59 10.21
N ALA A 557 11.96 10.48 11.17
CA ALA A 557 12.44 10.34 12.53
C ALA A 557 13.93 10.04 12.57
N THR A 558 14.68 10.80 11.78
CA THR A 558 16.08 10.48 11.49
C THR A 558 17.05 11.01 12.53
N ARG A 559 16.70 12.08 13.26
CA ARG A 559 17.69 12.70 14.14
C ARG A 559 17.95 11.86 15.39
N VAL A 560 16.88 11.38 16.05
CA VAL A 560 16.98 10.75 17.35
C VAL A 560 16.53 9.29 17.32
N ILE A 561 15.38 9.03 16.70
CA ILE A 561 14.69 7.77 16.92
C ILE A 561 15.35 6.64 16.12
N LYS A 562 15.52 6.81 14.81
N LYS A 562 15.50 6.82 14.80
CA LYS A 562 16.13 5.74 14.03
CA LYS A 562 16.15 5.78 14.00
C LYS A 562 17.54 5.41 14.53
C LYS A 562 17.52 5.42 14.55
N PRO A 563 18.39 6.38 14.87
CA PRO A 563 19.68 6.02 15.50
C PRO A 563 19.50 5.26 16.81
N LEU A 564 18.54 5.67 17.64
CA LEU A 564 18.27 4.94 18.88
C LEU A 564 17.96 3.48 18.59
N ILE A 565 17.06 3.24 17.64
CA ILE A 565 16.60 1.88 17.37
C ILE A 565 17.71 1.06 16.72
N ASP A 566 18.37 1.63 15.70
CA ASP A 566 19.48 0.93 15.04
C ASP A 566 20.55 0.52 16.06
N ARG A 567 20.92 1.44 16.96
CA ARG A 567 22.01 1.17 17.90
C ARG A 567 21.57 0.20 18.98
N THR A 568 20.31 0.30 19.43
CA THR A 568 19.79 -0.64 20.41
C THR A 568 19.72 -2.04 19.82
N PHE A 569 19.23 -2.15 18.58
CA PHE A 569 19.18 -3.44 17.91
C PHE A 569 20.57 -4.05 17.77
N ALA A 570 21.53 -3.25 17.31
CA ALA A 570 22.88 -3.78 17.12
C ALA A 570 23.47 -4.26 18.44
N THR A 571 23.20 -3.53 19.53
CA THR A 571 23.78 -3.87 20.81
C THR A 571 23.19 -5.15 21.37
N VAL A 572 21.86 -5.29 21.31
CA VAL A 572 21.21 -6.45 21.91
C VAL A 572 21.49 -7.70 21.10
N VAL A 573 21.68 -7.58 19.79
CA VAL A 573 22.08 -8.73 19.00
C VAL A 573 23.49 -9.16 19.35
N LYS A 574 24.39 -8.19 19.57
CA LYS A 574 25.73 -8.53 20.04
C LYS A 574 25.66 -9.28 21.38
N PHE A 575 24.82 -8.79 22.31
CA PHE A 575 24.65 -9.47 23.59
C PHE A 575 24.12 -10.89 23.41
N PHE A 576 23.14 -11.06 22.53
CA PHE A 576 22.61 -12.40 22.27
C PHE A 576 23.69 -13.32 21.71
N ASN A 577 24.45 -12.83 20.73
CA ASN A 577 25.51 -13.63 20.12
C ASN A 577 26.56 -14.00 21.15
N GLN A 578 26.87 -13.08 22.06
CA GLN A 578 27.80 -13.38 23.14
C GLN A 578 27.23 -14.45 24.07
N LYS A 579 25.94 -14.30 24.41
CA LYS A 579 25.37 -15.16 25.44
C LYS A 579 25.21 -16.60 24.93
N PHE A 580 24.75 -16.76 23.69
CA PHE A 580 24.40 -18.06 23.13
C PHE A 580 25.42 -18.54 22.11
N ASN A 581 26.55 -17.85 21.97
CA ASN A 581 27.58 -18.24 21.01
C ASN A 581 26.96 -18.34 19.62
N ALA A 582 26.11 -17.39 19.29
CA ALA A 582 25.35 -17.39 18.04
C ALA A 582 25.95 -16.35 17.10
N HIS A 583 25.43 -16.32 15.88
CA HIS A 583 25.95 -15.44 14.83
C HIS A 583 24.80 -14.79 14.09
N LEU A 584 23.88 -14.19 14.85
CA LEU A 584 22.84 -13.38 14.24
C LEU A 584 23.45 -12.13 13.60
N ASP A 585 22.96 -11.80 12.41
CA ASP A 585 23.37 -10.58 11.74
C ASP A 585 22.76 -9.36 12.43
N ALA A 586 23.61 -8.37 12.73
CA ALA A 586 23.20 -7.14 13.41
C ALA A 586 23.05 -5.95 12.48
N THR A 587 23.10 -6.15 11.15
CA THR A 587 22.88 -5.07 10.21
C THR A 587 21.54 -4.40 10.49
N THR A 588 21.48 -3.08 10.33
CA THR A 588 20.31 -2.31 10.70
C THR A 588 19.47 -1.80 9.53
N ASP A 589 19.96 -1.92 8.29
CA ASP A 589 19.17 -1.57 7.11
C ASP A 589 19.25 -2.71 6.12
N TYR A 590 18.10 -3.11 5.58
CA TYR A 590 18.05 -4.21 4.62
C TYR A 590 18.80 -3.84 3.34
N MET A 591 19.51 -4.81 2.80
CA MET A 591 20.23 -4.63 1.55
C MET A 591 20.22 -5.93 0.77
N PRO A 592 19.51 -6.00 -0.37
CA PRO A 592 19.40 -7.28 -1.09
C PRO A 592 20.72 -7.72 -1.73
N HIS A 593 21.61 -6.79 -2.02
CA HIS A 593 22.91 -7.09 -2.59
C HIS A 593 23.94 -7.25 -1.48
N LYS A 594 25.13 -7.69 -1.85
CA LYS A 594 26.16 -8.04 -0.89
C LYS A 594 27.47 -7.38 -1.30
N MET A 595 28.29 -7.06 -0.31
CA MET A 595 29.62 -6.55 -0.55
C MET A 595 30.54 -7.11 0.51
N ILE A 596 31.79 -7.39 0.11
CA ILE A 596 32.78 -7.98 1.00
C ILE A 596 34.15 -7.40 0.64
N SER A 597 35.05 -7.40 1.62
CA SER A 597 36.45 -7.02 1.40
C SER A 597 37.28 -7.35 2.64
N LYS A 603 35.39 -3.91 4.62
CA LYS A 603 34.61 -2.70 4.92
C LYS A 603 33.24 -3.03 5.51
N ASN A 604 32.89 -2.27 6.53
CA ASN A 604 31.55 -2.24 7.07
C ASN A 604 30.70 -1.12 6.49
N LEU A 605 31.22 -0.43 5.48
CA LEU A 605 30.44 0.55 4.75
C LEU A 605 29.21 -0.12 4.14
N PRO A 606 28.00 0.33 4.45
CA PRO A 606 26.82 -0.31 3.85
C PRO A 606 26.69 0.06 2.37
N LEU A 607 26.18 -0.89 1.60
CA LEU A 607 25.73 -0.59 0.26
C LEU A 607 24.40 0.16 0.34
N GLN A 608 24.11 0.95 -0.70
CA GLN A 608 22.81 1.60 -0.83
C GLN A 608 22.27 1.41 -2.24
N VAL A 609 20.95 1.33 -2.35
CA VAL A 609 20.25 1.32 -3.64
C VAL A 609 19.52 2.65 -3.80
N LYS A 610 19.78 3.32 -4.92
CA LYS A 610 19.08 4.55 -5.28
C LYS A 610 18.70 4.44 -6.74
N ALA A 611 17.39 4.43 -7.01
CA ALA A 611 16.89 4.17 -8.35
C ALA A 611 17.52 2.89 -8.89
N ASN A 612 18.16 2.98 -10.06
CA ASN A 612 18.84 1.85 -10.68
C ASN A 612 20.33 1.87 -10.42
N ARG A 613 20.75 2.42 -9.28
CA ARG A 613 22.14 2.50 -8.89
C ARG A 613 22.38 1.67 -7.63
N VAL A 614 23.54 1.02 -7.59
CA VAL A 614 24.04 0.30 -6.43
C VAL A 614 25.36 0.96 -6.08
N LEU A 615 25.50 1.44 -4.84
CA LEU A 615 26.65 2.27 -4.50
C LEU A 615 27.16 1.94 -3.09
N ILE A 616 28.47 2.10 -2.92
CA ILE A 616 29.04 1.98 -1.58
C ILE A 616 28.90 3.33 -0.89
N SER A 617 28.46 3.31 0.35
CA SER A 617 28.36 4.56 1.11
C SER A 617 29.72 5.23 1.13
N PRO A 618 29.84 6.48 0.68
CA PRO A 618 31.11 7.19 0.88
C PRO A 618 31.37 7.38 2.37
N ALA A 619 32.65 7.56 2.72
CA ALA A 619 33.04 7.68 4.11
C ALA A 619 34.16 8.69 4.23
N ASN A 620 34.36 9.16 5.46
CA ASN A 620 35.43 10.07 5.81
C ASN A 620 36.51 9.26 6.53
N GLU A 621 37.63 9.03 5.85
CA GLU A 621 38.69 8.19 6.41
C GLU A 621 40.00 8.42 5.67
N VAL A 631 37.62 -5.47 -2.92
CA VAL A 631 36.18 -5.27 -2.70
C VAL A 631 35.35 -5.90 -3.82
N GLU A 632 34.37 -6.72 -3.43
CA GLU A 632 33.52 -7.42 -4.38
C GLU A 632 32.06 -7.15 -4.04
N ILE A 633 31.31 -6.62 -5.02
CA ILE A 633 29.87 -6.45 -4.92
C ILE A 633 29.20 -7.60 -5.66
N GLU A 634 28.21 -8.22 -5.02
CA GLU A 634 27.39 -9.25 -5.65
C GLU A 634 25.94 -8.80 -5.59
N LEU A 635 25.32 -8.65 -6.77
CA LEU A 635 23.91 -8.30 -6.86
C LEU A 635 23.04 -9.54 -6.67
N ASP A 636 21.76 -9.30 -6.38
CA ASP A 636 20.83 -10.39 -6.12
C ASP A 636 20.35 -11.08 -7.38
N ALA A 637 20.81 -10.64 -8.55
CA ALA A 637 20.45 -11.26 -9.81
C ALA A 637 21.39 -10.72 -10.88
N ILE A 638 21.22 -11.23 -12.09
CA ILE A 638 21.91 -10.73 -13.27
C ILE A 638 21.08 -9.62 -13.88
N TYR A 639 21.72 -8.47 -14.14
CA TYR A 639 21.11 -7.30 -14.76
C TYR A 639 22.00 -6.81 -15.88
N PRO A 640 21.44 -6.16 -16.90
CA PRO A 640 22.28 -5.47 -17.87
C PRO A 640 22.93 -4.26 -17.22
N GLY A 641 24.24 -4.11 -17.45
CA GLY A 641 24.98 -3.01 -16.84
C GLY A 641 25.02 -1.78 -17.75
N GLU A 642 24.95 -0.61 -17.11
CA GLU A 642 25.07 0.68 -17.81
C GLU A 642 26.49 1.22 -17.72
N ASN A 643 26.96 1.48 -16.50
CA ASN A 643 28.28 2.06 -16.31
C ASN A 643 28.68 1.86 -14.86
N ILE A 644 29.98 2.03 -14.63
CA ILE A 644 30.57 2.08 -13.29
C ILE A 644 31.32 3.39 -13.19
N GLN A 645 31.13 4.11 -12.08
CA GLN A 645 31.82 5.37 -11.82
C GLN A 645 32.49 5.30 -10.46
N ILE A 646 33.74 5.78 -10.40
CA ILE A 646 34.55 5.71 -9.19
C ILE A 646 35.21 7.06 -8.95
N ASN A 647 35.50 7.35 -7.68
CA ASN A 647 36.24 8.55 -7.29
C ASN A 647 36.75 8.48 -5.85
N LEU A 659 39.49 -3.38 -12.52
CA LEU A 659 38.03 -3.41 -12.49
C LEU A 659 37.48 -4.55 -13.35
N GLU A 660 36.79 -5.50 -12.72
CA GLU A 660 36.31 -6.71 -13.39
C GLU A 660 34.82 -6.90 -13.16
N ILE A 661 34.22 -7.69 -14.04
CA ILE A 661 32.79 -7.97 -14.04
C ILE A 661 32.60 -9.45 -14.30
N SER A 662 31.52 -10.01 -13.75
CA SER A 662 31.21 -11.42 -13.95
C SER A 662 29.74 -11.65 -13.68
N THR A 663 29.23 -12.75 -14.22
CA THR A 663 27.87 -13.21 -13.93
C THR A 663 27.82 -14.40 -12.99
N ASP A 664 28.89 -15.19 -12.88
CA ASP A 664 28.92 -16.36 -12.00
C ASP A 664 29.96 -16.25 -10.89
N GLY A 665 30.74 -15.17 -10.84
CA GLY A 665 31.80 -15.06 -9.87
C GLY A 665 33.01 -15.93 -10.15
N LYS A 666 33.00 -16.69 -11.24
CA LYS A 666 34.13 -17.54 -11.64
C LYS A 666 34.77 -17.06 -12.93
N GLU A 667 33.99 -16.82 -13.98
CA GLU A 667 34.49 -16.25 -15.22
C GLU A 667 34.34 -14.73 -15.16
N TRP A 668 35.48 -14.04 -15.19
CA TRP A 668 35.52 -12.59 -15.08
C TRP A 668 35.92 -11.96 -16.40
N LYS A 669 35.68 -10.65 -16.49
CA LYS A 669 36.02 -9.85 -17.65
C LYS A 669 36.41 -8.46 -17.18
N THR A 670 37.60 -8.01 -17.59
CA THR A 670 38.10 -6.71 -17.17
C THR A 670 37.46 -5.58 -17.97
N VAL A 671 37.30 -4.43 -17.33
CA VAL A 671 36.78 -3.23 -17.97
C VAL A 671 37.77 -2.09 -17.75
N ASP A 672 38.17 -1.44 -18.84
CA ASP A 672 39.08 -0.31 -18.77
C ASP A 672 38.32 0.94 -18.32
N LEU A 673 39.08 2.01 -18.07
CA LEU A 673 38.52 3.28 -17.59
C LEU A 673 39.22 4.47 -18.26
N LEU A 680 36.76 9.09 -12.65
CA LEU A 680 36.83 7.80 -13.35
C LEU A 680 35.46 7.38 -13.86
N SER A 681 35.45 6.53 -14.88
CA SER A 681 34.21 6.07 -15.49
C SER A 681 34.53 4.89 -16.40
N ALA A 682 33.46 4.21 -16.83
CA ALA A 682 33.59 3.06 -17.74
C ALA A 682 32.20 2.59 -18.15
N GLY A 683 31.98 2.43 -19.45
CA GLY A 683 30.70 1.93 -19.93
C GLY A 683 30.64 0.41 -19.94
N LEU A 684 29.45 -0.12 -19.67
CA LEU A 684 29.22 -1.57 -19.65
C LEU A 684 28.44 -2.08 -20.85
N GLN A 685 27.75 -1.20 -21.59
CA GLN A 685 27.16 -1.55 -22.88
C GLN A 685 26.17 -2.71 -22.74
N LYS A 686 25.40 -2.67 -21.66
CA LYS A 686 24.33 -3.63 -21.39
C LYS A 686 24.84 -5.05 -21.19
N ALA A 687 26.14 -5.23 -20.94
CA ALA A 687 26.66 -6.56 -20.69
C ALA A 687 26.04 -7.11 -19.40
N PRO A 688 25.75 -8.41 -19.33
CA PRO A 688 25.23 -8.98 -18.07
C PRO A 688 26.23 -8.81 -16.93
N VAL A 689 25.71 -8.39 -15.77
CA VAL A 689 26.48 -8.17 -14.55
C VAL A 689 25.75 -8.81 -13.38
N LYS A 690 26.49 -9.56 -12.56
CA LYS A 690 26.00 -9.92 -11.24
C LYS A 690 27.06 -9.59 -10.19
N PHE A 691 28.34 -9.68 -10.56
CA PHE A 691 29.46 -9.38 -9.70
C PHE A 691 30.29 -8.25 -10.29
N VAL A 692 30.77 -7.36 -9.42
CA VAL A 692 31.77 -6.35 -9.75
C VAL A 692 32.92 -6.51 -8.77
N ARG A 693 34.13 -6.22 -9.24
CA ARG A 693 35.32 -6.32 -8.40
C ARG A 693 36.32 -5.27 -8.85
N PHE A 694 37.03 -4.69 -7.88
CA PHE A 694 38.08 -3.73 -8.15
C PHE A 694 39.38 -4.12 -7.45
N GLN A 708 33.41 7.96 -4.16
CA GLN A 708 32.26 7.48 -4.92
C GLN A 708 32.54 6.14 -5.60
N PHE A 709 31.55 5.25 -5.57
CA PHE A 709 31.69 3.92 -6.17
C PHE A 709 30.27 3.43 -6.48
N VAL A 710 29.86 3.53 -7.74
CA VAL A 710 28.47 3.32 -8.13
C VAL A 710 28.39 2.48 -9.39
N LEU A 711 27.56 1.44 -9.35
CA LEU A 711 27.17 0.66 -10.52
C LEU A 711 25.74 1.05 -10.90
N THR A 712 25.54 1.38 -12.17
CA THR A 712 24.22 1.65 -12.71
C THR A 712 23.82 0.48 -13.62
N ILE A 713 22.58 0.00 -13.45
CA ILE A 713 22.06 -1.14 -14.18
C ILE A 713 20.73 -0.75 -14.78
N GLU A 714 20.27 -1.54 -15.75
CA GLU A 714 19.04 -1.27 -16.46
C GLU A 714 17.85 -1.81 -15.70
N LYS A 715 16.73 -1.09 -15.76
CA LYS A 715 15.48 -1.56 -15.18
C LYS A 715 14.29 -1.10 -16.01
N VAL B 3 11.93 -38.42 9.45
CA VAL B 3 11.59 -38.04 8.07
C VAL B 3 10.14 -38.44 7.73
N SER B 4 9.27 -37.43 7.49
CA SER B 4 7.87 -37.66 7.15
C SER B 4 7.71 -37.77 5.63
N LEU B 5 7.93 -38.98 5.13
CA LEU B 5 7.70 -39.29 3.71
C LEU B 5 6.27 -38.99 3.28
N GLN B 6 6.14 -38.26 2.17
CA GLN B 6 4.83 -37.92 1.62
C GLN B 6 4.81 -38.18 0.13
N PRO B 7 3.81 -38.96 -0.36
CA PRO B 7 2.84 -39.74 0.41
C PRO B 7 3.56 -40.81 1.23
N PRO B 8 2.98 -41.28 2.33
CA PRO B 8 3.63 -42.32 3.11
C PRO B 8 3.56 -43.65 2.37
N PRO B 9 4.65 -44.40 2.33
CA PRO B 9 4.66 -45.66 1.54
C PRO B 9 3.73 -46.72 2.10
N GLN B 10 3.35 -47.66 1.23
CA GLN B 10 2.48 -48.77 1.65
C GLN B 10 3.16 -49.60 2.73
N GLN B 11 4.43 -49.93 2.53
CA GLN B 11 5.16 -50.76 3.48
C GLN B 11 6.55 -50.17 3.70
N LEU B 12 6.96 -50.10 4.94
CA LEU B 12 8.20 -49.40 5.29
C LEU B 12 8.79 -50.04 6.53
N ILE B 13 10.05 -50.47 6.43
CA ILE B 13 10.81 -50.99 7.56
C ILE B 13 12.06 -50.11 7.69
N VAL B 14 12.24 -49.52 8.86
CA VAL B 14 13.31 -48.57 9.11
C VAL B 14 14.20 -49.15 10.19
N GLN B 15 15.52 -49.06 9.98
CA GLN B 15 16.52 -49.40 10.97
C GLN B 15 17.04 -48.11 11.59
N ASN B 16 17.33 -48.16 12.89
CA ASN B 16 17.92 -47.01 13.57
C ASN B 16 19.41 -46.91 13.25
N LYS B 17 19.69 -46.82 11.95
CA LYS B 17 21.04 -46.77 11.44
C LYS B 17 21.11 -45.72 10.35
N THR B 18 22.28 -45.09 10.22
CA THR B 18 22.48 -44.00 9.27
C THR B 18 23.64 -44.32 8.35
N ILE B 19 23.45 -44.02 7.07
CA ILE B 19 24.48 -44.14 6.04
C ILE B 19 24.77 -42.75 5.51
N ASP B 20 26.03 -42.50 5.14
CA ASP B 20 26.39 -41.27 4.46
C ASP B 20 26.16 -41.42 2.97
N LEU B 21 25.68 -40.35 2.33
CA LEU B 21 25.56 -40.35 0.89
C LEU B 21 26.94 -40.61 0.29
N PRO B 22 27.10 -41.59 -0.61
CA PRO B 22 28.45 -42.02 -1.02
C PRO B 22 29.19 -40.93 -1.80
N ALA B 23 30.36 -40.53 -1.27
CA ALA B 23 31.23 -39.63 -2.01
C ALA B 23 31.64 -40.23 -3.35
N VAL B 24 31.87 -41.53 -3.37
CA VAL B 24 32.16 -42.29 -4.57
C VAL B 24 31.13 -43.40 -4.67
N TYR B 25 30.53 -43.55 -5.85
CA TYR B 25 29.49 -44.55 -6.04
C TYR B 25 29.62 -45.20 -7.42
N GLN B 26 29.11 -46.42 -7.53
CA GLN B 26 28.99 -47.12 -8.81
C GLN B 26 27.52 -47.21 -9.16
N LEU B 27 27.20 -46.92 -10.43
CA LEU B 27 25.82 -46.92 -10.90
C LEU B 27 25.58 -48.11 -11.80
N ASN B 28 24.51 -48.86 -11.53
CA ASN B 28 24.12 -50.03 -12.29
C ASN B 28 22.73 -49.76 -12.87
N GLY B 29 22.65 -49.66 -14.21
CA GLY B 29 21.38 -49.50 -14.89
C GLY B 29 21.03 -48.11 -15.37
N GLY B 30 22.00 -47.18 -15.42
CA GLY B 30 21.70 -45.86 -15.95
C GLY B 30 21.30 -45.86 -17.41
N GLU B 31 21.67 -46.91 -18.15
CA GLU B 31 21.40 -46.95 -19.58
C GLU B 31 20.07 -47.64 -19.91
N GLU B 32 19.48 -48.39 -18.98
CA GLU B 32 18.22 -49.07 -19.24
C GLU B 32 17.07 -48.60 -18.36
N ALA B 33 17.33 -47.76 -17.36
CA ALA B 33 16.27 -47.27 -16.49
C ALA B 33 15.59 -46.05 -17.11
N ASN B 34 14.41 -45.72 -16.60
CA ASN B 34 13.64 -44.54 -16.99
C ASN B 34 14.56 -43.33 -17.05
N PRO B 35 14.82 -42.78 -18.24
CA PRO B 35 15.64 -41.54 -18.31
C PRO B 35 15.18 -40.44 -17.38
N HIS B 36 13.87 -40.29 -17.16
CA HIS B 36 13.40 -39.24 -16.25
C HIS B 36 13.82 -39.52 -14.82
N ALA B 37 13.90 -40.81 -14.44
CA ALA B 37 14.38 -41.15 -13.11
C ALA B 37 15.89 -41.01 -13.01
N VAL B 38 16.62 -41.43 -14.04
CA VAL B 38 18.08 -41.31 -14.01
C VAL B 38 18.51 -39.86 -13.84
N LYS B 39 17.74 -38.92 -14.40
CA LYS B 39 18.10 -37.51 -14.32
C LYS B 39 17.99 -37.00 -12.87
N VAL B 40 16.88 -37.31 -12.20
CA VAL B 40 16.74 -36.97 -10.79
C VAL B 40 17.89 -37.57 -9.99
N LEU B 41 18.26 -38.82 -10.28
CA LEU B 41 19.31 -39.46 -9.49
C LEU B 41 20.62 -38.71 -9.62
N LYS B 42 21.06 -38.44 -10.85
CA LYS B 42 22.36 -37.82 -11.04
C LYS B 42 22.37 -36.37 -10.57
N GLU B 43 21.21 -35.72 -10.50
CA GLU B 43 21.14 -34.42 -9.85
C GLU B 43 21.29 -34.56 -8.34
N LEU B 44 20.64 -35.56 -7.75
CA LEU B 44 20.79 -35.80 -6.32
C LEU B 44 22.24 -36.14 -5.98
N LEU B 45 22.90 -36.91 -6.84
CA LEU B 45 24.24 -37.41 -6.54
C LEU B 45 25.30 -36.39 -6.94
N SER B 46 26.32 -36.29 -6.09
CA SER B 46 27.52 -35.55 -6.41
C SER B 46 28.71 -36.37 -5.91
N GLY B 47 29.88 -36.02 -6.41
CA GLY B 47 31.03 -36.89 -6.28
C GLY B 47 31.14 -37.83 -7.47
N LYS B 48 32.36 -38.30 -7.69
CA LYS B 48 32.65 -39.08 -8.88
C LYS B 48 31.86 -40.37 -8.92
N GLN B 49 31.32 -40.69 -10.09
CA GLN B 49 30.89 -42.05 -10.37
C GLN B 49 32.11 -42.88 -10.73
N SER B 50 32.22 -44.05 -10.13
CA SER B 50 33.35 -44.94 -10.35
C SER B 50 32.84 -46.36 -10.50
N SER B 51 33.37 -47.07 -11.49
CA SER B 51 33.22 -48.51 -11.56
C SER B 51 34.31 -49.23 -10.78
N LYS B 52 35.31 -48.49 -10.29
CA LYS B 52 36.43 -49.10 -9.59
C LYS B 52 36.11 -49.35 -8.12
N LYS B 53 35.26 -48.53 -7.52
CA LYS B 53 35.00 -48.63 -6.09
C LYS B 53 33.84 -47.70 -5.74
N GLY B 54 33.48 -47.71 -4.46
CA GLY B 54 32.34 -46.96 -3.97
C GLY B 54 31.10 -47.80 -3.86
N MET B 55 30.06 -47.19 -3.30
CA MET B 55 28.82 -47.89 -3.06
C MET B 55 28.07 -48.14 -4.37
N LEU B 56 27.46 -49.32 -4.48
CA LEU B 56 26.70 -49.68 -5.66
C LEU B 56 25.30 -49.11 -5.56
N ILE B 57 24.85 -48.44 -6.62
CA ILE B 57 23.48 -47.97 -6.75
C ILE B 57 22.89 -48.65 -7.99
N SER B 58 21.81 -49.40 -7.81
CA SER B 58 21.14 -50.08 -8.90
C SER B 58 19.80 -49.40 -9.18
N ILE B 59 19.55 -49.07 -10.44
CA ILE B 59 18.31 -48.42 -10.83
C ILE B 59 17.78 -49.13 -12.07
N GLY B 60 16.47 -49.33 -12.12
CA GLY B 60 15.87 -49.95 -13.29
C GLY B 60 14.45 -50.37 -13.02
N GLU B 61 13.82 -50.87 -14.07
CA GLU B 61 12.48 -51.43 -14.04
C GLU B 61 12.55 -52.95 -14.03
N LYS B 62 11.49 -53.57 -13.50
CA LYS B 62 11.30 -55.01 -13.59
C LYS B 62 11.51 -55.47 -15.03
N GLY B 63 12.46 -56.40 -15.22
CA GLY B 63 12.86 -56.85 -16.53
C GLY B 63 14.26 -56.41 -16.93
N ASP B 64 14.72 -55.27 -16.41
CA ASP B 64 16.09 -54.84 -16.63
C ASP B 64 17.07 -55.73 -15.87
N LYS B 65 18.20 -56.04 -16.49
CA LYS B 65 19.24 -56.82 -15.84
C LYS B 65 19.71 -56.16 -14.55
N SER B 66 19.61 -54.83 -14.49
CA SER B 66 20.17 -54.08 -13.36
C SER B 66 19.46 -54.38 -12.05
N VAL B 67 18.19 -54.78 -12.09
CA VAL B 67 17.42 -55.05 -10.87
C VAL B 67 16.91 -56.49 -10.83
N ARG B 68 17.52 -57.37 -11.64
CA ARG B 68 17.14 -58.78 -11.63
C ARG B 68 17.17 -59.36 -10.22
N LYS B 69 18.26 -59.08 -9.50
CA LYS B 69 18.45 -59.59 -8.15
C LYS B 69 17.25 -59.28 -7.23
N TYR B 70 16.64 -58.12 -7.40
CA TYR B 70 15.57 -57.69 -6.50
C TYR B 70 14.19 -57.82 -7.15
N SER B 71 14.08 -58.54 -8.26
CA SER B 71 12.87 -58.46 -9.06
C SER B 71 11.67 -59.06 -8.34
N ARG B 72 11.88 -59.99 -7.42
CA ARG B 72 10.80 -60.55 -6.65
C ARG B 72 10.39 -59.67 -5.48
N GLN B 73 11.13 -58.60 -5.20
CA GLN B 73 10.74 -57.62 -4.20
C GLN B 73 9.90 -56.49 -4.77
N ILE B 74 9.87 -56.34 -6.10
CA ILE B 74 9.16 -55.22 -6.73
C ILE B 74 7.67 -55.54 -6.66
N PRO B 75 6.85 -54.69 -6.04
CA PRO B 75 5.42 -54.98 -6.00
C PRO B 75 4.83 -55.09 -7.41
N ASP B 76 3.90 -56.03 -7.57
CA ASP B 76 3.26 -56.29 -8.85
C ASP B 76 2.02 -55.40 -9.03
N HIS B 77 2.27 -54.09 -9.08
CA HIS B 77 1.24 -53.06 -9.23
C HIS B 77 1.75 -51.99 -10.19
N LYS B 78 0.87 -51.49 -11.05
CA LYS B 78 1.24 -50.31 -11.83
C LYS B 78 1.72 -49.19 -10.91
N GLU B 79 2.85 -48.58 -11.30
CA GLU B 79 3.50 -47.48 -10.60
C GLU B 79 4.12 -47.90 -9.26
N GLY B 80 4.26 -49.19 -9.01
CA GLY B 80 4.92 -49.65 -7.80
C GLY B 80 6.42 -49.66 -7.92
N TYR B 81 7.08 -49.82 -6.77
CA TYR B 81 8.53 -49.83 -6.74
C TYR B 81 9.01 -50.43 -5.43
N TYR B 82 10.24 -50.94 -5.48
CA TYR B 82 11.01 -51.36 -4.33
C TYR B 82 12.16 -50.38 -4.13
N LEU B 83 12.38 -50.00 -2.87
CA LEU B 83 13.49 -49.11 -2.52
C LEU B 83 14.19 -49.69 -1.31
N SER B 84 15.52 -49.76 -1.37
CA SER B 84 16.33 -50.27 -0.28
C SER B 84 17.57 -49.41 -0.11
N VAL B 85 17.91 -49.13 1.14
CA VAL B 85 19.16 -48.45 1.49
C VAL B 85 19.79 -49.25 2.62
N ASN B 86 21.05 -49.61 2.46
CA ASN B 86 21.82 -50.19 3.56
C ASN B 86 23.29 -49.84 3.37
N GLU B 87 24.12 -50.39 4.27
CA GLU B 87 25.55 -50.11 4.26
C GLU B 87 26.23 -50.53 2.96
N LYS B 88 25.63 -51.47 2.22
CA LYS B 88 26.27 -52.09 1.07
C LYS B 88 25.83 -51.52 -0.27
N GLU B 89 24.56 -51.13 -0.40
CA GLU B 89 24.06 -50.71 -1.70
C GLU B 89 22.71 -50.02 -1.57
N ILE B 90 22.34 -49.32 -2.63
CA ILE B 90 21.04 -48.65 -2.78
C ILE B 90 20.34 -49.28 -3.98
N VAL B 91 19.04 -49.56 -3.83
CA VAL B 91 18.24 -50.17 -4.88
C VAL B 91 17.03 -49.28 -5.14
N LEU B 92 16.80 -48.96 -6.41
CA LEU B 92 15.68 -48.12 -6.85
C LEU B 92 15.06 -48.84 -8.03
N ALA B 93 14.01 -49.63 -7.77
CA ALA B 93 13.52 -50.61 -8.74
C ALA B 93 12.00 -50.50 -8.88
N GLY B 94 11.56 -50.01 -10.04
CA GLY B 94 10.14 -49.89 -10.29
C GLY B 94 9.55 -51.11 -10.96
N ASN B 95 8.24 -51.28 -10.79
CA ASN B 95 7.53 -52.27 -11.58
C ASN B 95 7.47 -51.85 -13.03
N ASP B 96 7.49 -50.55 -13.29
CA ASP B 96 7.43 -49.96 -14.62
C ASP B 96 8.18 -48.63 -14.53
N GLU B 97 8.28 -47.92 -15.65
CA GLU B 97 9.12 -46.72 -15.68
C GLU B 97 8.60 -45.67 -14.72
N ARG B 98 7.28 -45.50 -14.65
CA ARG B 98 6.76 -44.51 -13.72
C ARG B 98 7.06 -44.91 -12.28
N GLY B 99 7.07 -46.22 -11.99
CA GLY B 99 7.44 -46.69 -10.66
C GLY B 99 8.86 -46.33 -10.27
N THR B 100 9.79 -46.41 -11.21
CA THR B 100 11.18 -46.04 -10.91
C THR B 100 11.30 -44.58 -10.57
N TYR B 101 10.52 -43.75 -11.26
CA TYR B 101 10.52 -42.31 -11.00
C TYR B 101 9.98 -42.04 -9.62
N TYR B 102 8.91 -42.74 -9.23
CA TYR B 102 8.35 -42.60 -7.90
C TYR B 102 9.31 -43.08 -6.83
N ALA B 103 10.12 -44.10 -7.11
CA ALA B 103 11.14 -44.51 -6.16
C ALA B 103 12.14 -43.40 -5.92
N LEU B 104 12.52 -42.69 -6.99
CA LEU B 104 13.44 -41.57 -6.84
C LEU B 104 12.82 -40.42 -6.05
N GLN B 105 11.51 -40.18 -6.19
CA GLN B 105 10.89 -39.11 -5.43
C GLN B 105 10.84 -39.43 -3.92
N THR B 106 10.66 -40.71 -3.58
CA THR B 106 10.81 -41.12 -2.19
C THR B 106 12.26 -40.99 -1.74
N PHE B 107 13.19 -41.46 -2.57
CA PHE B 107 14.60 -41.40 -2.23
C PHE B 107 15.06 -39.96 -1.98
N ALA B 108 14.56 -39.01 -2.77
CA ALA B 108 14.98 -37.62 -2.60
C ALA B 108 14.59 -37.08 -1.24
N GLN B 109 13.49 -37.57 -0.67
CA GLN B 109 13.04 -37.16 0.65
C GLN B 109 13.84 -37.82 1.77
N LEU B 110 14.42 -38.99 1.53
CA LEU B 110 15.23 -39.65 2.56
C LEU B 110 16.51 -38.87 2.80
N LEU B 111 17.03 -38.21 1.77
CA LEU B 111 18.33 -37.55 1.82
C LEU B 111 18.24 -36.29 2.67
N LYS B 112 18.87 -36.33 3.84
CA LYS B 112 18.92 -35.18 4.76
C LYS B 112 20.38 -34.88 5.10
N ASP B 113 20.80 -33.63 4.85
CA ASP B 113 22.15 -33.13 5.08
C ASP B 113 23.22 -34.15 4.70
N GLY B 114 23.03 -34.82 3.57
CA GLY B 114 24.04 -35.74 3.06
C GLY B 114 24.06 -37.09 3.73
N LYS B 115 23.00 -37.47 4.43
CA LYS B 115 22.91 -38.77 5.09
C LYS B 115 21.58 -39.42 4.73
N LEU B 116 21.56 -40.74 4.85
CA LEU B 116 20.40 -41.56 4.52
C LEU B 116 20.10 -42.54 5.64
N PRO B 117 18.83 -42.86 5.86
CA PRO B 117 18.51 -43.94 6.80
C PRO B 117 18.54 -45.29 6.12
N GLU B 118 19.00 -46.29 6.86
CA GLU B 118 18.86 -47.66 6.42
C GLU B 118 17.39 -48.03 6.40
N VAL B 119 16.84 -48.33 5.21
CA VAL B 119 15.40 -48.47 5.05
C VAL B 119 15.08 -49.48 3.94
N GLU B 120 13.89 -50.06 4.03
CA GLU B 120 13.36 -50.93 3.00
C GLU B 120 11.91 -50.57 2.76
N ILE B 121 11.54 -50.35 1.49
CA ILE B 121 10.24 -49.81 1.12
C ILE B 121 9.65 -50.63 -0.03
N LYS B 122 8.40 -51.06 0.13
CA LYS B 122 7.57 -51.57 -0.97
C LYS B 122 6.35 -50.66 -1.05
N ASP B 123 6.11 -50.08 -2.23
CA ASP B 123 5.16 -48.99 -2.37
C ASP B 123 4.44 -49.06 -3.72
N TYR B 124 3.24 -48.51 -3.72
CA TYR B 124 2.35 -48.47 -4.87
C TYR B 124 1.13 -47.62 -4.48
N PRO B 125 0.41 -47.05 -5.46
CA PRO B 125 -0.75 -46.22 -5.15
C PRO B 125 -2.02 -47.04 -4.93
N SER B 126 -2.85 -46.59 -3.99
CA SER B 126 -4.14 -47.24 -3.78
C SER B 126 -5.19 -46.78 -4.79
N VAL B 127 -5.05 -45.59 -5.35
CA VAL B 127 -5.99 -45.07 -6.35
C VAL B 127 -5.23 -44.87 -7.67
N ARG B 128 -5.85 -45.28 -8.78
CA ARG B 128 -5.14 -45.38 -10.06
C ARG B 128 -4.79 -44.00 -10.64
N TYR B 129 -5.75 -43.09 -10.69
CA TYR B 129 -5.51 -41.73 -11.19
C TYR B 129 -5.64 -40.72 -10.06
N ARG B 130 -4.62 -39.89 -9.91
CA ARG B 130 -4.49 -38.97 -8.78
C ARG B 130 -3.94 -37.66 -9.31
N GLY B 131 -4.64 -36.57 -9.03
CA GLY B 131 -4.06 -35.32 -9.43
C GLY B 131 -4.96 -34.12 -9.27
N VAL B 132 -4.92 -33.24 -10.28
CA VAL B 132 -5.56 -31.93 -10.24
C VAL B 132 -6.34 -31.70 -11.53
N VAL B 133 -7.55 -31.15 -11.41
CA VAL B 133 -8.29 -30.62 -12.56
C VAL B 133 -8.34 -29.11 -12.43
N GLU B 134 -7.74 -28.41 -13.39
CA GLU B 134 -7.90 -26.97 -13.52
C GLU B 134 -9.25 -26.73 -14.16
N GLY B 135 -10.30 -26.76 -13.32
CA GLY B 135 -11.68 -26.75 -13.81
C GLY B 135 -12.56 -25.64 -13.26
N PHE B 136 -11.96 -24.60 -12.71
CA PHE B 136 -12.69 -23.56 -12.01
C PHE B 136 -13.06 -22.40 -12.93
N TYR B 137 -13.95 -21.53 -12.42
CA TYR B 137 -14.26 -20.25 -13.03
C TYR B 137 -13.29 -19.20 -12.48
N GLY B 138 -12.84 -18.30 -13.36
CA GLY B 138 -11.97 -17.21 -12.99
C GLY B 138 -10.76 -17.18 -13.88
N THR B 139 -9.79 -16.35 -13.53
CA THR B 139 -8.58 -16.21 -14.32
C THR B 139 -7.84 -17.53 -14.38
N PRO B 140 -7.67 -18.12 -15.56
CA PRO B 140 -6.91 -19.36 -15.66
C PRO B 140 -5.49 -19.17 -15.12
N TRP B 141 -4.93 -20.27 -14.63
CA TRP B 141 -3.53 -20.27 -14.18
C TRP B 141 -2.62 -19.76 -15.29
N SER B 142 -1.60 -18.98 -14.89
CA SER B 142 -0.61 -18.52 -15.84
C SER B 142 0.23 -19.70 -16.34
N HIS B 143 0.91 -19.49 -17.47
CA HIS B 143 1.79 -20.51 -17.99
C HIS B 143 2.88 -20.87 -16.97
N GLN B 144 3.48 -19.87 -16.34
CA GLN B 144 4.53 -20.13 -15.35
C GLN B 144 3.97 -20.89 -14.16
N ALA B 145 2.77 -20.53 -13.71
CA ALA B 145 2.12 -21.29 -12.64
C ALA B 145 1.97 -22.75 -13.02
N ARG B 146 1.49 -23.03 -14.23
CA ARG B 146 1.27 -24.41 -14.65
C ARG B 146 2.57 -25.20 -14.72
N LEU B 147 3.65 -24.59 -15.20
CA LEU B 147 4.94 -25.28 -15.18
C LEU B 147 5.32 -25.68 -13.76
N SER B 148 5.11 -24.76 -12.80
CA SER B 148 5.44 -25.05 -11.41
C SER B 148 4.57 -26.17 -10.86
N GLN B 149 3.29 -26.16 -11.23
CA GLN B 149 2.37 -27.19 -10.75
C GLN B 149 2.82 -28.59 -11.19
N LEU B 150 3.21 -28.74 -12.47
CA LEU B 150 3.55 -30.05 -13.01
C LEU B 150 4.78 -30.63 -12.32
N LYS B 151 5.77 -29.78 -12.01
CA LYS B 151 6.91 -30.26 -11.26
C LYS B 151 6.48 -30.75 -9.88
N PHE B 152 5.55 -30.01 -9.27
CA PHE B 152 5.04 -30.34 -7.95
C PHE B 152 4.28 -31.66 -7.96
N TYR B 153 3.51 -31.91 -9.03
CA TYR B 153 2.75 -33.15 -9.11
C TYR B 153 3.70 -34.34 -9.15
N GLY B 154 4.72 -34.27 -10.01
CA GLY B 154 5.68 -35.36 -10.10
C GLY B 154 6.31 -35.68 -8.75
N LYS B 155 6.65 -34.64 -7.98
CA LYS B 155 7.30 -34.84 -6.68
C LYS B 155 6.38 -35.55 -5.71
N ASN B 156 5.06 -35.35 -5.84
CA ASN B 156 4.10 -35.95 -4.93
C ASN B 156 3.32 -37.08 -5.57
N LYS B 157 3.81 -37.61 -6.69
CA LYS B 157 3.32 -38.84 -7.30
C LYS B 157 1.89 -38.68 -7.78
N MET B 158 1.50 -37.45 -8.14
CA MET B 158 0.25 -37.22 -8.83
C MET B 158 0.50 -37.42 -10.32
N ASN B 159 -0.28 -38.30 -10.94
CA ASN B 159 -0.05 -38.69 -12.33
C ASN B 159 -1.06 -38.09 -13.30
N THR B 160 -1.88 -37.13 -12.85
CA THR B 160 -2.98 -36.62 -13.67
C THR B 160 -3.15 -35.12 -13.50
N TYR B 161 -3.10 -34.41 -14.62
CA TYR B 161 -3.45 -32.99 -14.68
C TYR B 161 -4.48 -32.83 -15.78
N ILE B 162 -5.70 -32.44 -15.43
CA ILE B 162 -6.78 -32.27 -16.38
C ILE B 162 -6.93 -30.77 -16.63
N TYR B 163 -6.64 -30.36 -17.87
CA TYR B 163 -6.75 -28.97 -18.30
C TYR B 163 -8.19 -28.68 -18.71
N GLY B 164 -8.87 -27.83 -17.94
CA GLY B 164 -10.22 -27.42 -18.30
C GLY B 164 -10.70 -26.10 -17.69
N PRO B 165 -9.93 -25.03 -17.82
CA PRO B 165 -10.37 -23.74 -17.23
C PRO B 165 -11.64 -23.24 -17.90
N LYS B 166 -12.70 -23.06 -17.10
CA LYS B 166 -13.98 -22.66 -17.64
C LYS B 166 -13.91 -21.39 -18.50
N ASP B 167 -12.96 -20.51 -18.23
CA ASP B 167 -12.91 -19.23 -18.93
C ASP B 167 -11.88 -19.22 -20.07
N ASP B 168 -11.36 -20.37 -20.44
CA ASP B 168 -10.53 -20.47 -21.64
C ASP B 168 -11.45 -20.61 -22.84
N PRO B 169 -11.47 -19.63 -23.75
CA PRO B 169 -12.46 -19.66 -24.84
C PRO B 169 -12.19 -20.73 -25.88
N TYR B 170 -10.98 -21.33 -25.91
CA TYR B 170 -10.68 -22.46 -26.79
C TYR B 170 -10.97 -23.80 -26.13
N HIS B 171 -11.29 -23.79 -24.84
CA HIS B 171 -11.74 -24.97 -24.11
C HIS B 171 -13.26 -25.07 -24.12
N SER B 172 -13.95 -23.93 -23.99
CA SER B 172 -15.39 -23.91 -23.84
C SER B 172 -16.00 -23.01 -24.90
N ALA B 173 -17.17 -22.45 -24.61
CA ALA B 173 -17.76 -21.47 -25.52
C ALA B 173 -16.91 -20.20 -25.51
N PRO B 174 -16.81 -19.53 -26.67
CA PRO B 174 -17.47 -19.87 -27.94
C PRO B 174 -16.57 -20.64 -28.91
N ASN B 175 -15.28 -20.77 -28.62
CA ASN B 175 -14.30 -21.13 -29.64
C ASN B 175 -13.68 -22.52 -29.45
N TRP B 176 -14.40 -23.42 -28.79
CA TRP B 176 -13.93 -24.80 -28.66
C TRP B 176 -13.74 -25.47 -30.01
N ARG B 177 -14.39 -24.97 -31.06
CA ARG B 177 -14.24 -25.56 -32.40
C ARG B 177 -12.93 -25.17 -33.07
N LEU B 178 -12.22 -24.16 -32.55
CA LEU B 178 -11.07 -23.57 -33.22
C LEU B 178 -9.76 -24.04 -32.59
N PRO B 179 -8.73 -24.29 -33.39
CA PRO B 179 -7.41 -24.58 -32.82
C PRO B 179 -6.91 -23.41 -31.98
N TYR B 180 -6.05 -23.72 -31.02
CA TYR B 180 -5.44 -22.66 -30.24
C TYR B 180 -4.60 -21.77 -31.15
N PRO B 181 -4.49 -20.47 -30.88
CA PRO B 181 -3.54 -19.63 -31.61
C PRO B 181 -2.11 -20.08 -31.35
N ASP B 182 -1.21 -19.62 -32.23
CA ASP B 182 0.17 -20.10 -32.22
C ASP B 182 0.83 -19.97 -30.86
N LYS B 183 0.67 -18.81 -30.20
CA LYS B 183 1.34 -18.59 -28.92
C LYS B 183 0.89 -19.61 -27.90
N GLU B 184 -0.44 -19.74 -27.71
CA GLU B 184 -0.96 -20.67 -26.73
C GLU B 184 -0.66 -22.12 -27.11
N ALA B 185 -0.56 -22.40 -28.41
CA ALA B 185 -0.29 -23.76 -28.85
C ALA B 185 1.13 -24.17 -28.47
N ALA B 186 2.10 -23.27 -28.68
CA ALA B 186 3.46 -23.56 -28.27
C ALA B 186 3.58 -23.67 -26.75
N GLN B 187 2.78 -22.90 -26.01
CA GLN B 187 2.78 -23.04 -24.56
C GLN B 187 2.23 -24.40 -24.15
N LEU B 188 1.10 -24.83 -24.73
CA LEU B 188 0.54 -26.12 -24.38
C LEU B 188 1.50 -27.25 -24.78
N GLN B 189 2.17 -27.10 -25.91
CA GLN B 189 3.19 -28.08 -26.31
C GLN B 189 4.30 -28.17 -25.26
N GLU B 190 4.72 -27.03 -24.70
CA GLU B 190 5.72 -27.07 -23.64
C GLU B 190 5.15 -27.72 -22.38
N LEU B 191 3.90 -27.42 -22.04
CA LEU B 191 3.31 -28.02 -20.86
C LEU B 191 3.27 -29.53 -20.98
N VAL B 192 2.91 -30.04 -22.17
CA VAL B 192 2.87 -31.49 -22.36
C VAL B 192 4.26 -32.09 -22.18
N ALA B 193 5.28 -31.44 -22.74
CA ALA B 193 6.64 -31.94 -22.60
C ALA B 193 7.06 -31.99 -21.14
N VAL B 194 6.73 -30.95 -20.39
CA VAL B 194 7.09 -30.92 -18.97
C VAL B 194 6.29 -31.95 -18.20
N ALA B 195 5.02 -32.11 -18.55
CA ALA B 195 4.22 -33.15 -17.92
C ALA B 195 4.84 -34.53 -18.15
N ASN B 196 5.25 -34.81 -19.40
CA ASN B 196 5.86 -36.09 -19.70
C ASN B 196 7.11 -36.32 -18.85
N GLU B 197 7.97 -35.30 -18.74
CA GLU B 197 9.19 -35.38 -17.93
C GLU B 197 8.90 -35.63 -16.46
N ASN B 198 7.71 -35.29 -15.98
CA ASN B 198 7.36 -35.42 -14.58
C ASN B 198 6.36 -36.54 -14.35
N GLU B 199 6.18 -37.42 -15.35
CA GLU B 199 5.31 -38.60 -15.27
C GLU B 199 3.86 -38.23 -14.97
N VAL B 200 3.41 -37.13 -15.57
CA VAL B 200 2.03 -36.67 -15.44
C VAL B 200 1.34 -36.84 -16.78
N ASP B 201 0.20 -37.54 -16.80
CA ASP B 201 -0.71 -37.53 -17.94
C ASP B 201 -1.36 -36.16 -18.06
N PHE B 202 -1.04 -35.42 -19.13
CA PHE B 202 -1.73 -34.17 -19.43
C PHE B 202 -3.04 -34.52 -20.14
N VAL B 203 -4.16 -34.30 -19.47
CA VAL B 203 -5.49 -34.58 -20.02
C VAL B 203 -6.09 -33.25 -20.51
N TRP B 204 -6.25 -33.10 -21.83
CA TRP B 204 -6.90 -31.91 -22.38
C TRP B 204 -8.40 -32.16 -22.47
N ALA B 205 -9.18 -31.34 -21.76
CA ALA B 205 -10.63 -31.43 -21.79
C ALA B 205 -11.21 -30.42 -22.76
N ILE B 206 -12.40 -30.72 -23.25
CA ILE B 206 -13.16 -29.82 -24.09
C ILE B 206 -14.56 -29.71 -23.51
N HIS B 207 -15.18 -28.53 -23.65
CA HIS B 207 -16.42 -28.18 -22.97
C HIS B 207 -17.38 -27.60 -24.00
N PRO B 208 -17.95 -28.46 -24.86
CA PRO B 208 -18.70 -27.98 -26.04
C PRO B 208 -20.21 -27.94 -25.85
N GLY B 209 -20.71 -28.24 -24.66
CA GLY B 209 -22.10 -28.63 -24.52
C GLY B 209 -23.11 -27.51 -24.69
N GLN B 210 -22.71 -26.27 -24.42
CA GLN B 210 -23.73 -25.22 -24.42
C GLN B 210 -24.30 -24.96 -25.82
N ASP B 211 -23.49 -25.14 -26.87
CA ASP B 211 -23.97 -24.89 -28.23
C ASP B 211 -23.69 -26.04 -29.19
N ILE B 212 -23.34 -27.24 -28.69
CA ILE B 212 -23.10 -28.34 -29.61
C ILE B 212 -24.39 -28.68 -30.34
N LYS B 213 -24.25 -29.02 -31.63
CA LYS B 213 -25.32 -29.64 -32.40
C LYS B 213 -25.00 -31.11 -32.57
N TRP B 214 -26.02 -31.96 -32.45
CA TRP B 214 -25.84 -33.40 -32.62
C TRP B 214 -25.93 -33.78 -34.10
N ASN B 215 -24.95 -33.29 -34.86
CA ASN B 215 -24.85 -33.54 -36.29
C ASN B 215 -23.41 -33.90 -36.65
N LYS B 216 -23.16 -34.11 -37.93
CA LYS B 216 -21.83 -34.50 -38.38
C LYS B 216 -20.84 -33.34 -38.30
N GLU B 217 -21.31 -32.11 -38.50
CA GLU B 217 -20.39 -30.98 -38.56
C GLU B 217 -19.69 -30.77 -37.21
N ASP B 218 -20.46 -30.74 -36.12
CA ASP B 218 -19.86 -30.51 -34.80
C ASP B 218 -19.08 -31.74 -34.33
N ARG B 219 -19.57 -32.94 -34.65
CA ARG B 219 -18.83 -34.15 -34.30
C ARG B 219 -17.45 -34.14 -34.96
N ASP B 220 -17.42 -33.89 -36.27
CA ASP B 220 -16.16 -33.81 -36.98
C ASP B 220 -15.29 -32.67 -36.46
N LEU B 221 -15.89 -31.52 -36.15
CA LEU B 221 -15.10 -30.41 -35.61
C LEU B 221 -14.51 -30.75 -34.24
N LEU B 222 -15.26 -31.47 -33.41
CA LEU B 222 -14.69 -31.88 -32.12
C LEU B 222 -13.51 -32.82 -32.34
N LEU B 223 -13.65 -33.79 -33.24
CA LEU B 223 -12.55 -34.72 -33.49
C LEU B 223 -11.34 -34.01 -34.08
N ALA B 224 -11.59 -33.03 -34.97
CA ALA B 224 -10.51 -32.24 -35.57
C ALA B 224 -9.76 -31.44 -34.52
N LYS B 225 -10.45 -30.88 -33.53
CA LYS B 225 -9.77 -30.21 -32.43
C LYS B 225 -8.95 -31.20 -31.60
N PHE B 226 -9.49 -32.39 -31.34
CA PHE B 226 -8.71 -33.42 -30.65
C PHE B 226 -7.48 -33.78 -31.47
N GLU B 227 -7.63 -33.90 -32.78
CA GLU B 227 -6.47 -34.19 -33.63
C GLU B 227 -5.41 -33.09 -33.50
N LYS B 228 -5.82 -31.81 -33.46
CA LYS B 228 -4.84 -30.74 -33.28
C LYS B 228 -4.12 -30.83 -31.94
N MET B 229 -4.83 -31.16 -30.86
CA MET B 229 -4.17 -31.33 -29.57
C MET B 229 -3.21 -32.53 -29.59
N TYR B 230 -3.59 -33.61 -30.26
CA TYR B 230 -2.70 -34.75 -30.39
C TYR B 230 -1.39 -34.35 -31.05
N GLN B 231 -1.46 -33.46 -32.06
CA GLN B 231 -0.25 -32.96 -32.72
C GLN B 231 0.62 -32.11 -31.80
N LEU B 232 0.04 -31.51 -30.76
CA LEU B 232 0.83 -30.81 -29.74
C LEU B 232 1.37 -31.75 -28.66
N GLY B 233 1.05 -33.04 -28.74
CA GLY B 233 1.57 -34.03 -27.82
C GLY B 233 0.56 -34.58 -26.84
N VAL B 234 -0.69 -34.11 -26.88
CA VAL B 234 -1.69 -34.60 -25.93
C VAL B 234 -2.02 -36.06 -26.22
N ARG B 235 -2.07 -36.86 -25.17
CA ARG B 235 -2.38 -38.28 -25.28
C ARG B 235 -3.49 -38.72 -24.35
N SER B 236 -4.12 -37.79 -23.61
CA SER B 236 -5.28 -38.10 -22.81
C SER B 236 -6.30 -36.99 -23.02
N PHE B 237 -7.58 -37.38 -23.02
CA PHE B 237 -8.63 -36.48 -23.50
C PHE B 237 -9.86 -36.61 -22.61
N ALA B 238 -10.58 -35.50 -22.51
CA ALA B 238 -11.83 -35.46 -21.75
C ALA B 238 -12.86 -34.60 -22.46
N VAL B 239 -14.14 -34.95 -22.26
CA VAL B 239 -15.25 -34.15 -22.76
C VAL B 239 -16.14 -33.84 -21.56
N PHE B 240 -16.34 -32.55 -21.28
CA PHE B 240 -17.11 -32.07 -20.15
C PHE B 240 -18.49 -31.63 -20.61
N PHE B 241 -19.53 -32.06 -19.88
CA PHE B 241 -20.90 -31.64 -20.11
C PHE B 241 -21.51 -30.99 -18.87
N ASP B 242 -20.67 -30.36 -18.06
CA ASP B 242 -21.11 -29.79 -16.78
C ASP B 242 -21.56 -28.34 -16.96
N ASP B 243 -22.58 -27.96 -16.19
CA ASP B 243 -23.02 -26.57 -16.08
C ASP B 243 -23.49 -26.02 -17.44
N ILE B 244 -24.35 -26.79 -18.11
CA ILE B 244 -24.93 -26.41 -19.39
C ILE B 244 -26.42 -26.73 -19.36
N SER B 245 -27.15 -26.07 -20.24
CA SER B 245 -28.56 -26.37 -20.48
C SER B 245 -28.76 -26.59 -21.97
N GLY B 246 -29.86 -27.26 -22.29
CA GLY B 246 -30.26 -27.45 -23.67
C GLY B 246 -29.91 -28.82 -24.20
N GLU B 247 -29.87 -28.90 -25.53
CA GLU B 247 -29.73 -30.16 -26.23
C GLU B 247 -28.45 -30.90 -25.83
N GLY B 248 -27.42 -30.17 -25.43
CA GLY B 248 -26.18 -30.80 -24.99
C GLY B 248 -26.32 -31.71 -23.78
N THR B 249 -27.42 -31.61 -23.05
CA THR B 249 -27.61 -32.40 -21.84
C THR B 249 -28.11 -33.81 -22.13
N ASN B 250 -28.28 -34.17 -23.39
CA ASN B 250 -28.87 -35.45 -23.77
C ASN B 250 -27.92 -36.61 -23.49
N PRO B 251 -28.24 -37.51 -22.55
CA PRO B 251 -27.25 -38.54 -22.15
C PRO B 251 -26.91 -39.54 -23.25
N GLN B 252 -27.91 -39.95 -24.04
CA GLN B 252 -27.63 -40.91 -25.11
C GLN B 252 -26.74 -40.30 -26.18
N LYS B 253 -26.98 -39.03 -26.52
CA LYS B 253 -26.11 -38.35 -27.48
C LYS B 253 -24.70 -38.19 -26.91
N GLN B 254 -24.61 -37.82 -25.63
CA GLN B 254 -23.31 -37.73 -24.98
C GLN B 254 -22.58 -39.07 -25.05
N ALA B 255 -23.27 -40.15 -24.71
CA ALA B 255 -22.65 -41.47 -24.73
C ALA B 255 -22.22 -41.85 -26.14
N GLU B 256 -23.09 -41.63 -27.12
CA GLU B 256 -22.76 -41.97 -28.49
C GLU B 256 -21.53 -41.21 -28.97
N LEU B 257 -21.45 -39.91 -28.66
CA LEU B 257 -20.28 -39.12 -29.02
C LEU B 257 -19.01 -39.66 -28.37
N LEU B 258 -19.08 -39.98 -27.07
CA LEU B 258 -17.89 -40.50 -26.40
C LEU B 258 -17.49 -41.86 -26.96
N ASN B 259 -18.45 -42.74 -27.21
CA ASN B 259 -18.13 -44.04 -27.80
C ASN B 259 -17.55 -43.86 -29.19
N TYR B 260 -18.06 -42.89 -29.94
CA TYR B 260 -17.47 -42.57 -31.24
C TYR B 260 -16.02 -42.13 -31.08
N ILE B 261 -15.77 -41.18 -30.17
CA ILE B 261 -14.39 -40.75 -29.90
C ILE B 261 -13.55 -41.94 -29.50
N ASP B 262 -14.11 -42.82 -28.67
CA ASP B 262 -13.36 -43.99 -28.24
C ASP B 262 -12.98 -44.86 -29.43
N GLU B 263 -13.97 -45.24 -30.24
CA GLU B 263 -13.73 -46.25 -31.27
C GLU B 263 -12.93 -45.68 -32.45
N LYS B 264 -13.16 -44.42 -32.81
CA LYS B 264 -12.58 -43.83 -34.01
C LYS B 264 -11.29 -43.03 -33.76
N PHE B 265 -10.91 -42.78 -32.50
CA PHE B 265 -9.77 -41.93 -32.19
C PHE B 265 -8.92 -42.56 -31.09
N ALA B 266 -9.51 -42.77 -29.92
CA ALA B 266 -8.75 -43.35 -28.81
C ALA B 266 -8.23 -44.75 -29.16
N GLN B 267 -9.01 -45.55 -29.88
CA GLN B 267 -8.59 -46.90 -30.25
C GLN B 267 -7.74 -46.94 -31.51
N VAL B 268 -7.81 -45.90 -32.35
CA VAL B 268 -7.07 -45.90 -33.61
C VAL B 268 -5.65 -45.41 -33.40
N LYS B 269 -5.46 -44.36 -32.59
CA LYS B 269 -4.12 -43.95 -32.25
C LYS B 269 -3.42 -45.06 -31.44
N PRO B 270 -2.09 -45.14 -31.50
CA PRO B 270 -1.39 -46.22 -30.79
C PRO B 270 -1.11 -45.95 -29.32
N ASP B 271 -1.32 -44.73 -28.81
CA ASP B 271 -0.72 -44.34 -27.53
C ASP B 271 -1.58 -43.35 -26.73
N ILE B 272 -2.91 -43.43 -26.84
CA ILE B 272 -3.81 -42.63 -26.03
C ILE B 272 -4.07 -43.36 -24.70
N ASN B 273 -4.02 -42.62 -23.60
CA ASN B 273 -4.18 -43.21 -22.27
C ASN B 273 -5.60 -43.01 -21.74
N GLN B 274 -5.86 -41.90 -21.04
CA GLN B 274 -7.17 -41.72 -20.43
C GLN B 274 -8.17 -41.12 -21.42
N LEU B 275 -9.41 -41.60 -21.35
CA LEU B 275 -10.55 -40.95 -21.98
C LEU B 275 -11.63 -40.77 -20.92
N VAL B 276 -11.95 -39.51 -20.60
CA VAL B 276 -12.77 -39.16 -19.43
C VAL B 276 -13.95 -38.31 -19.90
N MET B 277 -15.10 -38.51 -19.27
CA MET B 277 -16.23 -37.64 -19.51
C MET B 277 -16.81 -37.19 -18.18
N CYS B 278 -17.39 -36.00 -18.18
N CYS B 278 -17.35 -35.96 -18.18
CA CYS B 278 -18.03 -35.48 -16.99
CA CYS B 278 -18.06 -35.37 -17.06
C CYS B 278 -19.50 -35.22 -17.29
C CYS B 278 -19.53 -35.29 -17.37
N PRO B 279 -20.43 -35.84 -16.55
CA PRO B 279 -21.85 -35.74 -16.86
C PRO B 279 -22.42 -34.37 -16.51
N THR B 280 -23.64 -34.14 -17.01
CA THR B 280 -24.39 -32.93 -16.69
C THR B 280 -24.97 -32.98 -15.27
N GLU B 281 -25.59 -34.09 -14.91
CA GLU B 281 -26.03 -34.34 -13.53
C GLU B 281 -24.86 -35.00 -12.81
N TYR B 282 -24.01 -34.19 -12.18
CA TYR B 282 -22.71 -34.65 -11.73
C TYR B 282 -22.59 -34.77 -10.22
N ASN B 283 -23.70 -34.65 -9.49
CA ASN B 283 -23.73 -34.92 -8.06
C ASN B 283 -25.14 -35.36 -7.72
N LYS B 284 -25.27 -36.01 -6.55
CA LYS B 284 -26.53 -36.67 -6.24
C LYS B 284 -27.67 -35.66 -6.13
N SER B 285 -27.40 -34.48 -5.55
CA SER B 285 -28.44 -33.48 -5.36
C SER B 285 -29.02 -33.01 -6.68
N TRP B 286 -28.19 -32.89 -7.71
CA TRP B 286 -28.62 -32.35 -8.99
C TRP B 286 -29.21 -33.40 -9.92
N SER B 287 -29.08 -34.69 -9.57
CA SER B 287 -29.65 -35.72 -10.42
C SER B 287 -31.14 -35.81 -10.15
N ASN B 288 -31.94 -35.93 -11.22
CA ASN B 288 -33.37 -36.06 -10.96
C ASN B 288 -33.71 -37.53 -10.70
N PRO B 289 -34.53 -37.81 -9.69
CA PRO B 289 -34.69 -39.21 -9.25
C PRO B 289 -35.36 -40.09 -10.28
N ASN B 290 -36.24 -39.53 -11.11
CA ASN B 290 -36.91 -40.29 -12.18
C ASN B 290 -36.48 -39.75 -13.54
N GLY B 291 -35.17 -39.54 -13.71
CA GLY B 291 -34.62 -38.97 -14.92
C GLY B 291 -33.86 -39.96 -15.77
N ASN B 292 -33.37 -41.03 -15.15
CA ASN B 292 -32.64 -42.09 -15.84
C ASN B 292 -31.38 -41.58 -16.55
N TYR B 293 -30.94 -40.36 -16.22
CA TYR B 293 -29.76 -39.81 -16.89
C TYR B 293 -28.51 -40.63 -16.57
N LEU B 294 -28.29 -40.93 -15.28
CA LEU B 294 -27.04 -41.57 -14.89
C LEU B 294 -27.01 -43.03 -15.32
N THR B 295 -28.13 -43.73 -15.25
CA THR B 295 -28.15 -45.13 -15.67
C THR B 295 -28.03 -45.27 -17.19
N THR B 296 -28.49 -44.25 -17.94
CA THR B 296 -28.27 -44.23 -19.39
C THR B 296 -26.78 -44.16 -19.70
N LEU B 297 -26.06 -43.22 -19.08
CA LEU B 297 -24.61 -43.18 -19.24
C LEU B 297 -23.96 -44.47 -18.77
N GLY B 298 -24.40 -44.98 -17.62
CA GLY B 298 -23.77 -46.18 -17.08
C GLY B 298 -23.87 -47.36 -18.01
N ASP B 299 -25.01 -47.52 -18.70
CA ASP B 299 -25.21 -48.69 -19.56
C ASP B 299 -24.62 -48.48 -20.95
N LYS B 300 -24.73 -47.26 -21.50
CA LYS B 300 -24.39 -47.02 -22.89
C LYS B 300 -22.94 -46.60 -23.11
N LEU B 301 -22.29 -46.03 -22.10
CA LEU B 301 -20.92 -45.57 -22.27
C LEU B 301 -19.97 -46.76 -22.25
N ASN B 302 -19.08 -46.84 -23.25
CA ASN B 302 -18.12 -47.94 -23.31
C ASN B 302 -17.42 -48.12 -21.97
N PRO B 303 -17.05 -49.35 -21.61
CA PRO B 303 -16.53 -49.59 -20.25
C PRO B 303 -15.19 -48.94 -19.95
N SER B 304 -14.36 -48.64 -20.94
CA SER B 304 -13.06 -48.04 -20.66
C SER B 304 -13.13 -46.54 -20.37
N ILE B 305 -14.29 -45.92 -20.54
CA ILE B 305 -14.42 -44.47 -20.41
C ILE B 305 -14.74 -44.14 -18.96
N GLN B 306 -13.96 -43.23 -18.37
CA GLN B 306 -14.20 -42.81 -17.00
C GLN B 306 -15.36 -41.81 -16.94
N ILE B 307 -16.07 -41.82 -15.81
CA ILE B 307 -17.16 -40.87 -15.55
C ILE B 307 -16.87 -40.15 -14.24
N MET B 308 -16.82 -38.82 -14.29
CA MET B 308 -16.53 -38.03 -13.10
C MET B 308 -17.80 -37.73 -12.30
N TRP B 309 -17.59 -37.30 -11.04
CA TRP B 309 -18.61 -37.16 -10.01
C TRP B 309 -18.03 -36.33 -8.87
N THR B 310 -18.82 -35.41 -8.32
CA THR B 310 -18.37 -34.55 -7.23
C THR B 310 -18.89 -34.97 -5.86
N GLY B 311 -19.72 -36.00 -5.79
CA GLY B 311 -20.23 -36.49 -4.52
C GLY B 311 -21.72 -36.29 -4.38
N ASP B 312 -22.18 -36.15 -3.13
CA ASP B 312 -23.60 -36.01 -2.88
C ASP B 312 -24.11 -34.60 -3.19
N ARG B 313 -23.22 -33.63 -3.32
CA ARG B 313 -23.57 -32.24 -3.63
C ARG B 313 -22.45 -31.67 -4.48
N VAL B 314 -22.68 -30.47 -5.02
CA VAL B 314 -21.65 -29.81 -5.83
C VAL B 314 -20.34 -29.74 -5.05
N ILE B 315 -20.41 -29.26 -3.81
CA ILE B 315 -19.27 -29.23 -2.91
C ILE B 315 -19.55 -30.25 -1.82
N SER B 316 -18.84 -31.37 -1.84
CA SER B 316 -19.06 -32.36 -0.80
C SER B 316 -17.83 -33.21 -0.63
N ASP B 317 -17.78 -33.91 0.49
CA ASP B 317 -16.72 -34.86 0.77
C ASP B 317 -17.25 -36.27 0.46
N ILE B 318 -16.36 -37.16 0.06
CA ILE B 318 -16.76 -38.44 -0.51
C ILE B 318 -16.89 -39.45 0.63
N THR B 319 -18.08 -40.05 0.76
CA THR B 319 -18.37 -41.06 1.77
C THR B 319 -18.54 -42.43 1.12
N ARG B 320 -18.59 -43.47 1.96
CA ARG B 320 -18.81 -44.82 1.46
C ARG B 320 -20.22 -44.96 0.89
N ASP B 321 -21.23 -44.43 1.59
CA ASP B 321 -22.59 -44.49 1.08
C ASP B 321 -22.75 -43.69 -0.20
N GLY B 322 -21.99 -42.60 -0.35
CA GLY B 322 -22.12 -41.76 -1.53
C GLY B 322 -21.47 -42.37 -2.75
N ILE B 323 -20.26 -42.91 -2.60
CA ILE B 323 -19.59 -43.52 -3.73
C ILE B 323 -20.34 -44.79 -4.16
N SER B 324 -20.96 -45.50 -3.22
N SER B 324 -20.94 -45.51 -3.22
CA SER B 324 -21.73 -46.69 -3.56
CA SER B 324 -21.73 -46.69 -3.57
C SER B 324 -23.01 -46.34 -4.29
C SER B 324 -22.99 -46.31 -4.34
N TRP B 325 -23.59 -45.18 -4.01
CA TRP B 325 -24.81 -44.75 -4.70
C TRP B 325 -24.52 -44.47 -6.18
N ILE B 326 -23.46 -43.73 -6.46
CA ILE B 326 -23.16 -43.41 -7.85
C ILE B 326 -22.67 -44.65 -8.60
N ASN B 327 -21.79 -45.45 -7.97
CA ASN B 327 -21.18 -46.58 -8.66
C ASN B 327 -22.23 -47.57 -9.16
N GLU B 328 -23.27 -47.83 -8.36
CA GLU B 328 -24.38 -48.65 -8.79
C GLU B 328 -24.99 -48.17 -10.09
N ARG B 329 -24.96 -46.87 -10.34
CA ARG B 329 -25.70 -46.33 -11.46
C ARG B 329 -24.83 -46.18 -12.71
N ILE B 330 -23.56 -45.78 -12.56
CA ILE B 330 -22.68 -45.65 -13.72
C ILE B 330 -21.94 -46.95 -14.05
N LYS B 331 -22.14 -48.02 -13.25
CA LYS B 331 -21.66 -49.36 -13.58
C LYS B 331 -20.14 -49.45 -13.61
N ARG B 332 -19.47 -48.60 -12.86
CA ARG B 332 -18.02 -48.55 -12.80
C ARG B 332 -17.63 -47.70 -11.62
N PRO B 333 -16.37 -47.74 -11.20
CA PRO B 333 -15.95 -46.87 -10.08
C PRO B 333 -15.84 -45.42 -10.53
N ALA B 334 -16.49 -44.51 -9.79
CA ALA B 334 -16.50 -43.11 -10.16
C ALA B 334 -15.08 -42.52 -10.07
N TYR B 335 -14.85 -41.53 -10.90
CA TYR B 335 -13.59 -40.79 -10.99
C TYR B 335 -13.85 -39.44 -10.30
N ILE B 336 -13.43 -39.30 -9.04
CA ILE B 336 -13.94 -38.20 -8.22
C ILE B 336 -13.33 -36.87 -8.64
N TRP B 337 -14.19 -35.88 -8.75
CA TRP B 337 -13.82 -34.47 -8.90
C TRP B 337 -14.19 -33.80 -7.59
N TRP B 338 -13.20 -33.48 -6.76
CA TRP B 338 -13.46 -32.98 -5.41
C TRP B 338 -13.31 -31.45 -5.40
N ASN B 339 -14.39 -30.76 -5.05
CA ASN B 339 -14.42 -29.29 -5.17
C ASN B 339 -13.89 -28.60 -3.91
N PHE B 340 -12.61 -28.83 -3.67
CA PHE B 340 -11.84 -28.15 -2.65
C PHE B 340 -10.40 -28.22 -3.09
N PRO B 341 -9.66 -27.11 -2.96
CA PRO B 341 -9.95 -25.82 -2.31
C PRO B 341 -10.56 -24.74 -3.24
N VAL B 342 -11.23 -25.12 -4.33
CA VAL B 342 -11.75 -24.13 -5.28
C VAL B 342 -12.57 -23.09 -4.52
N SER B 343 -12.32 -21.82 -4.84
CA SER B 343 -12.92 -20.71 -4.11
C SER B 343 -13.69 -19.79 -5.04
N ASP B 344 -14.06 -20.25 -6.22
CA ASP B 344 -14.62 -19.35 -7.22
C ASP B 344 -16.04 -18.92 -6.89
N TYR B 345 -16.62 -19.45 -5.82
CA TYR B 345 -17.91 -19.00 -5.32
C TYR B 345 -17.79 -18.29 -3.97
N VAL B 346 -16.58 -18.17 -3.45
CA VAL B 346 -16.28 -17.39 -2.25
C VAL B 346 -14.96 -16.70 -2.53
N ARG B 347 -14.92 -15.88 -3.58
CA ARG B 347 -13.67 -15.34 -4.10
C ARG B 347 -13.02 -14.32 -3.18
N ASP B 348 -13.71 -13.81 -2.15
CA ASP B 348 -13.05 -12.96 -1.16
C ASP B 348 -12.37 -13.76 -0.04
N HIS B 349 -12.37 -15.10 -0.12
CA HIS B 349 -11.73 -15.97 0.87
C HIS B 349 -10.62 -16.80 0.23
N LEU B 350 -9.53 -16.99 0.97
CA LEU B 350 -8.56 -18.03 0.71
C LEU B 350 -8.87 -19.24 1.57
N LEU B 351 -8.72 -20.43 0.99
CA LEU B 351 -9.05 -21.70 1.64
C LEU B 351 -7.75 -22.47 1.79
N LEU B 352 -7.06 -22.21 2.90
CA LEU B 352 -5.70 -22.70 3.13
C LEU B 352 -5.63 -23.78 4.22
N GLY B 353 -6.78 -24.29 4.66
CA GLY B 353 -6.79 -25.28 5.73
C GLY B 353 -6.51 -26.69 5.22
N PRO B 354 -6.58 -27.63 6.16
CA PRO B 354 -6.26 -29.03 5.83
C PRO B 354 -7.33 -29.67 4.97
N VAL B 355 -6.91 -30.75 4.32
CA VAL B 355 -7.79 -31.61 3.52
C VAL B 355 -8.33 -32.70 4.42
N TYR B 356 -9.64 -32.76 4.55
CA TYR B 356 -10.26 -33.77 5.41
C TYR B 356 -11.69 -33.99 4.96
N GLY B 357 -12.29 -35.04 5.50
CA GLY B 357 -13.70 -35.34 5.31
C GLY B 357 -13.97 -36.51 4.39
N ASN B 358 -13.00 -36.91 3.59
CA ASN B 358 -13.18 -38.00 2.64
C ASN B 358 -12.85 -39.34 3.28
N ASP B 359 -13.73 -40.31 3.09
CA ASP B 359 -13.54 -41.65 3.65
C ASP B 359 -12.22 -42.24 3.18
N THR B 360 -11.48 -42.83 4.12
CA THR B 360 -10.15 -43.33 3.83
C THR B 360 -10.12 -44.82 3.50
N THR B 361 -11.27 -45.49 3.43
CA THR B 361 -11.33 -46.93 3.22
C THR B 361 -11.92 -47.31 1.87
N ILE B 362 -12.16 -46.35 0.98
CA ILE B 362 -12.94 -46.57 -0.23
C ILE B 362 -12.08 -46.48 -1.50
N ALA B 363 -10.76 -46.66 -1.36
CA ALA B 363 -9.87 -46.61 -2.52
C ALA B 363 -10.35 -47.50 -3.66
N LYS B 364 -10.77 -48.74 -3.35
CA LYS B 364 -11.16 -49.65 -4.41
C LYS B 364 -12.44 -49.20 -5.11
N GLU B 365 -13.14 -48.23 -4.56
CA GLU B 365 -14.43 -47.78 -5.06
C GLU B 365 -14.31 -46.58 -6.00
N MET B 366 -13.11 -46.07 -6.22
CA MET B 366 -12.90 -44.94 -7.12
C MET B 366 -11.81 -45.23 -8.14
N SER B 367 -12.06 -44.84 -9.40
CA SER B 367 -11.06 -44.93 -10.45
C SER B 367 -10.00 -43.85 -10.33
N GLY B 368 -10.39 -42.68 -9.83
CA GLY B 368 -9.43 -41.61 -9.66
C GLY B 368 -9.98 -40.58 -8.70
N PHE B 369 -9.10 -39.65 -8.34
CA PHE B 369 -9.45 -38.61 -7.37
C PHE B 369 -8.61 -37.40 -7.74
N VAL B 370 -9.26 -36.32 -8.19
CA VAL B 370 -8.58 -35.09 -8.53
C VAL B 370 -9.21 -33.93 -7.75
N THR B 371 -8.40 -32.93 -7.44
CA THR B 371 -8.85 -31.74 -6.73
C THR B 371 -9.05 -30.59 -7.73
N ASN B 372 -10.16 -29.87 -7.55
CA ASN B 372 -10.42 -28.63 -8.27
C ASN B 372 -9.93 -27.48 -7.39
N PRO B 373 -8.87 -26.78 -7.76
CA PRO B 373 -8.23 -25.84 -6.82
C PRO B 373 -8.70 -24.39 -7.00
N MET B 374 -8.07 -23.47 -6.26
CA MET B 374 -8.31 -22.05 -6.42
C MET B 374 -7.61 -21.52 -7.66
N GLU B 375 -8.06 -20.36 -8.15
CA GLU B 375 -7.31 -19.70 -9.20
C GLU B 375 -5.97 -19.19 -8.70
N HIS B 376 -5.76 -19.21 -7.39
CA HIS B 376 -4.44 -18.97 -6.78
C HIS B 376 -3.66 -20.28 -6.75
N ALA B 377 -2.75 -20.44 -7.71
CA ALA B 377 -2.11 -21.72 -7.99
C ALA B 377 -1.17 -22.14 -6.86
N GLU B 378 -0.27 -21.25 -6.45
CA GLU B 378 0.69 -21.63 -5.41
C GLU B 378 0.01 -21.83 -4.06
N SER B 379 -0.99 -21.01 -3.74
CA SER B 379 -1.73 -21.21 -2.48
C SER B 379 -2.45 -22.54 -2.45
N SER B 380 -2.81 -23.05 -3.63
CA SER B 380 -3.52 -24.32 -3.72
C SER B 380 -2.62 -25.50 -3.46
N LYS B 381 -1.30 -25.30 -3.41
CA LYS B 381 -0.38 -26.40 -3.22
C LYS B 381 -0.53 -27.07 -1.85
N ILE B 382 -1.05 -26.34 -0.84
CA ILE B 382 -1.28 -26.96 0.46
C ILE B 382 -2.26 -28.12 0.31
N ALA B 383 -3.42 -27.83 -0.31
CA ALA B 383 -4.41 -28.87 -0.52
C ALA B 383 -3.95 -29.91 -1.53
N ILE B 384 -3.29 -29.48 -2.61
CA ILE B 384 -2.86 -30.43 -3.65
C ILE B 384 -1.92 -31.49 -3.07
N TYR B 385 -0.89 -31.04 -2.34
CA TYR B 385 0.03 -31.93 -1.63
C TYR B 385 -0.71 -32.91 -0.72
N SER B 386 -1.73 -32.43 -0.02
CA SER B 386 -2.48 -33.27 0.90
C SER B 386 -3.35 -34.27 0.15
N VAL B 387 -3.96 -33.85 -0.97
CA VAL B 387 -4.76 -34.76 -1.78
C VAL B 387 -3.88 -35.87 -2.38
N ALA B 388 -2.67 -35.52 -2.81
CA ALA B 388 -1.75 -36.49 -3.37
C ALA B 388 -1.40 -37.55 -2.34
N SER B 389 -1.24 -37.14 -1.09
CA SER B 389 -0.96 -38.05 0.00
C SER B 389 -2.18 -38.93 0.28
N TYR B 390 -3.36 -38.33 0.33
CA TYR B 390 -4.58 -39.10 0.55
C TYR B 390 -4.79 -40.14 -0.55
N ALA B 391 -4.62 -39.74 -1.81
CA ALA B 391 -4.95 -40.61 -2.93
C ALA B 391 -3.94 -41.75 -3.09
N TRP B 392 -2.67 -41.50 -2.79
CA TRP B 392 -1.67 -42.55 -2.85
C TRP B 392 -1.86 -43.57 -1.73
N ASN B 393 -2.06 -43.10 -0.49
CA ASN B 393 -2.14 -44.00 0.67
C ASN B 393 -3.22 -43.55 1.64
N PRO B 394 -4.50 -43.72 1.27
CA PRO B 394 -5.58 -43.22 2.15
C PRO B 394 -5.66 -43.91 3.49
N ALA B 395 -5.30 -45.20 3.58
CA ALA B 395 -5.40 -45.91 4.86
C ALA B 395 -4.52 -45.26 5.91
N LYS B 396 -3.43 -44.63 5.50
CA LYS B 396 -2.53 -43.95 6.41
C LYS B 396 -2.67 -42.44 6.37
N TYR B 397 -3.76 -41.92 5.81
CA TYR B 397 -3.83 -40.48 5.59
C TYR B 397 -3.97 -39.75 6.92
N ASP B 398 -3.06 -38.78 7.16
CA ASP B 398 -2.97 -38.03 8.41
C ASP B 398 -3.22 -36.55 8.09
N THR B 399 -4.45 -36.10 8.29
CA THR B 399 -4.87 -34.75 7.89
C THR B 399 -3.89 -33.68 8.33
N TRP B 400 -3.67 -33.56 9.65
CA TRP B 400 -2.90 -32.45 10.18
C TRP B 400 -1.41 -32.59 9.95
N GLN B 401 -0.84 -33.79 10.09
CA GLN B 401 0.57 -33.96 9.76
C GLN B 401 0.83 -33.58 8.31
N THR B 402 -0.06 -33.99 7.40
CA THR B 402 0.15 -33.73 5.97
C THR B 402 0.00 -32.24 5.66
N TRP B 403 -0.96 -31.59 6.29
CA TRP B 403 -1.09 -30.12 6.18
C TRP B 403 0.21 -29.44 6.57
N LYS B 404 0.75 -29.79 7.75
CA LYS B 404 2.01 -29.21 8.21
C LYS B 404 3.16 -29.52 7.26
N ASP B 405 3.24 -30.77 6.78
CA ASP B 405 4.30 -31.14 5.84
C ASP B 405 4.21 -30.34 4.55
N ALA B 406 3.01 -30.17 4.03
CA ALA B 406 2.81 -29.33 2.83
C ALA B 406 3.40 -27.94 3.04
N ILE B 407 3.02 -27.28 4.14
CA ILE B 407 3.45 -25.91 4.39
C ILE B 407 4.97 -25.83 4.52
N ARG B 408 5.58 -26.79 5.22
CA ARG B 408 7.05 -26.83 5.33
C ARG B 408 7.71 -27.06 3.98
N THR B 409 7.06 -27.78 3.07
CA THR B 409 7.61 -28.01 1.73
C THR B 409 7.47 -26.78 0.85
N ILE B 410 6.32 -26.11 0.92
CA ILE B 410 6.05 -24.95 0.07
C ILE B 410 6.88 -23.74 0.49
N LEU B 411 7.05 -23.52 1.80
CA LEU B 411 7.76 -22.32 2.28
C LEU B 411 8.62 -22.66 3.49
N PRO B 412 9.70 -23.43 3.29
CA PRO B 412 10.55 -23.80 4.43
C PRO B 412 11.13 -22.62 5.17
N SER B 413 11.43 -21.51 4.47
CA SER B 413 12.03 -20.36 5.13
C SER B 413 11.07 -19.67 6.10
N ALA B 414 9.77 -19.92 6.02
CA ALA B 414 8.81 -19.22 6.86
C ALA B 414 7.61 -20.10 7.17
N ALA B 415 7.87 -21.37 7.53
CA ALA B 415 6.81 -22.36 7.62
C ALA B 415 5.87 -22.04 8.77
N GLU B 416 6.41 -21.67 9.92
CA GLU B 416 5.55 -21.38 11.06
C GLU B 416 4.69 -20.14 10.78
N GLU B 417 5.25 -19.17 10.06
CA GLU B 417 4.47 -17.99 9.70
C GLU B 417 3.35 -18.35 8.73
N LEU B 418 3.63 -19.19 7.72
CA LEU B 418 2.55 -19.59 6.80
C LEU B 418 1.53 -20.47 7.51
N GLU B 419 1.99 -21.32 8.45
CA GLU B 419 1.05 -22.11 9.23
C GLU B 419 0.09 -21.22 10.02
N CYS B 420 0.62 -20.22 10.73
CA CYS B 420 -0.21 -19.25 11.45
C CYS B 420 -1.20 -18.54 10.50
N PHE B 421 -0.72 -18.08 9.34
CA PHE B 421 -1.63 -17.46 8.38
C PHE B 421 -2.70 -18.44 7.89
N ALA B 422 -2.31 -19.69 7.58
CA ALA B 422 -3.27 -20.65 7.00
C ALA B 422 -4.30 -21.10 8.02
N MET B 423 -3.89 -21.24 9.30
CA MET B 423 -4.78 -21.69 10.37
C MET B 423 -6.00 -20.78 10.52
N HIS B 424 -5.85 -19.50 10.22
CA HIS B 424 -6.93 -18.55 10.36
C HIS B 424 -7.49 -18.09 9.02
N ASN B 425 -7.16 -18.81 7.94
CA ASN B 425 -7.68 -18.57 6.60
C ASN B 425 -8.07 -19.90 5.98
N SER B 426 -9.15 -20.52 6.49
CA SER B 426 -9.57 -21.82 5.99
C SER B 426 -11.08 -21.98 5.90
N ASP B 427 -11.86 -21.21 6.64
CA ASP B 427 -13.30 -21.32 6.51
C ASP B 427 -13.78 -20.51 5.30
N LEU B 428 -14.93 -20.90 4.77
CA LEU B 428 -15.45 -20.28 3.56
C LEU B 428 -16.37 -19.12 3.85
N GLY B 429 -16.87 -19.01 5.09
CA GLY B 429 -17.96 -18.13 5.42
C GLY B 429 -19.26 -18.64 4.82
N PRO B 430 -20.38 -18.00 5.14
CA PRO B 430 -21.65 -18.41 4.53
C PRO B 430 -21.58 -18.29 3.01
N ASN B 431 -22.25 -19.23 2.33
CA ASN B 431 -22.19 -19.32 0.88
C ASN B 431 -23.38 -20.13 0.40
N GLY B 432 -23.62 -20.08 -0.91
CA GLY B 432 -24.79 -20.74 -1.47
C GLY B 432 -24.68 -22.26 -1.57
N HIS B 433 -23.50 -22.82 -1.35
CA HIS B 433 -23.35 -24.27 -1.33
C HIS B 433 -23.41 -24.85 0.07
N GLY B 434 -23.46 -24.01 1.11
CA GLY B 434 -23.50 -24.49 2.47
C GLY B 434 -22.27 -25.24 2.94
N TYR B 435 -21.14 -25.10 2.25
CA TYR B 435 -19.92 -25.82 2.59
C TYR B 435 -19.05 -24.97 3.50
N ARG B 436 -18.64 -25.55 4.63
CA ARG B 436 -17.84 -24.83 5.62
C ARG B 436 -16.65 -25.70 6.04
N ARG B 437 -15.60 -25.03 6.49
CA ARG B 437 -14.42 -25.69 7.05
C ARG B 437 -14.12 -25.10 8.43
N GLU B 438 -13.46 -25.89 9.27
CA GLU B 438 -13.01 -25.41 10.57
C GLU B 438 -11.94 -24.35 10.39
N GLU B 439 -11.81 -23.49 11.40
CA GLU B 439 -10.80 -22.44 11.39
C GLU B 439 -10.46 -22.05 12.81
N SER B 440 -9.19 -21.74 13.07
CA SER B 440 -8.77 -21.16 14.35
C SER B 440 -9.09 -22.06 15.54
N MET B 441 -9.04 -23.39 15.34
CA MET B 441 -9.42 -24.29 16.42
C MET B 441 -8.47 -24.21 17.61
N ASP B 442 -7.20 -23.84 17.38
CA ASP B 442 -6.24 -23.75 18.48
C ASP B 442 -6.72 -22.76 19.54
N ILE B 443 -7.27 -21.63 19.13
CA ILE B 443 -7.59 -20.54 20.05
C ILE B 443 -9.08 -20.42 20.34
N GLN B 444 -9.92 -21.19 19.67
CA GLN B 444 -11.35 -21.11 19.94
C GLN B 444 -11.71 -21.42 21.40
N PRO B 445 -11.03 -22.33 22.10
CA PRO B 445 -11.37 -22.54 23.53
C PRO B 445 -11.22 -21.27 24.35
N ALA B 446 -10.06 -20.63 24.28
CA ALA B 446 -9.80 -19.38 24.99
C ALA B 446 -10.78 -18.29 24.57
N ALA B 447 -11.04 -18.17 23.27
CA ALA B 447 -11.87 -17.10 22.76
C ALA B 447 -13.30 -17.20 23.30
N GLU B 448 -13.90 -18.39 23.21
CA GLU B 448 -15.28 -18.54 23.69
C GLU B 448 -15.37 -18.40 25.21
N ARG B 449 -14.30 -18.79 25.93
CA ARG B 449 -14.26 -18.64 27.38
C ARG B 449 -14.10 -17.17 27.77
N PHE B 450 -13.24 -16.46 27.05
CA PHE B 450 -13.08 -15.02 27.21
C PHE B 450 -14.40 -14.29 26.94
N LEU B 451 -15.06 -14.64 25.84
CA LEU B 451 -16.32 -13.99 25.49
C LEU B 451 -17.41 -14.29 26.50
N LYS B 452 -17.44 -15.52 27.03
CA LYS B 452 -18.50 -15.87 27.98
C LYS B 452 -18.26 -15.20 29.32
N ALA B 453 -17.00 -15.07 29.74
CA ALA B 453 -16.69 -14.30 30.93
C ALA B 453 -17.26 -12.88 30.87
N PHE B 454 -17.56 -12.38 29.66
CA PHE B 454 -18.22 -11.08 29.57
C PHE B 454 -19.71 -11.23 29.79
N GLU B 456 -20.11 -12.27 30.57
CA GLU B 456 -21.36 -12.35 31.34
C GLU B 456 -21.32 -11.44 32.57
N GLY B 457 -20.32 -10.59 32.67
CA GLY B 457 -20.09 -9.76 33.83
C GLY B 457 -18.97 -10.24 34.75
N LYS B 458 -18.42 -11.42 34.49
CA LYS B 458 -17.46 -12.05 35.40
C LYS B 458 -16.03 -11.83 34.92
N ASN B 459 -15.08 -12.14 35.80
CA ASN B 459 -13.68 -11.98 35.43
C ASN B 459 -13.29 -12.99 34.36
N TYR B 460 -12.49 -12.54 33.41
CA TYR B 460 -11.93 -13.45 32.43
C TYR B 460 -10.66 -14.09 32.99
N ASP B 461 -10.28 -15.20 32.38
CA ASP B 461 -9.08 -15.91 32.80
C ASP B 461 -7.84 -15.21 32.25
N LYS B 462 -6.86 -14.98 33.12
CA LYS B 462 -5.61 -14.38 32.67
C LYS B 462 -4.97 -15.19 31.56
N ALA B 463 -5.02 -16.51 31.67
CA ALA B 463 -4.42 -17.37 30.66
C ALA B 463 -5.05 -17.13 29.29
N ASP B 464 -6.38 -16.94 29.24
CA ASP B 464 -7.05 -16.73 27.96
C ASP B 464 -6.69 -15.38 27.35
N PHE B 465 -6.67 -14.33 28.17
CA PHE B 465 -6.19 -13.03 27.72
C PHE B 465 -4.78 -13.15 27.16
N GLU B 466 -3.91 -13.90 27.84
CA GLU B 466 -2.55 -14.08 27.37
C GLU B 466 -2.50 -14.88 26.06
N THR B 467 -3.34 -15.93 25.95
CA THR B 467 -3.44 -16.66 24.69
C THR B 467 -3.82 -15.74 23.53
N LEU B 468 -4.78 -14.83 23.75
CA LEU B 468 -5.20 -13.93 22.68
C LEU B 468 -4.12 -12.91 22.36
N GLN B 469 -3.53 -12.31 23.40
CA GLN B 469 -2.36 -11.47 23.23
C GLN B 469 -1.31 -12.16 22.37
N TYR B 470 -0.97 -13.41 22.72
CA TYR B 470 0.03 -14.17 21.98
C TYR B 470 -0.39 -14.38 20.52
N THR B 471 -1.67 -14.67 20.30
CA THR B 471 -2.16 -14.92 18.96
C THR B 471 -2.02 -13.68 18.08
N PHE B 472 -2.47 -12.52 18.56
CA PHE B 472 -2.38 -11.32 17.75
C PHE B 472 -0.93 -10.94 17.50
N GLU B 473 -0.08 -11.06 18.51
CA GLU B 473 1.34 -10.79 18.29
C GLU B 473 1.90 -11.69 17.21
N ARG B 474 1.59 -13.00 17.28
CA ARG B 474 2.13 -13.96 16.33
C ARG B 474 1.59 -13.71 14.91
N MET B 475 0.31 -13.36 14.81
CA MET B 475 -0.26 -12.98 13.52
C MET B 475 0.47 -11.81 12.88
N LYS B 476 0.84 -10.80 13.69
CA LYS B 476 1.54 -9.63 13.15
C LYS B 476 2.92 -10.01 12.67
N GLU B 477 3.64 -10.79 13.46
CA GLU B 477 4.94 -11.31 13.02
C GLU B 477 4.79 -12.01 11.69
N SER B 478 3.78 -12.87 11.58
CA SER B 478 3.65 -13.73 10.40
C SER B 478 3.28 -12.92 9.17
N ALA B 479 2.44 -11.89 9.31
CA ALA B 479 2.09 -11.06 8.16
C ALA B 479 3.30 -10.33 7.61
N ASP B 480 4.06 -9.69 8.48
CA ASP B 480 5.21 -8.92 8.06
C ASP B 480 6.30 -9.79 7.45
N ILE B 481 6.52 -10.99 8.00
CA ILE B 481 7.53 -11.90 7.44
C ILE B 481 7.07 -12.41 6.09
N LEU B 482 5.79 -12.78 5.97
CA LEU B 482 5.30 -13.32 4.72
C LEU B 482 5.30 -12.26 3.62
N LEU B 483 4.91 -11.03 3.96
CA LEU B 483 4.89 -9.95 2.98
C LEU B 483 6.22 -9.81 2.26
N MET B 484 7.33 -9.99 2.98
CA MET B 484 8.67 -9.76 2.45
C MET B 484 9.39 -11.04 2.04
N ASN B 485 8.74 -12.20 2.14
CA ASN B 485 9.43 -13.44 1.85
C ASN B 485 9.69 -13.54 0.36
N THR B 486 10.91 -13.92 -0.02
CA THR B 486 11.32 -14.02 -1.42
C THR B 486 11.57 -15.46 -1.86
N GLU B 487 11.24 -16.44 -1.03
CA GLU B 487 11.48 -17.82 -1.42
C GLU B 487 10.44 -18.29 -2.43
N ASN B 488 9.20 -17.81 -2.30
CA ASN B 488 8.14 -18.14 -3.26
C ASN B 488 7.39 -16.83 -3.54
N LYS B 489 7.97 -16.01 -4.41
CA LYS B 489 7.33 -14.75 -4.75
C LYS B 489 5.94 -14.95 -5.34
N PRO B 490 5.68 -15.91 -6.23
CA PRO B 490 4.31 -16.05 -6.73
C PRO B 490 3.29 -16.30 -5.64
N LEU B 491 3.64 -17.12 -4.64
CA LEU B 491 2.72 -17.33 -3.52
C LEU B 491 2.39 -16.02 -2.84
N ILE B 492 3.40 -15.18 -2.59
CA ILE B 492 3.19 -13.95 -1.84
C ILE B 492 2.37 -12.97 -2.65
N VAL B 493 2.54 -12.94 -3.98
CA VAL B 493 1.71 -12.11 -4.84
C VAL B 493 0.25 -12.50 -4.69
N GLU B 494 -0.03 -13.81 -4.70
CA GLU B 494 -1.41 -14.27 -4.59
C GLU B 494 -2.04 -13.85 -3.28
N ILE B 495 -1.31 -13.96 -2.16
CA ILE B 495 -1.93 -13.84 -0.84
C ILE B 495 -1.80 -12.43 -0.26
N THR B 496 -1.02 -11.55 -0.88
CA THR B 496 -0.66 -10.28 -0.24
C THR B 496 -1.85 -9.44 0.22
N PRO B 497 -2.94 -9.32 -0.54
CA PRO B 497 -4.08 -8.52 -0.04
C PRO B 497 -4.66 -9.06 1.27
N TRP B 498 -4.79 -10.37 1.37
CA TRP B 498 -5.28 -10.98 2.59
C TRP B 498 -4.28 -10.84 3.72
N VAL B 499 -2.98 -10.83 3.40
CA VAL B 499 -1.97 -10.65 4.44
C VAL B 499 -2.08 -9.27 5.06
N HIS B 500 -2.33 -8.25 4.23
CA HIS B 500 -2.56 -6.90 4.74
C HIS B 500 -3.76 -6.88 5.69
N GLN B 501 -4.87 -7.45 5.25
CA GLN B 501 -6.08 -7.50 6.07
C GLN B 501 -5.84 -8.31 7.34
N PHE B 502 -5.03 -9.36 7.25
CA PHE B 502 -4.68 -10.20 8.37
C PHE B 502 -3.90 -9.41 9.41
N LYS B 503 -2.94 -8.59 8.96
CA LYS B 503 -2.16 -7.80 9.91
C LYS B 503 -3.05 -6.76 10.59
N LEU B 504 -3.92 -6.09 9.82
CA LEU B 504 -4.83 -5.12 10.42
C LEU B 504 -5.72 -5.78 11.45
N THR B 505 -6.21 -6.99 11.15
CA THR B 505 -7.00 -7.76 12.11
C THR B 505 -6.22 -7.94 13.40
N ALA B 506 -4.94 -8.33 13.29
CA ALA B 506 -4.12 -8.57 14.48
C ALA B 506 -3.90 -7.29 15.26
N GLU B 507 -3.58 -6.20 14.55
CA GLU B 507 -3.39 -4.90 15.21
C GLU B 507 -4.66 -4.44 15.92
N MET B 508 -5.80 -4.57 15.25
CA MET B 508 -7.08 -4.26 15.88
C MET B 508 -7.28 -5.09 17.15
N GLY B 509 -6.94 -6.39 17.09
CA GLY B 509 -7.11 -7.23 18.26
C GLY B 509 -6.25 -6.78 19.44
N GLU B 510 -5.00 -6.42 19.19
CA GLU B 510 -4.12 -5.93 20.26
C GLU B 510 -4.68 -4.67 20.91
N GLU B 511 -5.15 -3.71 20.10
CA GLU B 511 -5.65 -2.45 20.66
C GLU B 511 -6.95 -2.65 21.44
N VAL B 512 -7.79 -3.59 21.02
CA VAL B 512 -9.02 -3.88 21.75
C VAL B 512 -8.72 -4.52 23.09
N LEU B 513 -7.71 -5.40 23.15
CA LEU B 513 -7.34 -5.98 24.42
C LEU B 513 -6.82 -4.91 25.38
N LYS B 514 -6.14 -3.89 24.86
CA LYS B 514 -5.72 -2.77 25.68
C LYS B 514 -6.92 -1.97 26.18
N MET B 515 -7.98 -1.86 25.38
CA MET B 515 -9.21 -1.24 25.85
C MET B 515 -9.80 -2.05 27.00
N VAL B 516 -9.78 -3.38 26.87
CA VAL B 516 -10.23 -4.25 27.96
C VAL B 516 -9.42 -3.98 29.22
N GLU B 517 -8.09 -3.92 29.08
CA GLU B 517 -7.23 -3.64 30.23
C GLU B 517 -7.52 -2.27 30.84
N GLY B 518 -7.88 -1.29 30.01
CA GLY B 518 -8.45 -0.02 30.46
C GLY B 518 -7.78 0.62 31.65
N ARG B 519 -6.65 1.28 31.43
CA ARG B 519 -5.89 1.87 32.52
C ARG B 519 -6.57 3.13 33.04
N ASN B 520 -6.82 4.09 32.15
CA ASN B 520 -7.45 5.35 32.50
C ASN B 520 -8.26 5.82 31.31
N GLU B 521 -9.10 6.84 31.56
CA GLU B 521 -10.05 7.27 30.54
C GLU B 521 -9.34 7.75 29.27
N SER B 522 -8.30 8.57 29.43
CA SER B 522 -7.61 9.10 28.27
C SER B 522 -6.93 8.00 27.47
N TYR B 523 -6.36 7.01 28.15
CA TYR B 523 -5.73 5.89 27.45
C TYR B 523 -6.77 5.11 26.66
N PHE B 524 -7.94 4.86 27.26
CA PHE B 524 -9.01 4.15 26.56
C PHE B 524 -9.36 4.85 25.26
N LEU B 525 -9.54 6.17 25.33
CA LEU B 525 -9.95 6.96 24.17
C LEU B 525 -8.90 6.92 23.07
N ARG B 526 -7.62 6.94 23.43
CA ARG B 526 -6.57 6.77 22.44
C ARG B 526 -6.66 5.41 21.74
N LYS B 527 -6.92 4.35 22.51
CA LYS B 527 -7.05 3.03 21.89
C LYS B 527 -8.30 2.93 21.05
N TYR B 528 -9.40 3.53 21.54
CA TYR B 528 -10.65 3.58 20.78
C TYR B 528 -10.44 4.25 19.42
N ASN B 529 -9.77 5.40 19.41
CA ASN B 529 -9.55 6.14 18.18
C ASN B 529 -8.67 5.35 17.21
N HIS B 530 -7.70 4.60 17.75
CA HIS B 530 -6.85 3.77 16.89
C HIS B 530 -7.68 2.68 16.23
N VAL B 531 -8.51 1.99 17.02
CA VAL B 531 -9.36 0.93 16.49
C VAL B 531 -10.21 1.46 15.35
N LYS B 532 -10.80 2.64 15.54
CA LYS B 532 -11.66 3.22 14.51
C LYS B 532 -10.88 3.43 13.22
N ALA B 533 -9.65 3.94 13.33
CA ALA B 533 -8.82 4.12 12.15
C ALA B 533 -8.45 2.80 11.50
N LEU B 534 -8.29 1.72 12.30
CA LEU B 534 -7.98 0.40 11.74
C LEU B 534 -9.20 -0.20 11.06
N GLN B 535 -10.39 0.01 11.65
CA GLN B 535 -11.63 -0.39 10.97
C GLN B 535 -11.72 0.26 9.60
N GLN B 536 -11.36 1.55 9.53
CA GLN B 536 -11.41 2.27 8.25
C GLN B 536 -10.43 1.69 7.25
N GLN B 537 -9.22 1.34 7.71
CA GLN B 537 -8.24 0.78 6.78
C GLN B 537 -8.70 -0.56 6.25
N MET B 538 -9.33 -1.38 7.11
CA MET B 538 -9.86 -2.66 6.64
C MET B 538 -10.98 -2.45 5.63
N PHE B 539 -11.78 -1.40 5.84
CA PHE B 539 -12.86 -1.07 4.90
C PHE B 539 -12.30 -0.73 3.53
N TYR B 540 -11.24 0.06 3.48
CA TYR B 540 -10.75 0.46 2.17
C TYR B 540 -10.00 -0.68 1.47
N ILE B 541 -9.35 -1.59 2.20
CA ILE B 541 -8.80 -2.77 1.55
C ILE B 541 -9.92 -3.61 0.96
N ASP B 542 -10.99 -3.82 1.73
CA ASP B 542 -12.12 -4.61 1.27
C ASP B 542 -12.82 -3.98 0.06
N GLN B 543 -12.73 -2.65 -0.09
CA GLN B 543 -13.41 -1.97 -1.19
C GLN B 543 -12.52 -1.76 -2.40
N THR B 544 -11.20 -1.93 -2.27
CA THR B 544 -10.28 -1.61 -3.37
C THR B 544 -9.39 -2.77 -3.81
N SER B 545 -9.29 -3.85 -3.03
CA SER B 545 -8.55 -5.03 -3.46
C SER B 545 -9.51 -6.10 -3.92
N ASN B 546 -9.09 -6.86 -4.94
CA ASN B 546 -9.81 -8.06 -5.37
C ASN B 546 -11.26 -7.72 -5.70
N GLN B 547 -11.46 -6.67 -6.49
CA GLN B 547 -12.79 -6.15 -6.79
C GLN B 547 -13.36 -6.89 -8.02
N ASN B 548 -13.64 -8.18 -7.82
CA ASN B 548 -14.20 -9.00 -8.88
C ASN B 548 -15.72 -8.88 -8.87
N PRO B 549 -16.40 -9.35 -9.92
CA PRO B 549 -17.84 -9.10 -10.04
C PRO B 549 -18.72 -9.97 -9.15
N TYR B 550 -18.15 -10.96 -8.46
CA TYR B 550 -18.96 -11.97 -7.80
C TYR B 550 -18.89 -11.86 -6.28
N GLN B 551 -17.69 -11.92 -5.69
CA GLN B 551 -17.50 -11.77 -4.24
C GLN B 551 -16.31 -10.85 -4.06
N PRO B 552 -16.52 -9.52 -4.20
CA PRO B 552 -15.40 -8.58 -4.11
C PRO B 552 -14.88 -8.47 -2.69
N GLY B 553 -13.61 -8.12 -2.58
CA GLY B 553 -13.03 -7.78 -1.30
C GLY B 553 -12.10 -8.84 -0.75
N VAL B 554 -11.80 -8.69 0.53
CA VAL B 554 -10.73 -9.43 1.20
C VAL B 554 -11.22 -9.72 2.63
N LYS B 555 -11.62 -10.97 2.88
CA LYS B 555 -12.04 -11.44 4.18
C LYS B 555 -10.98 -12.39 4.76
N THR B 556 -10.75 -12.31 6.07
CA THR B 556 -9.72 -13.12 6.70
C THR B 556 -10.03 -13.32 8.18
N ALA B 557 -9.70 -14.50 8.69
CA ALA B 557 -9.91 -14.82 10.11
C ALA B 557 -11.35 -14.56 10.52
N THR B 558 -12.27 -15.05 9.68
CA THR B 558 -13.69 -14.70 9.78
C THR B 558 -14.48 -15.60 10.72
N ARG B 559 -14.03 -16.83 10.96
CA ARG B 559 -14.89 -17.73 11.72
C ARG B 559 -14.85 -17.42 13.21
N VAL B 560 -13.65 -17.18 13.76
CA VAL B 560 -13.47 -17.01 15.20
C VAL B 560 -12.92 -15.62 15.54
N ILE B 561 -11.83 -15.21 14.90
CA ILE B 561 -11.05 -14.09 15.42
C ILE B 561 -11.78 -12.76 15.20
N LYS B 562 -12.22 -12.48 13.97
CA LYS B 562 -12.91 -11.21 13.71
C LYS B 562 -14.17 -11.07 14.55
N PRO B 563 -15.02 -12.09 14.71
CA PRO B 563 -16.17 -11.95 15.63
C PRO B 563 -15.79 -11.69 17.07
N LEU B 564 -14.72 -12.34 17.56
CA LEU B 564 -14.24 -12.08 18.92
C LEU B 564 -13.86 -10.61 19.09
N ILE B 565 -13.08 -10.09 18.15
CA ILE B 565 -12.63 -8.70 18.26
C ILE B 565 -13.83 -7.75 18.22
N ASP B 566 -14.74 -7.97 17.26
CA ASP B 566 -15.86 -7.07 17.09
C ASP B 566 -16.76 -7.05 18.34
N ARG B 567 -17.08 -8.23 18.88
CA ARG B 567 -17.96 -8.31 20.04
C ARG B 567 -17.28 -7.73 21.28
N THR B 568 -16.00 -8.01 21.46
CA THR B 568 -15.25 -7.45 22.58
C THR B 568 -15.24 -5.92 22.52
N PHE B 569 -15.03 -5.37 21.32
CA PHE B 569 -15.03 -3.93 21.11
C PHE B 569 -16.39 -3.32 21.44
N ALA B 570 -17.45 -3.87 20.84
CA ALA B 570 -18.79 -3.38 21.11
C ALA B 570 -19.11 -3.38 22.62
N THR B 571 -18.72 -4.47 23.31
CA THR B 571 -19.01 -4.59 24.73
C THR B 571 -18.25 -3.55 25.55
N VAL B 572 -16.94 -3.41 25.30
CA VAL B 572 -16.16 -2.52 26.14
C VAL B 572 -16.55 -1.07 25.91
N VAL B 573 -16.94 -0.73 24.67
CA VAL B 573 -17.45 0.61 24.36
C VAL B 573 -18.75 0.86 25.09
N LYS B 574 -19.62 -0.16 25.16
CA LYS B 574 -20.87 -0.01 25.92
C LYS B 574 -20.58 0.26 27.39
N PHE B 575 -19.69 -0.54 27.99
CA PHE B 575 -19.35 -0.32 29.39
C PHE B 575 -18.79 1.08 29.61
N PHE B 576 -17.90 1.52 28.71
CA PHE B 576 -17.34 2.86 28.83
C PHE B 576 -18.42 3.93 28.77
N ASN B 577 -19.36 3.81 27.82
CA ASN B 577 -20.43 4.79 27.68
C ASN B 577 -21.27 4.89 28.96
N GLN B 578 -21.52 3.75 29.59
CA GLN B 578 -22.23 3.76 30.88
C GLN B 578 -21.40 4.46 31.95
N LYS B 579 -20.12 4.08 32.06
CA LYS B 579 -19.27 4.58 33.15
C LYS B 579 -19.12 6.10 33.08
N PHE B 580 -18.71 6.62 31.92
CA PHE B 580 -18.41 8.03 31.78
C PHE B 580 -19.53 8.83 31.14
N ASN B 581 -20.72 8.22 30.98
CA ASN B 581 -21.86 8.91 30.38
C ASN B 581 -21.51 9.45 28.99
N ALA B 582 -20.73 8.67 28.25
CA ALA B 582 -20.20 9.06 26.95
C ALA B 582 -21.07 8.48 25.83
N HIS B 583 -20.70 8.82 24.60
CA HIS B 583 -21.51 8.47 23.44
C HIS B 583 -20.61 7.96 22.32
N LEU B 584 -19.64 7.12 22.68
CA LEU B 584 -18.75 6.54 21.68
C LEU B 584 -19.52 5.60 20.76
N ASP B 585 -19.02 5.47 19.54
CA ASP B 585 -19.66 4.69 18.51
C ASP B 585 -19.18 3.25 18.62
N ALA B 586 -20.10 2.32 18.90
CA ALA B 586 -19.77 0.91 19.07
C ALA B 586 -19.85 0.12 17.78
N THR B 587 -20.16 0.76 16.66
CA THR B 587 -20.19 0.08 15.37
C THR B 587 -18.83 -0.55 15.07
N THR B 588 -18.85 -1.71 14.43
CA THR B 588 -17.60 -2.36 14.05
C THR B 588 -17.30 -2.30 12.55
N ASP B 589 -18.30 -2.10 11.71
CA ASP B 589 -18.08 -1.94 10.28
C ASP B 589 -18.07 -0.44 9.94
N TYR B 590 -16.94 0.05 9.46
CA TYR B 590 -16.84 1.47 9.10
C TYR B 590 -17.78 1.79 7.95
N MET B 591 -18.33 3.01 8.00
CA MET B 591 -19.23 3.51 6.97
C MET B 591 -18.94 4.98 6.68
N PRO B 592 -18.37 5.33 5.52
CA PRO B 592 -18.00 6.74 5.28
C PRO B 592 -19.20 7.64 5.08
N HIS B 593 -20.29 7.12 4.56
CA HIS B 593 -21.52 7.88 4.40
C HIS B 593 -22.28 7.85 5.72
N LYS B 594 -23.36 8.63 5.81
CA LYS B 594 -24.21 8.54 6.98
C LYS B 594 -25.65 8.79 6.58
N MET B 595 -26.55 8.42 7.49
CA MET B 595 -27.99 8.53 7.27
C MET B 595 -28.66 8.96 8.56
N ILE B 596 -29.74 9.73 8.42
CA ILE B 596 -30.56 10.17 9.54
C ILE B 596 -32.02 10.15 9.10
N SER B 597 -32.89 9.77 10.02
CA SER B 597 -34.32 9.73 9.74
C SER B 597 -35.08 10.00 11.04
N ASN B 598 -36.12 10.83 10.94
CA ASN B 598 -37.05 10.99 12.06
C ASN B 598 -37.79 9.69 12.36
N VAL B 599 -37.79 8.75 11.41
CA VAL B 599 -38.57 7.52 11.50
C VAL B 599 -37.83 6.52 12.38
N GLU B 600 -38.55 5.90 13.32
CA GLU B 600 -37.92 5.01 14.29
C GLU B 600 -37.47 3.70 13.66
N GLN B 601 -38.28 3.14 12.75
CA GLN B 601 -37.99 1.80 12.24
C GLN B 601 -36.80 1.79 11.28
N ILE B 602 -36.53 2.91 10.60
CA ILE B 602 -35.41 3.01 9.68
C ILE B 602 -34.19 3.69 10.32
N LYS B 603 -34.37 4.41 11.43
CA LYS B 603 -33.34 5.32 11.95
C LYS B 603 -32.00 4.63 12.11
N ASN B 604 -31.97 3.50 12.82
CA ASN B 604 -30.73 2.90 13.28
C ASN B 604 -30.24 1.77 12.39
N LEU B 605 -30.81 1.61 11.20
CA LEU B 605 -30.31 0.61 10.29
C LEU B 605 -28.97 1.07 9.71
N PRO B 606 -27.97 0.18 9.64
CA PRO B 606 -26.68 0.57 9.07
C PRO B 606 -26.70 0.58 7.55
N LEU B 607 -26.04 1.58 6.97
CA LEU B 607 -25.82 1.58 5.53
C LEU B 607 -24.77 0.52 5.16
N GLN B 608 -24.73 0.19 3.86
CA GLN B 608 -23.75 -0.74 3.32
C GLN B 608 -23.25 -0.22 1.98
N VAL B 609 -21.93 -0.34 1.76
CA VAL B 609 -21.31 0.00 0.48
C VAL B 609 -20.88 -1.30 -0.18
N LYS B 610 -21.41 -1.57 -1.38
CA LYS B 610 -21.09 -2.76 -2.15
C LYS B 610 -20.84 -2.32 -3.58
N ALA B 611 -19.58 -2.37 -4.00
CA ALA B 611 -19.16 -1.90 -5.32
C ALA B 611 -19.61 -0.45 -5.44
N ASN B 612 -20.42 -0.09 -6.43
CA ASN B 612 -20.86 1.29 -6.62
C ASN B 612 -22.28 1.52 -6.10
N ARG B 613 -22.73 0.71 -5.14
CA ARG B 613 -24.08 0.79 -4.59
C ARG B 613 -24.02 1.11 -3.11
N VAL B 614 -24.83 2.08 -2.68
CA VAL B 614 -25.02 2.45 -1.29
C VAL B 614 -26.47 2.15 -0.93
N LEU B 615 -26.68 1.39 0.14
CA LEU B 615 -28.00 0.88 0.42
C LEU B 615 -28.23 0.87 1.93
N ILE B 616 -29.51 0.80 2.30
CA ILE B 616 -29.93 0.64 3.68
C ILE B 616 -30.20 -0.85 3.92
N SER B 617 -29.75 -1.34 5.08
CA SER B 617 -29.97 -2.73 5.45
C SER B 617 -31.47 -3.01 5.54
N PRO B 618 -32.00 -3.98 4.77
CA PRO B 618 -33.42 -4.33 4.90
C PRO B 618 -33.79 -4.84 6.29
N VAL B 631 -36.23 10.23 5.66
CA VAL B 631 -34.92 9.59 5.60
C VAL B 631 -34.00 10.30 4.62
N GLU B 632 -32.78 10.59 5.07
CA GLU B 632 -31.79 11.28 4.24
C GLU B 632 -30.44 10.58 4.34
N ILE B 633 -29.79 10.41 3.19
CA ILE B 633 -28.45 9.85 3.09
C ILE B 633 -27.51 10.97 2.68
N GLU B 634 -26.35 11.04 3.34
CA GLU B 634 -25.31 12.01 3.02
C GLU B 634 -24.04 11.24 2.68
N LEU B 635 -23.79 11.09 1.37
CA LEU B 635 -22.53 10.54 0.90
C LEU B 635 -21.36 11.43 1.32
N ASP B 636 -20.19 10.82 1.42
CA ASP B 636 -19.00 11.58 1.81
C ASP B 636 -18.47 12.48 0.71
N ALA B 637 -19.10 12.52 -0.46
CA ALA B 637 -18.67 13.36 -1.57
C ALA B 637 -19.79 13.40 -2.61
N ILE B 638 -19.59 14.20 -3.66
CA ILE B 638 -20.49 14.25 -4.80
C ILE B 638 -20.08 13.18 -5.80
N TYR B 639 -21.07 12.41 -6.27
CA TYR B 639 -20.86 11.35 -7.25
C TYR B 639 -21.91 11.46 -8.34
N PRO B 640 -21.56 11.19 -9.59
CA PRO B 640 -22.61 11.01 -10.60
C PRO B 640 -23.48 9.81 -10.25
N GLY B 641 -24.78 10.02 -10.23
CA GLY B 641 -25.73 8.98 -9.83
C GLY B 641 -26.26 8.23 -11.04
N GLU B 642 -26.41 6.91 -10.88
CA GLU B 642 -26.90 6.04 -11.94
C GLU B 642 -28.41 5.80 -11.80
N ASN B 643 -28.84 5.19 -10.71
CA ASN B 643 -30.28 4.96 -10.48
C ASN B 643 -30.55 4.81 -8.99
N ILE B 644 -31.83 4.72 -8.66
CA ILE B 644 -32.30 4.43 -7.30
C ILE B 644 -33.36 3.35 -7.40
N GLN B 645 -33.31 2.40 -6.46
CA GLN B 645 -34.31 1.35 -6.36
C GLN B 645 -34.83 1.32 -4.93
N ILE B 646 -36.17 1.24 -4.79
CA ILE B 646 -36.83 1.31 -3.49
C ILE B 646 -37.98 0.31 -3.46
N ASN B 647 -38.28 -0.19 -2.26
CA ASN B 647 -39.40 -1.11 -2.07
C ASN B 647 -39.79 -1.20 -0.58
N GLY B 657 -45.03 10.31 -1.47
CA GLY B 657 -44.06 9.60 -2.30
C GLY B 657 -43.11 10.55 -3.01
N ARG B 658 -42.33 11.32 -2.25
CA ARG B 658 -41.46 12.35 -2.79
C ARG B 658 -40.00 11.96 -2.57
N LEU B 659 -39.28 11.73 -3.66
CA LEU B 659 -37.84 11.45 -3.63
C LEU B 659 -37.11 12.66 -4.17
N GLU B 660 -36.05 13.07 -3.47
CA GLU B 660 -35.32 14.28 -3.80
C GLU B 660 -33.82 14.02 -3.80
N ILE B 661 -33.09 14.85 -4.54
CA ILE B 661 -31.66 14.72 -4.73
C ILE B 661 -31.04 16.10 -4.62
N SER B 662 -29.76 16.15 -4.24
CA SER B 662 -29.11 17.43 -4.04
C SER B 662 -27.60 17.22 -3.92
N THR B 663 -26.84 18.26 -4.30
CA THR B 663 -25.41 18.32 -4.07
C THR B 663 -25.05 19.03 -2.77
N ASP B 664 -25.91 19.93 -2.29
CA ASP B 664 -25.84 20.46 -0.94
C ASP B 664 -27.08 19.99 -0.17
N GLY B 665 -27.20 20.45 1.07
CA GLY B 665 -28.38 20.18 1.87
C GLY B 665 -29.50 21.19 1.73
N LYS B 666 -29.40 22.09 0.74
CA LYS B 666 -30.29 23.24 0.63
C LYS B 666 -31.14 23.18 -0.64
N GLU B 667 -30.51 23.13 -1.81
CA GLU B 667 -31.21 23.10 -3.09
C GLU B 667 -31.53 21.66 -3.46
N TRP B 668 -32.82 21.35 -3.58
CA TRP B 668 -33.29 20.00 -3.87
C TRP B 668 -33.97 19.95 -5.23
N LYS B 669 -33.80 18.81 -5.92
CA LYS B 669 -34.46 18.51 -7.18
C LYS B 669 -35.20 17.19 -7.04
N THR B 670 -36.40 17.11 -7.63
CA THR B 670 -37.27 15.95 -7.46
C THR B 670 -37.09 14.97 -8.60
N VAL B 671 -36.94 13.69 -8.25
CA VAL B 671 -36.86 12.59 -9.21
C VAL B 671 -38.20 11.86 -9.20
N ASP B 672 -38.77 11.67 -10.38
CA ASP B 672 -40.05 10.98 -10.51
C ASP B 672 -39.79 9.49 -10.70
N LEU B 673 -40.37 8.68 -9.82
CA LEU B 673 -40.08 7.24 -9.76
C LEU B 673 -41.08 6.48 -10.63
N LYS B 674 -40.59 5.85 -11.70
CA LYS B 674 -41.39 4.87 -12.41
C LYS B 674 -41.54 3.62 -11.56
N GLN B 675 -42.73 3.04 -11.58
CA GLN B 675 -43.09 1.92 -10.71
C GLN B 675 -43.70 0.80 -11.53
N LYS B 676 -43.30 -0.44 -11.23
CA LYS B 676 -43.79 -1.63 -11.89
C LYS B 676 -44.76 -2.40 -10.99
N GLU B 677 -44.30 -2.81 -9.80
CA GLU B 677 -45.17 -3.45 -8.81
C GLU B 677 -44.82 -2.88 -7.44
N SER B 678 -44.30 -3.71 -6.53
CA SER B 678 -43.73 -3.16 -5.30
C SER B 678 -42.34 -2.59 -5.52
N ARG B 679 -41.76 -2.78 -6.71
CA ARG B 679 -40.44 -2.27 -7.04
C ARG B 679 -40.54 -0.86 -7.62
N LEU B 680 -39.88 0.09 -6.96
CA LEU B 680 -39.77 1.47 -7.46
C LEU B 680 -38.39 1.65 -8.10
N SER B 681 -38.35 2.38 -9.21
CA SER B 681 -37.14 2.53 -10.01
C SER B 681 -37.04 3.94 -10.56
N ALA B 682 -35.80 4.36 -10.83
CA ALA B 682 -35.55 5.61 -11.53
C ALA B 682 -34.09 5.77 -11.92
N GLY B 683 -33.84 6.13 -13.18
CA GLY B 683 -32.49 6.44 -13.63
C GLY B 683 -32.16 7.90 -13.38
N LEU B 684 -30.95 8.13 -12.86
CA LEU B 684 -30.49 9.47 -12.53
C LEU B 684 -29.60 10.07 -13.61
N GLN B 685 -29.52 9.42 -14.78
CA GLN B 685 -28.57 9.80 -15.83
C GLN B 685 -27.15 9.69 -15.27
N LYS B 686 -26.45 10.82 -15.14
CA LYS B 686 -25.21 10.91 -14.40
C LYS B 686 -25.23 12.16 -13.52
N ALA B 687 -26.40 12.50 -12.98
CA ALA B 687 -26.56 13.77 -12.28
C ALA B 687 -25.77 13.76 -10.97
N PRO B 688 -25.24 14.91 -10.55
CA PRO B 688 -24.48 14.94 -9.30
C PRO B 688 -25.36 14.67 -8.08
N VAL B 689 -24.84 13.85 -7.16
CA VAL B 689 -25.56 13.43 -5.95
C VAL B 689 -24.60 13.41 -4.78
N LYS B 690 -24.95 14.12 -3.70
CA LYS B 690 -24.29 13.98 -2.41
C LYS B 690 -25.36 13.68 -1.35
N PHE B 691 -26.55 14.23 -1.54
CA PHE B 691 -27.68 14.02 -0.64
C PHE B 691 -28.82 13.35 -1.39
N VAL B 692 -29.41 12.34 -0.75
CA VAL B 692 -30.60 11.66 -1.24
C VAL B 692 -31.59 11.64 -0.08
N ARG B 693 -32.80 12.16 -0.30
CA ARG B 693 -33.81 12.26 0.74
C ARG B 693 -35.14 11.76 0.22
N PHE B 694 -35.87 11.04 1.08
CA PHE B 694 -37.18 10.51 0.77
C PHE B 694 -38.11 10.87 1.91
N THR B 695 -39.19 11.58 1.60
CA THR B 695 -40.10 12.12 2.61
C THR B 695 -41.53 12.04 2.09
N ASN B 696 -42.42 11.47 2.91
CA ASN B 696 -43.83 11.34 2.54
C ASN B 696 -44.75 11.91 3.61
N LEU B 706 -39.00 -2.52 5.37
CA LEU B 706 -38.27 -1.98 4.23
C LEU B 706 -37.47 -3.07 3.53
N ARG B 707 -37.79 -3.31 2.27
CA ARG B 707 -37.18 -4.40 1.50
C ARG B 707 -35.93 -3.96 0.76
N GLN B 708 -35.91 -2.73 0.24
CA GLN B 708 -34.85 -2.31 -0.66
C GLN B 708 -34.78 -0.79 -0.70
N PHE B 709 -33.55 -0.26 -0.65
CA PHE B 709 -33.33 1.18 -0.78
C PHE B 709 -31.86 1.35 -1.19
N VAL B 710 -31.62 1.37 -2.51
CA VAL B 710 -30.27 1.26 -3.08
C VAL B 710 -30.02 2.43 -4.03
N LEU B 711 -28.99 3.22 -3.72
CA LEU B 711 -28.44 4.22 -4.64
C LEU B 711 -27.24 3.63 -5.35
N THR B 712 -27.25 3.69 -6.68
CA THR B 712 -26.10 3.30 -7.48
C THR B 712 -25.44 4.55 -8.08
N ILE B 713 -24.12 4.57 -8.09
CA ILE B 713 -23.34 5.73 -8.53
C ILE B 713 -22.27 5.27 -9.50
N GLU B 714 -21.53 6.24 -10.04
CA GLU B 714 -20.47 6.00 -11.00
C GLU B 714 -19.14 5.76 -10.29
N LYS B 715 -18.37 4.79 -10.79
CA LYS B 715 -17.09 4.39 -10.20
C LYS B 715 -16.18 5.58 -9.92
C1 EDO C . 9.39 15.69 -3.16
O1 EDO C . 10.51 14.96 -3.66
C2 EDO C . 9.82 16.56 -1.98
O2 EDO C . 10.02 15.76 -0.80
H11 EDO C . 10.75 17.08 -2.23
H12 EDO C . 9.06 17.31 -1.78
HO1 EDO C . 10.29 16.33 -0.07
H21 EDO C . 8.61 14.98 -2.82
H22 EDO C . 8.97 16.30 -3.94
HO2 EDO C . 10.23 14.40 -4.40
C1 EDO D . 19.10 19.14 -6.26
O1 EDO D . 18.52 18.61 -5.04
C2 EDO D . 18.07 19.69 -7.25
O2 EDO D . 17.08 20.47 -6.58
H11 EDO D . 17.58 18.85 -7.76
H12 EDO D . 18.56 20.29 -8.00
HO1 EDO D . 16.44 20.79 -7.23
H21 EDO D . 19.67 18.35 -6.75
H22 EDO D . 19.79 19.94 -6.00
HO2 EDO D . 19.23 18.28 -4.46
O1 71I E . 17.65 24.94 -2.32
C1 71I E . 16.98 26.03 -1.63
C2 71I E . 17.01 27.25 -2.54
O2 71I E . 18.36 27.57 -2.85
C3 71I E . 16.29 26.96 -3.84
O3 71I E . 14.96 26.47 -3.64
C4 71I E . 16.24 28.25 -4.61
O4 71I E . 15.54 28.05 -5.84
C5 71I E . 17.64 28.74 -4.89
C6 71I E . 18.51 28.76 -3.63
N1 71I E . 17.50 30.15 -5.25
C7 71I E . 17.59 30.98 -4.28
S1 71I E . 18.05 30.29 -2.81
N2 71I E . 17.34 32.27 -4.48
C8 71I E . 17.42 33.30 -3.50
C9 71I E . 16.94 34.56 -4.18
C10 71I E . 16.61 35.64 -3.17
C11 71I E . 17.86 36.31 -2.71
H1 71I E . 14.45 27.13 -3.14
H2 71I E . 16.88 26.22 -4.41
H4 71I E . 16.51 28.09 -2.04
H5 71I E . 17.50 26.26 -0.70
H6 71I E . 17.65 24.16 -1.75
H7 71I E . 18.12 28.15 -5.69
H9 71I E . 15.72 29.01 -4.00
H12 71I E . 16.04 34.34 -4.78
H13 71I E . 17.69 34.93 -4.87
H14 71I E . 16.10 35.20 -2.31
H15 71I E . 15.93 36.38 -3.60
H16 71I E . 18.35 36.74 -3.54
H17 71I E . 17.64 37.05 -1.99
H32 71I E . 15.95 25.76 -1.40
HO2 71I E . 15.50 28.89 -6.32
H 71I E . 19.56 28.84 -3.96
HN1 71I E . 17.07 32.55 -5.41
H71 71I E . 16.79 33.06 -2.63
H72 71I E . 18.45 33.43 -3.16
H101 71I E . 18.51 35.59 -2.27
CA CA F . 14.06 -50.28 -18.51
C1 EDO G . -9.49 -14.98 -6.19
O1 EDO G . -10.20 -15.27 -4.97
C2 EDO G . -10.41 -14.46 -7.28
O2 EDO G . -10.94 -13.18 -6.91
H11 EDO G . -9.86 -14.37 -8.21
H12 EDO G . -11.23 -15.16 -7.43
HO1 EDO G . -11.53 -12.87 -7.61
H21 EDO G . -8.72 -14.23 -5.98
H22 EDO G . -8.99 -15.89 -6.54
HO2 EDO G . -9.57 -15.60 -4.31
C1 EDO H . -13.45 -47.20 -16.54
O1 EDO H . -12.69 -48.35 -16.97
C2 EDO H . -13.94 -47.42 -15.11
O2 EDO H . -12.80 -47.45 -14.25
H11 EDO H . -14.61 -46.60 -14.82
H12 EDO H . -14.49 -48.36 -15.05
HO1 EDO H . -13.10 -47.59 -13.33
H21 EDO H . -12.83 -46.31 -16.58
H22 EDO H . -14.30 -47.06 -17.20
HO2 EDO H . -12.38 -48.20 -17.87
O1 71I I . -17.95 -23.74 -7.97
C1 71I I . -17.12 -24.91 -7.86
C2 71I I . -17.28 -25.75 -9.12
O2 71I I . -18.66 -26.05 -9.29
C3 71I I . -16.81 -24.99 -10.36
O3 71I I . -15.47 -24.56 -10.23
C4 71I I . -16.89 -25.94 -11.53
O4 71I I . -16.37 -25.33 -12.71
C5 71I I . -18.33 -26.38 -11.70
C6 71I I . -18.96 -26.89 -10.40
N1 71I I . -18.32 -27.56 -12.55
C7 71I I . -18.24 -28.68 -11.94
S1 71I I . -18.33 -28.57 -10.28
N2 71I I . -18.11 -29.83 -12.58
C8 71I I . -17.93 -31.07 -11.89
C9 71I I . -17.39 -32.13 -12.85
C10 71I I . -18.47 -33.11 -13.22
C11 71I I . -18.26 -34.33 -12.37
H1 71I I . -14.89 -25.32 -10.07
H2 71I I . -17.47 -24.15 -10.54
H4 71I I . -16.70 -26.67 -9.02
H5 71I I . -16.07 -24.61 -7.76
H6 71I I . -17.85 -23.20 -7.17
H7 71I I . -18.94 -25.57 -12.13
H9 71I I . -16.29 -26.83 -11.28
H12 71I I . -16.56 -32.65 -12.38
H13 71I I . -17.02 -31.64 -13.75
H14 71I I . -19.45 -32.68 -13.02
H15 71I I . -18.40 -33.36 -14.28
H16 71I I . -19.00 -35.06 -12.61
H17 71I I . -17.31 -34.75 -12.57
H32 71I I . -17.40 -25.50 -6.99
HO2 71I I . -16.41 -25.96 -13.45
H 71I I . -20.04 -26.93 -10.54
HN1 71I I . -18.08 -29.84 -13.59
H71 71I I . -17.24 -30.93 -11.07
H72 71I I . -18.89 -31.41 -11.48
H101 71I I . -18.33 -34.08 -11.35
#